data_2RNA
# 
_entry.id   2RNA 
# 
_audit_conform.dict_name       mmcif_pdbx.dic 
_audit_conform.dict_version    5.392 
_audit_conform.dict_location   http://mmcif.pdb.org/dictionaries/ascii/mmcif_pdbx.dic 
# 
loop_
_database_2.database_id 
_database_2.database_code 
_database_2.pdbx_database_accession 
_database_2.pdbx_DOI 
PDB   2RNA         pdb_00002rna 10.2210/pdb2rna/pdb 
RCSB  RCSB150058   ?            ?                   
WWPDB D_1000150058 ?            ?                   
# 
loop_
_pdbx_audit_revision_history.ordinal 
_pdbx_audit_revision_history.data_content_type 
_pdbx_audit_revision_history.major_revision 
_pdbx_audit_revision_history.minor_revision 
_pdbx_audit_revision_history.revision_date 
1 'Structure model' 1 0 2007-12-25 
2 'Structure model' 1 1 2011-07-13 
3 'Structure model' 1 2 2022-03-16 
4 'Structure model' 1 3 2024-05-29 
# 
_pdbx_audit_revision_details.ordinal             1 
_pdbx_audit_revision_details.revision_ordinal    1 
_pdbx_audit_revision_details.data_content_type   'Structure model' 
_pdbx_audit_revision_details.provider            repository 
_pdbx_audit_revision_details.type                'Initial release' 
_pdbx_audit_revision_details.description         ? 
_pdbx_audit_revision_details.details             ? 
# 
loop_
_pdbx_audit_revision_group.ordinal 
_pdbx_audit_revision_group.revision_ordinal 
_pdbx_audit_revision_group.data_content_type 
_pdbx_audit_revision_group.group 
1 2 'Structure model' 'Version format compliance' 
2 3 'Structure model' 'Database references'       
3 3 'Structure model' 'Derived calculations'      
4 4 'Structure model' 'Data collection'           
# 
loop_
_pdbx_audit_revision_category.ordinal 
_pdbx_audit_revision_category.revision_ordinal 
_pdbx_audit_revision_category.data_content_type 
_pdbx_audit_revision_category.category 
1 3 'Structure model' database_2            
2 3 'Structure model' pdbx_struct_assembly  
3 3 'Structure model' pdbx_struct_oper_list 
4 3 'Structure model' struct_ref_seq_dif    
5 4 'Structure model' chem_comp_atom        
6 4 'Structure model' chem_comp_bond        
# 
loop_
_pdbx_audit_revision_item.ordinal 
_pdbx_audit_revision_item.revision_ordinal 
_pdbx_audit_revision_item.data_content_type 
_pdbx_audit_revision_item.item 
1 3 'Structure model' '_database_2.pdbx_DOI'                
2 3 'Structure model' '_database_2.pdbx_database_accession' 
3 3 'Structure model' '_struct_ref_seq_dif.details'         
# 
_pdbx_database_status.deposit_site                    BMRB 
_pdbx_database_status.entry_id                        2RNA 
_pdbx_database_status.process_site                    PDBJ 
_pdbx_database_status.recvd_initial_deposition_date   2007-12-08 
_pdbx_database_status.SG_entry                        ? 
_pdbx_database_status.status_code                     REL 
_pdbx_database_status.status_code_mr                  ? 
_pdbx_database_status.status_code_sf                  ? 
_pdbx_database_status.pdb_format_compatible           Y 
_pdbx_database_status.status_code_cs                  ? 
_pdbx_database_status.status_code_nmr_data            ? 
_pdbx_database_status.methods_development_category    ? 
# 
_pdbx_database_related.db_name        PDB 
_pdbx_database_related.db_id          2RN8 
_pdbx_database_related.details        '20 model ensemble structure' 
_pdbx_database_related.content_type   unspecified 
# 
_audit_author.name           'Severin, A.J.' 
_audit_author.pdbx_ordinal   1 
# 
_citation.id                        primary 
_citation.title                     'NMR structure note: murine Itk SH3 domain' 
_citation.journal_abbrev            'To be Published' 
_citation.journal_volume            ? 
_citation.page_first                ? 
_citation.page_last                 ? 
_citation.year                      ? 
_citation.journal_id_ASTM           ? 
_citation.country                   ? 
_citation.journal_id_ISSN           ? 
_citation.journal_id_CSD            0353 
_citation.book_publisher            ? 
_citation.pdbx_database_id_PubMed   ? 
_citation.pdbx_database_id_DOI      ? 
# 
loop_
_citation_author.citation_id 
_citation_author.name 
_citation_author.ordinal 
_citation_author.identifier_ORCID 
primary 'Severin, A.J.'   1 ? 
primary 'Fulton, D.B.'    2 ? 
primary 'Andreotti, A.H.' 3 ? 
# 
_entity.id                         1 
_entity.type                       polymer 
_entity.src_method                 man 
_entity.pdbx_description           'Tyrosine-protein kinase ITK/TSK' 
_entity.formula_weight             7470.039 
_entity.pdbx_number_of_molecules   1 
_entity.pdbx_ec                    2.7.10.2 
_entity.pdbx_mutation              ? 
_entity.pdbx_fragment              'SH3 domain' 
_entity.details                    ? 
# 
_entity_name_com.entity_id   1 
_entity_name_com.name        'T-cell-specific kinase, IL-2-inducible T-cell kinase, Kinase EMT, Kinase TLK' 
# 
_entity_poly.entity_id                      1 
_entity_poly.type                           'polypeptide(L)' 
_entity_poly.nstd_linkage                   no 
_entity_poly.nstd_monomer                   no 
_entity_poly.pdbx_seq_one_letter_code       GSPEETLVIALYDYQTNDPQELALRCDEEYYLLDSSEIHWWRVQDKNGHEGYAPSSYLVEKSPN 
_entity_poly.pdbx_seq_one_letter_code_can   GSPEETLVIALYDYQTNDPQELALRCDEEYYLLDSSEIHWWRVQDKNGHEGYAPSSYLVEKSPN 
_entity_poly.pdbx_strand_id                 A 
_entity_poly.pdbx_target_identifier         ? 
# 
loop_
_entity_poly_seq.entity_id 
_entity_poly_seq.num 
_entity_poly_seq.mon_id 
_entity_poly_seq.hetero 
1 1  GLY n 
1 2  SER n 
1 3  PRO n 
1 4  GLU n 
1 5  GLU n 
1 6  THR n 
1 7  LEU n 
1 8  VAL n 
1 9  ILE n 
1 10 ALA n 
1 11 LEU n 
1 12 TYR n 
1 13 ASP n 
1 14 TYR n 
1 15 GLN n 
1 16 THR n 
1 17 ASN n 
1 18 ASP n 
1 19 PRO n 
1 20 GLN n 
1 21 GLU n 
1 22 LEU n 
1 23 ALA n 
1 24 LEU n 
1 25 ARG n 
1 26 CYS n 
1 27 ASP n 
1 28 GLU n 
1 29 GLU n 
1 30 TYR n 
1 31 TYR n 
1 32 LEU n 
1 33 LEU n 
1 34 ASP n 
1 35 SER n 
1 36 SER n 
1 37 GLU n 
1 38 ILE n 
1 39 HIS n 
1 40 TRP n 
1 41 TRP n 
1 42 ARG n 
1 43 VAL n 
1 44 GLN n 
1 45 ASP n 
1 46 LYS n 
1 47 ASN n 
1 48 GLY n 
1 49 HIS n 
1 50 GLU n 
1 51 GLY n 
1 52 TYR n 
1 53 ALA n 
1 54 PRO n 
1 55 SER n 
1 56 SER n 
1 57 TYR n 
1 58 LEU n 
1 59 VAL n 
1 60 GLU n 
1 61 LYS n 
1 62 SER n 
1 63 PRO n 
1 64 ASN n 
# 
_entity_src_gen.entity_id                          1 
_entity_src_gen.pdbx_src_id                        1 
_entity_src_gen.pdbx_alt_source_flag               sample 
_entity_src_gen.pdbx_seq_type                      ? 
_entity_src_gen.pdbx_beg_seq_num                   ? 
_entity_src_gen.pdbx_end_seq_num                   ? 
_entity_src_gen.gene_src_common_name               'house mouse' 
_entity_src_gen.gene_src_genus                     Mus 
_entity_src_gen.pdbx_gene_src_gene                 'Itk, Emt, Tlk, Tsk' 
_entity_src_gen.gene_src_species                   ? 
_entity_src_gen.gene_src_strain                    ? 
_entity_src_gen.gene_src_tissue                    ? 
_entity_src_gen.gene_src_tissue_fraction           ? 
_entity_src_gen.gene_src_details                   ? 
_entity_src_gen.pdbx_gene_src_fragment             ? 
_entity_src_gen.pdbx_gene_src_scientific_name      'Mus musculus' 
_entity_src_gen.pdbx_gene_src_ncbi_taxonomy_id     10090 
_entity_src_gen.pdbx_gene_src_variant              ? 
_entity_src_gen.pdbx_gene_src_cell_line            ? 
_entity_src_gen.pdbx_gene_src_atcc                 ? 
_entity_src_gen.pdbx_gene_src_organ                ? 
_entity_src_gen.pdbx_gene_src_organelle            ? 
_entity_src_gen.pdbx_gene_src_cell                 ? 
_entity_src_gen.pdbx_gene_src_cellular_location    ? 
_entity_src_gen.host_org_common_name               ? 
_entity_src_gen.pdbx_host_org_scientific_name      'Escherichia coli BL21(DE3)' 
_entity_src_gen.pdbx_host_org_ncbi_taxonomy_id     469008 
_entity_src_gen.host_org_genus                     Escherichia 
_entity_src_gen.pdbx_host_org_gene                 ? 
_entity_src_gen.pdbx_host_org_organ                ? 
_entity_src_gen.host_org_species                   'Escherichia coli' 
_entity_src_gen.pdbx_host_org_tissue               ? 
_entity_src_gen.pdbx_host_org_tissue_fraction      ? 
_entity_src_gen.pdbx_host_org_strain               'BL21(DE3)' 
_entity_src_gen.pdbx_host_org_variant              ? 
_entity_src_gen.pdbx_host_org_cell_line            ? 
_entity_src_gen.pdbx_host_org_atcc                 ? 
_entity_src_gen.pdbx_host_org_culture_collection   ? 
_entity_src_gen.pdbx_host_org_cell                 ? 
_entity_src_gen.pdbx_host_org_organelle            ? 
_entity_src_gen.pdbx_host_org_cellular_location    ? 
_entity_src_gen.pdbx_host_org_vector_type          plasmid 
_entity_src_gen.pdbx_host_org_vector               ? 
_entity_src_gen.host_org_details                   ? 
_entity_src_gen.expression_system_id               ? 
_entity_src_gen.plasmid_name                       pgex2T 
_entity_src_gen.plasmid_details                    ? 
_entity_src_gen.pdbx_description                   ? 
# 
loop_
_chem_comp.id 
_chem_comp.type 
_chem_comp.mon_nstd_flag 
_chem_comp.name 
_chem_comp.pdbx_synonyms 
_chem_comp.formula 
_chem_comp.formula_weight 
ALA 'L-peptide linking' y ALANINE         ? 'C3 H7 N O2'     89.093  
ARG 'L-peptide linking' y ARGININE        ? 'C6 H15 N4 O2 1' 175.209 
ASN 'L-peptide linking' y ASPARAGINE      ? 'C4 H8 N2 O3'    132.118 
ASP 'L-peptide linking' y 'ASPARTIC ACID' ? 'C4 H7 N O4'     133.103 
CYS 'L-peptide linking' y CYSTEINE        ? 'C3 H7 N O2 S'   121.158 
GLN 'L-peptide linking' y GLUTAMINE       ? 'C5 H10 N2 O3'   146.144 
GLU 'L-peptide linking' y 'GLUTAMIC ACID' ? 'C5 H9 N O4'     147.129 
GLY 'peptide linking'   y GLYCINE         ? 'C2 H5 N O2'     75.067  
HIS 'L-peptide linking' y HISTIDINE       ? 'C6 H10 N3 O2 1' 156.162 
ILE 'L-peptide linking' y ISOLEUCINE      ? 'C6 H13 N O2'    131.173 
LEU 'L-peptide linking' y LEUCINE         ? 'C6 H13 N O2'    131.173 
LYS 'L-peptide linking' y LYSINE          ? 'C6 H15 N2 O2 1' 147.195 
PRO 'L-peptide linking' y PROLINE         ? 'C5 H9 N O2'     115.130 
SER 'L-peptide linking' y SERINE          ? 'C3 H7 N O3'     105.093 
THR 'L-peptide linking' y THREONINE       ? 'C4 H9 N O3'     119.119 
TRP 'L-peptide linking' y TRYPTOPHAN      ? 'C11 H12 N2 O2'  204.225 
TYR 'L-peptide linking' y TYROSINE        ? 'C9 H11 N O3'    181.189 
VAL 'L-peptide linking' y VALINE          ? 'C5 H11 N O2'    117.146 
# 
loop_
_pdbx_poly_seq_scheme.asym_id 
_pdbx_poly_seq_scheme.entity_id 
_pdbx_poly_seq_scheme.seq_id 
_pdbx_poly_seq_scheme.mon_id 
_pdbx_poly_seq_scheme.ndb_seq_num 
_pdbx_poly_seq_scheme.pdb_seq_num 
_pdbx_poly_seq_scheme.auth_seq_num 
_pdbx_poly_seq_scheme.pdb_mon_id 
_pdbx_poly_seq_scheme.auth_mon_id 
_pdbx_poly_seq_scheme.pdb_strand_id 
_pdbx_poly_seq_scheme.pdb_ins_code 
_pdbx_poly_seq_scheme.hetero 
A 1 1  GLY 1  169 169 GLY GLY A . n 
A 1 2  SER 2  170 170 SER SER A . n 
A 1 3  PRO 3  171 171 PRO PRO A . n 
A 1 4  GLU 4  172 172 GLU GLU A . n 
A 1 5  GLU 5  173 173 GLU GLU A . n 
A 1 6  THR 6  174 174 THR THR A . n 
A 1 7  LEU 7  175 175 LEU LEU A . n 
A 1 8  VAL 8  176 176 VAL VAL A . n 
A 1 9  ILE 9  177 177 ILE ILE A . n 
A 1 10 ALA 10 178 178 ALA ALA A . n 
A 1 11 LEU 11 179 179 LEU LEU A . n 
A 1 12 TYR 12 180 180 TYR TYR A . n 
A 1 13 ASP 13 181 181 ASP ASP A . n 
A 1 14 TYR 14 182 182 TYR TYR A . n 
A 1 15 GLN 15 183 183 GLN GLN A . n 
A 1 16 THR 16 184 184 THR THR A . n 
A 1 17 ASN 17 185 185 ASN ASN A . n 
A 1 18 ASP 18 186 186 ASP ASP A . n 
A 1 19 PRO 19 187 187 PRO PRO A . n 
A 1 20 GLN 20 188 188 GLN GLN A . n 
A 1 21 GLU 21 189 189 GLU GLU A . n 
A 1 22 LEU 22 190 190 LEU LEU A . n 
A 1 23 ALA 23 191 191 ALA ALA A . n 
A 1 24 LEU 24 192 192 LEU LEU A . n 
A 1 25 ARG 25 193 193 ARG ARG A . n 
A 1 26 CYS 26 194 194 CYS CYS A . n 
A 1 27 ASP 27 195 195 ASP ASP A . n 
A 1 28 GLU 28 196 196 GLU GLU A . n 
A 1 29 GLU 29 197 197 GLU GLU A . n 
A 1 30 TYR 30 198 198 TYR TYR A . n 
A 1 31 TYR 31 199 199 TYR TYR A . n 
A 1 32 LEU 32 200 200 LEU LEU A . n 
A 1 33 LEU 33 201 201 LEU LEU A . n 
A 1 34 ASP 34 202 202 ASP ASP A . n 
A 1 35 SER 35 203 203 SER SER A . n 
A 1 36 SER 36 204 204 SER SER A . n 
A 1 37 GLU 37 205 205 GLU GLU A . n 
A 1 38 ILE 38 206 206 ILE ILE A . n 
A 1 39 HIS 39 207 207 HIS HIS A . n 
A 1 40 TRP 40 208 208 TRP TRP A . n 
A 1 41 TRP 41 209 209 TRP TRP A . n 
A 1 42 ARG 42 210 210 ARG ARG A . n 
A 1 43 VAL 43 211 211 VAL VAL A . n 
A 1 44 GLN 44 212 212 GLN GLN A . n 
A 1 45 ASP 45 213 213 ASP ASP A . n 
A 1 46 LYS 46 214 214 LYS LYS A . n 
A 1 47 ASN 47 215 215 ASN ASN A . n 
A 1 48 GLY 48 216 216 GLY GLY A . n 
A 1 49 HIS 49 217 217 HIS HIS A . n 
A 1 50 GLU 50 218 218 GLU GLU A . n 
A 1 51 GLY 51 219 219 GLY GLY A . n 
A 1 52 TYR 52 220 220 TYR TYR A . n 
A 1 53 ALA 53 221 221 ALA ALA A . n 
A 1 54 PRO 54 222 222 PRO PRO A . n 
A 1 55 SER 55 223 223 SER SER A . n 
A 1 56 SER 56 224 224 SER SER A . n 
A 1 57 TYR 57 225 225 TYR TYR A . n 
A 1 58 LEU 58 226 226 LEU LEU A . n 
A 1 59 VAL 59 227 227 VAL VAL A . n 
A 1 60 GLU 60 228 228 GLU GLU A . n 
A 1 61 LYS 61 229 229 LYS LYS A . n 
A 1 62 SER 62 230 230 SER SER A . n 
A 1 63 PRO 63 231 231 PRO PRO A . n 
A 1 64 ASN 64 232 232 ASN ASN A . n 
# 
_exptl.absorpt_coefficient_mu     ? 
_exptl.absorpt_correction_T_max   ? 
_exptl.absorpt_correction_T_min   ? 
_exptl.absorpt_correction_type    ? 
_exptl.absorpt_process_details    ? 
_exptl.crystals_number            ? 
_exptl.details                    ? 
_exptl.entry_id                   2RNA 
_exptl.method                     'SOLUTION NMR' 
_exptl.method_details             ? 
# 
_struct.entry_id                  2RNA 
_struct.title                     'Itk SH3 average minimized' 
_struct.pdbx_model_details        ? 
_struct.pdbx_CASP_flag            ? 
_struct.pdbx_model_type_details   'minimized average' 
# 
_struct_keywords.entry_id        2RNA 
_struct_keywords.pdbx_keywords   TRANSFERASE 
_struct_keywords.text            
;Itk, SH3, beta barrel, 310 helix, regulatory, ATP-binding, Kinase, Membrane, Metal-binding, Nucleotide-binding, Phosphoprotein, SH2 domain, SH3 domain, Transferase, Tyrosine-protein kinase, Zinc, Zinc-finger
;
# 
_struct_asym.id                            A 
_struct_asym.pdbx_blank_PDB_chainid_flag   N 
_struct_asym.pdbx_modified                 N 
_struct_asym.entity_id                     1 
_struct_asym.details                       ? 
# 
_struct_ref.id                         1 
_struct_ref.db_name                    UNP 
_struct_ref.db_code                    ITK_MOUSE 
_struct_ref.pdbx_db_accession          Q03526 
_struct_ref.entity_id                  1 
_struct_ref.pdbx_seq_one_letter_code   PEETLVIALYDYQTNDPQELALRCDEEYYLLDSSEIHWWRVQDKNGHEGYAPSSYLVEKSPN 
_struct_ref.pdbx_align_begin           177 
_struct_ref.pdbx_db_isoform            ? 
# 
_struct_ref_seq.align_id                      1 
_struct_ref_seq.ref_id                        1 
_struct_ref_seq.pdbx_PDB_id_code              2RNA 
_struct_ref_seq.pdbx_strand_id                A 
_struct_ref_seq.seq_align_beg                 3 
_struct_ref_seq.pdbx_seq_align_beg_ins_code   ? 
_struct_ref_seq.seq_align_end                 64 
_struct_ref_seq.pdbx_seq_align_end_ins_code   ? 
_struct_ref_seq.pdbx_db_accession             Q03526 
_struct_ref_seq.db_align_beg                  177 
_struct_ref_seq.pdbx_db_align_beg_ins_code    ? 
_struct_ref_seq.db_align_end                  238 
_struct_ref_seq.pdbx_db_align_end_ins_code    ? 
_struct_ref_seq.pdbx_auth_seq_align_beg       171 
_struct_ref_seq.pdbx_auth_seq_align_end       232 
# 
loop_
_struct_ref_seq_dif.align_id 
_struct_ref_seq_dif.pdbx_pdb_id_code 
_struct_ref_seq_dif.mon_id 
_struct_ref_seq_dif.pdbx_pdb_strand_id 
_struct_ref_seq_dif.seq_num 
_struct_ref_seq_dif.pdbx_pdb_ins_code 
_struct_ref_seq_dif.pdbx_seq_db_name 
_struct_ref_seq_dif.pdbx_seq_db_accession_code 
_struct_ref_seq_dif.db_mon_id 
_struct_ref_seq_dif.pdbx_seq_db_seq_num 
_struct_ref_seq_dif.details 
_struct_ref_seq_dif.pdbx_auth_seq_num 
_struct_ref_seq_dif.pdbx_ordinal 
1 2RNA GLY A 1 ? UNP Q03526 ? ? 'expression tag' 169 1 
1 2RNA SER A 2 ? UNP Q03526 ? ? 'expression tag' 170 2 
# 
_pdbx_struct_assembly.id                   1 
_pdbx_struct_assembly.details              author_defined_assembly 
_pdbx_struct_assembly.method_details       ? 
_pdbx_struct_assembly.oligomeric_details   monomeric 
_pdbx_struct_assembly.oligomeric_count     1 
# 
_pdbx_struct_assembly_gen.assembly_id       1 
_pdbx_struct_assembly_gen.oper_expression   1 
_pdbx_struct_assembly_gen.asym_id_list      A 
# 
_pdbx_struct_oper_list.id                   1 
_pdbx_struct_oper_list.type                 'identity operation' 
_pdbx_struct_oper_list.name                 1_555 
_pdbx_struct_oper_list.symmetry_operation   x,y,z 
_pdbx_struct_oper_list.matrix[1][1]         1.0000000000 
_pdbx_struct_oper_list.matrix[1][2]         0.0000000000 
_pdbx_struct_oper_list.matrix[1][3]         0.0000000000 
_pdbx_struct_oper_list.vector[1]            0.0000000000 
_pdbx_struct_oper_list.matrix[2][1]         0.0000000000 
_pdbx_struct_oper_list.matrix[2][2]         1.0000000000 
_pdbx_struct_oper_list.matrix[2][3]         0.0000000000 
_pdbx_struct_oper_list.vector[2]            0.0000000000 
_pdbx_struct_oper_list.matrix[3][1]         0.0000000000 
_pdbx_struct_oper_list.matrix[3][2]         0.0000000000 
_pdbx_struct_oper_list.matrix[3][3]         1.0000000000 
_pdbx_struct_oper_list.vector[3]            0.0000000000 
# 
_struct_biol.id        1 
_struct_biol.details   ? 
# 
_struct_conf.conf_type_id            HELX_P 
_struct_conf.id                      HELX_P1 
_struct_conf.pdbx_PDB_helix_id       1 
_struct_conf.beg_label_comp_id       PRO 
_struct_conf.beg_label_asym_id       A 
_struct_conf.beg_label_seq_id        54 
_struct_conf.pdbx_beg_PDB_ins_code   ? 
_struct_conf.end_label_comp_id       SER 
_struct_conf.end_label_asym_id       A 
_struct_conf.end_label_seq_id        56 
_struct_conf.pdbx_end_PDB_ins_code   ? 
_struct_conf.beg_auth_comp_id        PRO 
_struct_conf.beg_auth_asym_id        A 
_struct_conf.beg_auth_seq_id         222 
_struct_conf.end_auth_comp_id        SER 
_struct_conf.end_auth_asym_id        A 
_struct_conf.end_auth_seq_id         224 
_struct_conf.pdbx_PDB_helix_class    5 
_struct_conf.details                 ? 
_struct_conf.pdbx_PDB_helix_length   3 
# 
_struct_conf_type.id          HELX_P 
_struct_conf_type.criteria    ? 
_struct_conf_type.reference   ? 
# 
_struct_sheet.id               A 
_struct_sheet.type             ? 
_struct_sheet.number_strands   5 
_struct_sheet.details          ? 
# 
loop_
_struct_sheet_order.sheet_id 
_struct_sheet_order.range_id_1 
_struct_sheet_order.range_id_2 
_struct_sheet_order.offset 
_struct_sheet_order.sense 
A 1 2 ? anti-parallel 
A 2 3 ? anti-parallel 
A 3 4 ? anti-parallel 
A 4 5 ? anti-parallel 
# 
loop_
_struct_sheet_range.sheet_id 
_struct_sheet_range.id 
_struct_sheet_range.beg_label_comp_id 
_struct_sheet_range.beg_label_asym_id 
_struct_sheet_range.beg_label_seq_id 
_struct_sheet_range.pdbx_beg_PDB_ins_code 
_struct_sheet_range.end_label_comp_id 
_struct_sheet_range.end_label_asym_id 
_struct_sheet_range.end_label_seq_id 
_struct_sheet_range.pdbx_end_PDB_ins_code 
_struct_sheet_range.beg_auth_comp_id 
_struct_sheet_range.beg_auth_asym_id 
_struct_sheet_range.beg_auth_seq_id 
_struct_sheet_range.end_auth_comp_id 
_struct_sheet_range.end_auth_asym_id 
_struct_sheet_range.end_auth_seq_id 
A 1 GLU A 50 ? ALA A 53 ? GLU A 218 ALA A 221 
A 2 TRP A 41 ? GLN A 44 ? TRP A 209 GLN A 212 
A 3 GLU A 29 ? LEU A 32 ? GLU A 197 LEU A 200 
A 4 THR A 6  ? ALA A 10 ? THR A 174 ALA A 178 
A 5 LEU A 58 ? GLU A 60 ? LEU A 226 GLU A 228 
# 
loop_
_pdbx_struct_sheet_hbond.sheet_id 
_pdbx_struct_sheet_hbond.range_id_1 
_pdbx_struct_sheet_hbond.range_id_2 
_pdbx_struct_sheet_hbond.range_1_label_atom_id 
_pdbx_struct_sheet_hbond.range_1_label_comp_id 
_pdbx_struct_sheet_hbond.range_1_label_asym_id 
_pdbx_struct_sheet_hbond.range_1_label_seq_id 
_pdbx_struct_sheet_hbond.range_1_PDB_ins_code 
_pdbx_struct_sheet_hbond.range_1_auth_atom_id 
_pdbx_struct_sheet_hbond.range_1_auth_comp_id 
_pdbx_struct_sheet_hbond.range_1_auth_asym_id 
_pdbx_struct_sheet_hbond.range_1_auth_seq_id 
_pdbx_struct_sheet_hbond.range_2_label_atom_id 
_pdbx_struct_sheet_hbond.range_2_label_comp_id 
_pdbx_struct_sheet_hbond.range_2_label_asym_id 
_pdbx_struct_sheet_hbond.range_2_label_seq_id 
_pdbx_struct_sheet_hbond.range_2_PDB_ins_code 
_pdbx_struct_sheet_hbond.range_2_auth_atom_id 
_pdbx_struct_sheet_hbond.range_2_auth_comp_id 
_pdbx_struct_sheet_hbond.range_2_auth_asym_id 
_pdbx_struct_sheet_hbond.range_2_auth_seq_id 
A 1 2 O GLY A 51 ? O GLY A 219 N VAL A 43 ? N VAL A 211 
A 2 3 O GLN A 44 ? O GLN A 212 N TYR A 31 ? N TYR A 199 
A 3 4 O LEU A 32 ? O LEU A 200 N THR A 6  ? N THR A 174 
A 4 5 N ILE A 9  ? N ILE A 177 O VAL A 59 ? O VAL A 227 
# 
loop_
_pdbx_validate_close_contact.id 
_pdbx_validate_close_contact.PDB_model_num 
_pdbx_validate_close_contact.auth_atom_id_1 
_pdbx_validate_close_contact.auth_asym_id_1 
_pdbx_validate_close_contact.auth_comp_id_1 
_pdbx_validate_close_contact.auth_seq_id_1 
_pdbx_validate_close_contact.PDB_ins_code_1 
_pdbx_validate_close_contact.label_alt_id_1 
_pdbx_validate_close_contact.auth_atom_id_2 
_pdbx_validate_close_contact.auth_asym_id_2 
_pdbx_validate_close_contact.auth_comp_id_2 
_pdbx_validate_close_contact.auth_seq_id_2 
_pdbx_validate_close_contact.PDB_ins_code_2 
_pdbx_validate_close_contact.label_alt_id_2 
_pdbx_validate_close_contact.dist 
1 1 HE21 A GLN 183 ? ? O A THR 184 ? ? 1.58 
2 1 O    A PRO 171 ? ? N A GLU 173 ? ? 2.13 
# 
loop_
_pdbx_validate_torsion.id 
_pdbx_validate_torsion.PDB_model_num 
_pdbx_validate_torsion.auth_comp_id 
_pdbx_validate_torsion.auth_asym_id 
_pdbx_validate_torsion.auth_seq_id 
_pdbx_validate_torsion.PDB_ins_code 
_pdbx_validate_torsion.label_alt_id 
_pdbx_validate_torsion.phi 
_pdbx_validate_torsion.psi 
1 1 SER A 170 ? ? 177.72  59.32  
2 1 GLU A 172 ? ? 12.47   -58.51 
3 1 ASP A 195 ? ? 80.51   -15.46 
4 1 LEU A 201 ? ? -104.81 -62.15 
5 1 GLU A 205 ? ? -19.01  171.22 
6 1 ILE A 206 ? ? -147.53 -26.24 
7 1 HIS A 207 ? ? -100.27 -88.41 
8 1 SER A 230 ? ? 48.46   106.35 
# 
_pdbx_nmr_ensemble.entry_id                                      2RNA 
_pdbx_nmr_ensemble.conformers_calculated_total_number            ? 
_pdbx_nmr_ensemble.conformers_submitted_total_number             1 
_pdbx_nmr_ensemble.conformer_selection_criteria                  ? 
_pdbx_nmr_ensemble.average_constraints_per_residue               ? 
_pdbx_nmr_ensemble.average_constraint_violations_per_residue     ? 
_pdbx_nmr_ensemble.maximum_distance_constraint_violation         ? 
_pdbx_nmr_ensemble.average_distance_constraint_violation         ? 
_pdbx_nmr_ensemble.maximum_upper_distance_constraint_violation   ? 
_pdbx_nmr_ensemble.maximum_lower_distance_constraint_violation   ? 
_pdbx_nmr_ensemble.distance_constraint_violation_method          ? 
_pdbx_nmr_ensemble.maximum_torsion_angle_constraint_violation    ? 
_pdbx_nmr_ensemble.average_torsion_angle_constraint_violation    ? 
_pdbx_nmr_ensemble.torsion_angle_constraint_violation_method     ? 
# 
_pdbx_nmr_representative.entry_id             2RNA 
_pdbx_nmr_representative.conformer_id         ? 
_pdbx_nmr_representative.selection_criteria   'minimized average structure' 
# 
_pdbx_nmr_sample_details.contents         '3.4mM [U-100% 13C; U-100% 15N] Itk Sh3, 95% H2O/5% D2O' 
_pdbx_nmr_sample_details.solution_id      1 
_pdbx_nmr_sample_details.solvent_system   '95% H2O/5% D2O' 
# 
_pdbx_nmr_exptl_sample.component             'Itk Sh3' 
_pdbx_nmr_exptl_sample.concentration         3.4 
_pdbx_nmr_exptl_sample.concentration_units   mM 
_pdbx_nmr_exptl_sample.isotopic_labeling     '[U-100% 13C; U-100% 15N]' 
_pdbx_nmr_exptl_sample.solution_id           1 
# 
_pdbx_nmr_exptl_sample_conditions.conditions_id       1 
_pdbx_nmr_exptl_sample_conditions.ionic_strength      '75mM NaCl' 
_pdbx_nmr_exptl_sample_conditions.pH                  7.4 
_pdbx_nmr_exptl_sample_conditions.pressure            ambient 
_pdbx_nmr_exptl_sample_conditions.pressure_units      ? 
_pdbx_nmr_exptl_sample_conditions.temperature         298 
_pdbx_nmr_exptl_sample_conditions.temperature_units   K 
# 
_pdbx_nmr_exptl.conditions_id   1 
_pdbx_nmr_exptl.experiment_id   1 
_pdbx_nmr_exptl.solution_id     1 
_pdbx_nmr_exptl.type            
;15N 1H HSQC, CBCA(CO)CH, HNCACB, HBHA(CO)NH, HBHANH, HNCO, (HB)CB(CGCDCE)HE, (HB)CB(CGCD)HD, HCCH-TOCSY, 3D 15N-edited TOCSY, 2D homonuclear TOCSY, 2D homonuclear NOESY, 3D 13C-edited aliphatic NOESY, 3D 13C-edited aromatic NOESY, 15N-edited NOESY, 15N-edited TOCSY, IPAP 1H-15N, J correlation HNHA, long range coupling HNCO hydrogen bond experiment
;
# 
_pdbx_nmr_refine.entry_id           2RNA 
_pdbx_nmr_refine.method             'simulated annealing' 
_pdbx_nmr_refine.details            'Xplor-NIH refine.py script' 
_pdbx_nmr_refine.software_ordinal   1 
# 
_pdbx_nmr_software.authors          'Schwieters, Kuszewski, Tjandra and Clore' 
_pdbx_nmr_software.classification   refinement 
_pdbx_nmr_software.name             CNS 
_pdbx_nmr_software.version          ? 
_pdbx_nmr_software.ordinal          1 
# 
loop_
_chem_comp_atom.comp_id 
_chem_comp_atom.atom_id 
_chem_comp_atom.type_symbol 
_chem_comp_atom.pdbx_aromatic_flag 
_chem_comp_atom.pdbx_stereo_config 
_chem_comp_atom.pdbx_ordinal 
ALA N    N N N 1   
ALA CA   C N S 2   
ALA C    C N N 3   
ALA O    O N N 4   
ALA CB   C N N 5   
ALA OXT  O N N 6   
ALA H    H N N 7   
ALA H2   H N N 8   
ALA HA   H N N 9   
ALA HB1  H N N 10  
ALA HB2  H N N 11  
ALA HB3  H N N 12  
ALA HXT  H N N 13  
ARG N    N N N 14  
ARG CA   C N S 15  
ARG C    C N N 16  
ARG O    O N N 17  
ARG CB   C N N 18  
ARG CG   C N N 19  
ARG CD   C N N 20  
ARG NE   N N N 21  
ARG CZ   C N N 22  
ARG NH1  N N N 23  
ARG NH2  N N N 24  
ARG OXT  O N N 25  
ARG H    H N N 26  
ARG H2   H N N 27  
ARG HA   H N N 28  
ARG HB2  H N N 29  
ARG HB3  H N N 30  
ARG HG2  H N N 31  
ARG HG3  H N N 32  
ARG HD2  H N N 33  
ARG HD3  H N N 34  
ARG HE   H N N 35  
ARG HH11 H N N 36  
ARG HH12 H N N 37  
ARG HH21 H N N 38  
ARG HH22 H N N 39  
ARG HXT  H N N 40  
ASN N    N N N 41  
ASN CA   C N S 42  
ASN C    C N N 43  
ASN O    O N N 44  
ASN CB   C N N 45  
ASN CG   C N N 46  
ASN OD1  O N N 47  
ASN ND2  N N N 48  
ASN OXT  O N N 49  
ASN H    H N N 50  
ASN H2   H N N 51  
ASN HA   H N N 52  
ASN HB2  H N N 53  
ASN HB3  H N N 54  
ASN HD21 H N N 55  
ASN HD22 H N N 56  
ASN HXT  H N N 57  
ASP N    N N N 58  
ASP CA   C N S 59  
ASP C    C N N 60  
ASP O    O N N 61  
ASP CB   C N N 62  
ASP CG   C N N 63  
ASP OD1  O N N 64  
ASP OD2  O N N 65  
ASP OXT  O N N 66  
ASP H    H N N 67  
ASP H2   H N N 68  
ASP HA   H N N 69  
ASP HB2  H N N 70  
ASP HB3  H N N 71  
ASP HD2  H N N 72  
ASP HXT  H N N 73  
CYS N    N N N 74  
CYS CA   C N R 75  
CYS C    C N N 76  
CYS O    O N N 77  
CYS CB   C N N 78  
CYS SG   S N N 79  
CYS OXT  O N N 80  
CYS H    H N N 81  
CYS H2   H N N 82  
CYS HA   H N N 83  
CYS HB2  H N N 84  
CYS HB3  H N N 85  
CYS HG   H N N 86  
CYS HXT  H N N 87  
GLN N    N N N 88  
GLN CA   C N S 89  
GLN C    C N N 90  
GLN O    O N N 91  
GLN CB   C N N 92  
GLN CG   C N N 93  
GLN CD   C N N 94  
GLN OE1  O N N 95  
GLN NE2  N N N 96  
GLN OXT  O N N 97  
GLN H    H N N 98  
GLN H2   H N N 99  
GLN HA   H N N 100 
GLN HB2  H N N 101 
GLN HB3  H N N 102 
GLN HG2  H N N 103 
GLN HG3  H N N 104 
GLN HE21 H N N 105 
GLN HE22 H N N 106 
GLN HXT  H N N 107 
GLU N    N N N 108 
GLU CA   C N S 109 
GLU C    C N N 110 
GLU O    O N N 111 
GLU CB   C N N 112 
GLU CG   C N N 113 
GLU CD   C N N 114 
GLU OE1  O N N 115 
GLU OE2  O N N 116 
GLU OXT  O N N 117 
GLU H    H N N 118 
GLU H2   H N N 119 
GLU HA   H N N 120 
GLU HB2  H N N 121 
GLU HB3  H N N 122 
GLU HG2  H N N 123 
GLU HG3  H N N 124 
GLU HE2  H N N 125 
GLU HXT  H N N 126 
GLY N    N N N 127 
GLY CA   C N N 128 
GLY C    C N N 129 
GLY O    O N N 130 
GLY OXT  O N N 131 
GLY H    H N N 132 
GLY H2   H N N 133 
GLY HA2  H N N 134 
GLY HA3  H N N 135 
GLY HXT  H N N 136 
HIS N    N N N 137 
HIS CA   C N S 138 
HIS C    C N N 139 
HIS O    O N N 140 
HIS CB   C N N 141 
HIS CG   C Y N 142 
HIS ND1  N Y N 143 
HIS CD2  C Y N 144 
HIS CE1  C Y N 145 
HIS NE2  N Y N 146 
HIS OXT  O N N 147 
HIS H    H N N 148 
HIS H2   H N N 149 
HIS HA   H N N 150 
HIS HB2  H N N 151 
HIS HB3  H N N 152 
HIS HD1  H N N 153 
HIS HD2  H N N 154 
HIS HE1  H N N 155 
HIS HE2  H N N 156 
HIS HXT  H N N 157 
ILE N    N N N 158 
ILE CA   C N S 159 
ILE C    C N N 160 
ILE O    O N N 161 
ILE CB   C N S 162 
ILE CG1  C N N 163 
ILE CG2  C N N 164 
ILE CD1  C N N 165 
ILE OXT  O N N 166 
ILE H    H N N 167 
ILE H2   H N N 168 
ILE HA   H N N 169 
ILE HB   H N N 170 
ILE HG12 H N N 171 
ILE HG13 H N N 172 
ILE HG21 H N N 173 
ILE HG22 H N N 174 
ILE HG23 H N N 175 
ILE HD11 H N N 176 
ILE HD12 H N N 177 
ILE HD13 H N N 178 
ILE HXT  H N N 179 
LEU N    N N N 180 
LEU CA   C N S 181 
LEU C    C N N 182 
LEU O    O N N 183 
LEU CB   C N N 184 
LEU CG   C N N 185 
LEU CD1  C N N 186 
LEU CD2  C N N 187 
LEU OXT  O N N 188 
LEU H    H N N 189 
LEU H2   H N N 190 
LEU HA   H N N 191 
LEU HB2  H N N 192 
LEU HB3  H N N 193 
LEU HG   H N N 194 
LEU HD11 H N N 195 
LEU HD12 H N N 196 
LEU HD13 H N N 197 
LEU HD21 H N N 198 
LEU HD22 H N N 199 
LEU HD23 H N N 200 
LEU HXT  H N N 201 
LYS N    N N N 202 
LYS CA   C N S 203 
LYS C    C N N 204 
LYS O    O N N 205 
LYS CB   C N N 206 
LYS CG   C N N 207 
LYS CD   C N N 208 
LYS CE   C N N 209 
LYS NZ   N N N 210 
LYS OXT  O N N 211 
LYS H    H N N 212 
LYS H2   H N N 213 
LYS HA   H N N 214 
LYS HB2  H N N 215 
LYS HB3  H N N 216 
LYS HG2  H N N 217 
LYS HG3  H N N 218 
LYS HD2  H N N 219 
LYS HD3  H N N 220 
LYS HE2  H N N 221 
LYS HE3  H N N 222 
LYS HZ1  H N N 223 
LYS HZ2  H N N 224 
LYS HZ3  H N N 225 
LYS HXT  H N N 226 
PRO N    N N N 227 
PRO CA   C N S 228 
PRO C    C N N 229 
PRO O    O N N 230 
PRO CB   C N N 231 
PRO CG   C N N 232 
PRO CD   C N N 233 
PRO OXT  O N N 234 
PRO H    H N N 235 
PRO HA   H N N 236 
PRO HB2  H N N 237 
PRO HB3  H N N 238 
PRO HG2  H N N 239 
PRO HG3  H N N 240 
PRO HD2  H N N 241 
PRO HD3  H N N 242 
PRO HXT  H N N 243 
SER N    N N N 244 
SER CA   C N S 245 
SER C    C N N 246 
SER O    O N N 247 
SER CB   C N N 248 
SER OG   O N N 249 
SER OXT  O N N 250 
SER H    H N N 251 
SER H2   H N N 252 
SER HA   H N N 253 
SER HB2  H N N 254 
SER HB3  H N N 255 
SER HG   H N N 256 
SER HXT  H N N 257 
THR N    N N N 258 
THR CA   C N S 259 
THR C    C N N 260 
THR O    O N N 261 
THR CB   C N R 262 
THR OG1  O N N 263 
THR CG2  C N N 264 
THR OXT  O N N 265 
THR H    H N N 266 
THR H2   H N N 267 
THR HA   H N N 268 
THR HB   H N N 269 
THR HG1  H N N 270 
THR HG21 H N N 271 
THR HG22 H N N 272 
THR HG23 H N N 273 
THR HXT  H N N 274 
TRP N    N N N 275 
TRP CA   C N S 276 
TRP C    C N N 277 
TRP O    O N N 278 
TRP CB   C N N 279 
TRP CG   C Y N 280 
TRP CD1  C Y N 281 
TRP CD2  C Y N 282 
TRP NE1  N Y N 283 
TRP CE2  C Y N 284 
TRP CE3  C Y N 285 
TRP CZ2  C Y N 286 
TRP CZ3  C Y N 287 
TRP CH2  C Y N 288 
TRP OXT  O N N 289 
TRP H    H N N 290 
TRP H2   H N N 291 
TRP HA   H N N 292 
TRP HB2  H N N 293 
TRP HB3  H N N 294 
TRP HD1  H N N 295 
TRP HE1  H N N 296 
TRP HE3  H N N 297 
TRP HZ2  H N N 298 
TRP HZ3  H N N 299 
TRP HH2  H N N 300 
TRP HXT  H N N 301 
TYR N    N N N 302 
TYR CA   C N S 303 
TYR C    C N N 304 
TYR O    O N N 305 
TYR CB   C N N 306 
TYR CG   C Y N 307 
TYR CD1  C Y N 308 
TYR CD2  C Y N 309 
TYR CE1  C Y N 310 
TYR CE2  C Y N 311 
TYR CZ   C Y N 312 
TYR OH   O N N 313 
TYR OXT  O N N 314 
TYR H    H N N 315 
TYR H2   H N N 316 
TYR HA   H N N 317 
TYR HB2  H N N 318 
TYR HB3  H N N 319 
TYR HD1  H N N 320 
TYR HD2  H N N 321 
TYR HE1  H N N 322 
TYR HE2  H N N 323 
TYR HH   H N N 324 
TYR HXT  H N N 325 
VAL N    N N N 326 
VAL CA   C N S 327 
VAL C    C N N 328 
VAL O    O N N 329 
VAL CB   C N N 330 
VAL CG1  C N N 331 
VAL CG2  C N N 332 
VAL OXT  O N N 333 
VAL H    H N N 334 
VAL H2   H N N 335 
VAL HA   H N N 336 
VAL HB   H N N 337 
VAL HG11 H N N 338 
VAL HG12 H N N 339 
VAL HG13 H N N 340 
VAL HG21 H N N 341 
VAL HG22 H N N 342 
VAL HG23 H N N 343 
VAL HXT  H N N 344 
# 
loop_
_chem_comp_bond.comp_id 
_chem_comp_bond.atom_id_1 
_chem_comp_bond.atom_id_2 
_chem_comp_bond.value_order 
_chem_comp_bond.pdbx_aromatic_flag 
_chem_comp_bond.pdbx_stereo_config 
_chem_comp_bond.pdbx_ordinal 
ALA N   CA   sing N N 1   
ALA N   H    sing N N 2   
ALA N   H2   sing N N 3   
ALA CA  C    sing N N 4   
ALA CA  CB   sing N N 5   
ALA CA  HA   sing N N 6   
ALA C   O    doub N N 7   
ALA C   OXT  sing N N 8   
ALA CB  HB1  sing N N 9   
ALA CB  HB2  sing N N 10  
ALA CB  HB3  sing N N 11  
ALA OXT HXT  sing N N 12  
ARG N   CA   sing N N 13  
ARG N   H    sing N N 14  
ARG N   H2   sing N N 15  
ARG CA  C    sing N N 16  
ARG CA  CB   sing N N 17  
ARG CA  HA   sing N N 18  
ARG C   O    doub N N 19  
ARG C   OXT  sing N N 20  
ARG CB  CG   sing N N 21  
ARG CB  HB2  sing N N 22  
ARG CB  HB3  sing N N 23  
ARG CG  CD   sing N N 24  
ARG CG  HG2  sing N N 25  
ARG CG  HG3  sing N N 26  
ARG CD  NE   sing N N 27  
ARG CD  HD2  sing N N 28  
ARG CD  HD3  sing N N 29  
ARG NE  CZ   sing N N 30  
ARG NE  HE   sing N N 31  
ARG CZ  NH1  sing N N 32  
ARG CZ  NH2  doub N N 33  
ARG NH1 HH11 sing N N 34  
ARG NH1 HH12 sing N N 35  
ARG NH2 HH21 sing N N 36  
ARG NH2 HH22 sing N N 37  
ARG OXT HXT  sing N N 38  
ASN N   CA   sing N N 39  
ASN N   H    sing N N 40  
ASN N   H2   sing N N 41  
ASN CA  C    sing N N 42  
ASN CA  CB   sing N N 43  
ASN CA  HA   sing N N 44  
ASN C   O    doub N N 45  
ASN C   OXT  sing N N 46  
ASN CB  CG   sing N N 47  
ASN CB  HB2  sing N N 48  
ASN CB  HB3  sing N N 49  
ASN CG  OD1  doub N N 50  
ASN CG  ND2  sing N N 51  
ASN ND2 HD21 sing N N 52  
ASN ND2 HD22 sing N N 53  
ASN OXT HXT  sing N N 54  
ASP N   CA   sing N N 55  
ASP N   H    sing N N 56  
ASP N   H2   sing N N 57  
ASP CA  C    sing N N 58  
ASP CA  CB   sing N N 59  
ASP CA  HA   sing N N 60  
ASP C   O    doub N N 61  
ASP C   OXT  sing N N 62  
ASP CB  CG   sing N N 63  
ASP CB  HB2  sing N N 64  
ASP CB  HB3  sing N N 65  
ASP CG  OD1  doub N N 66  
ASP CG  OD2  sing N N 67  
ASP OD2 HD2  sing N N 68  
ASP OXT HXT  sing N N 69  
CYS N   CA   sing N N 70  
CYS N   H    sing N N 71  
CYS N   H2   sing N N 72  
CYS CA  C    sing N N 73  
CYS CA  CB   sing N N 74  
CYS CA  HA   sing N N 75  
CYS C   O    doub N N 76  
CYS C   OXT  sing N N 77  
CYS CB  SG   sing N N 78  
CYS CB  HB2  sing N N 79  
CYS CB  HB3  sing N N 80  
CYS SG  HG   sing N N 81  
CYS OXT HXT  sing N N 82  
GLN N   CA   sing N N 83  
GLN N   H    sing N N 84  
GLN N   H2   sing N N 85  
GLN CA  C    sing N N 86  
GLN CA  CB   sing N N 87  
GLN CA  HA   sing N N 88  
GLN C   O    doub N N 89  
GLN C   OXT  sing N N 90  
GLN CB  CG   sing N N 91  
GLN CB  HB2  sing N N 92  
GLN CB  HB3  sing N N 93  
GLN CG  CD   sing N N 94  
GLN CG  HG2  sing N N 95  
GLN CG  HG3  sing N N 96  
GLN CD  OE1  doub N N 97  
GLN CD  NE2  sing N N 98  
GLN NE2 HE21 sing N N 99  
GLN NE2 HE22 sing N N 100 
GLN OXT HXT  sing N N 101 
GLU N   CA   sing N N 102 
GLU N   H    sing N N 103 
GLU N   H2   sing N N 104 
GLU CA  C    sing N N 105 
GLU CA  CB   sing N N 106 
GLU CA  HA   sing N N 107 
GLU C   O    doub N N 108 
GLU C   OXT  sing N N 109 
GLU CB  CG   sing N N 110 
GLU CB  HB2  sing N N 111 
GLU CB  HB3  sing N N 112 
GLU CG  CD   sing N N 113 
GLU CG  HG2  sing N N 114 
GLU CG  HG3  sing N N 115 
GLU CD  OE1  doub N N 116 
GLU CD  OE2  sing N N 117 
GLU OE2 HE2  sing N N 118 
GLU OXT HXT  sing N N 119 
GLY N   CA   sing N N 120 
GLY N   H    sing N N 121 
GLY N   H2   sing N N 122 
GLY CA  C    sing N N 123 
GLY CA  HA2  sing N N 124 
GLY CA  HA3  sing N N 125 
GLY C   O    doub N N 126 
GLY C   OXT  sing N N 127 
GLY OXT HXT  sing N N 128 
HIS N   CA   sing N N 129 
HIS N   H    sing N N 130 
HIS N   H2   sing N N 131 
HIS CA  C    sing N N 132 
HIS CA  CB   sing N N 133 
HIS CA  HA   sing N N 134 
HIS C   O    doub N N 135 
HIS C   OXT  sing N N 136 
HIS CB  CG   sing N N 137 
HIS CB  HB2  sing N N 138 
HIS CB  HB3  sing N N 139 
HIS CG  ND1  sing Y N 140 
HIS CG  CD2  doub Y N 141 
HIS ND1 CE1  doub Y N 142 
HIS ND1 HD1  sing N N 143 
HIS CD2 NE2  sing Y N 144 
HIS CD2 HD2  sing N N 145 
HIS CE1 NE2  sing Y N 146 
HIS CE1 HE1  sing N N 147 
HIS NE2 HE2  sing N N 148 
HIS OXT HXT  sing N N 149 
ILE N   CA   sing N N 150 
ILE N   H    sing N N 151 
ILE N   H2   sing N N 152 
ILE CA  C    sing N N 153 
ILE CA  CB   sing N N 154 
ILE CA  HA   sing N N 155 
ILE C   O    doub N N 156 
ILE C   OXT  sing N N 157 
ILE CB  CG1  sing N N 158 
ILE CB  CG2  sing N N 159 
ILE CB  HB   sing N N 160 
ILE CG1 CD1  sing N N 161 
ILE CG1 HG12 sing N N 162 
ILE CG1 HG13 sing N N 163 
ILE CG2 HG21 sing N N 164 
ILE CG2 HG22 sing N N 165 
ILE CG2 HG23 sing N N 166 
ILE CD1 HD11 sing N N 167 
ILE CD1 HD12 sing N N 168 
ILE CD1 HD13 sing N N 169 
ILE OXT HXT  sing N N 170 
LEU N   CA   sing N N 171 
LEU N   H    sing N N 172 
LEU N   H2   sing N N 173 
LEU CA  C    sing N N 174 
LEU CA  CB   sing N N 175 
LEU CA  HA   sing N N 176 
LEU C   O    doub N N 177 
LEU C   OXT  sing N N 178 
LEU CB  CG   sing N N 179 
LEU CB  HB2  sing N N 180 
LEU CB  HB3  sing N N 181 
LEU CG  CD1  sing N N 182 
LEU CG  CD2  sing N N 183 
LEU CG  HG   sing N N 184 
LEU CD1 HD11 sing N N 185 
LEU CD1 HD12 sing N N 186 
LEU CD1 HD13 sing N N 187 
LEU CD2 HD21 sing N N 188 
LEU CD2 HD22 sing N N 189 
LEU CD2 HD23 sing N N 190 
LEU OXT HXT  sing N N 191 
LYS N   CA   sing N N 192 
LYS N   H    sing N N 193 
LYS N   H2   sing N N 194 
LYS CA  C    sing N N 195 
LYS CA  CB   sing N N 196 
LYS CA  HA   sing N N 197 
LYS C   O    doub N N 198 
LYS C   OXT  sing N N 199 
LYS CB  CG   sing N N 200 
LYS CB  HB2  sing N N 201 
LYS CB  HB3  sing N N 202 
LYS CG  CD   sing N N 203 
LYS CG  HG2  sing N N 204 
LYS CG  HG3  sing N N 205 
LYS CD  CE   sing N N 206 
LYS CD  HD2  sing N N 207 
LYS CD  HD3  sing N N 208 
LYS CE  NZ   sing N N 209 
LYS CE  HE2  sing N N 210 
LYS CE  HE3  sing N N 211 
LYS NZ  HZ1  sing N N 212 
LYS NZ  HZ2  sing N N 213 
LYS NZ  HZ3  sing N N 214 
LYS OXT HXT  sing N N 215 
PRO N   CA   sing N N 216 
PRO N   CD   sing N N 217 
PRO N   H    sing N N 218 
PRO CA  C    sing N N 219 
PRO CA  CB   sing N N 220 
PRO CA  HA   sing N N 221 
PRO C   O    doub N N 222 
PRO C   OXT  sing N N 223 
PRO CB  CG   sing N N 224 
PRO CB  HB2  sing N N 225 
PRO CB  HB3  sing N N 226 
PRO CG  CD   sing N N 227 
PRO CG  HG2  sing N N 228 
PRO CG  HG3  sing N N 229 
PRO CD  HD2  sing N N 230 
PRO CD  HD3  sing N N 231 
PRO OXT HXT  sing N N 232 
SER N   CA   sing N N 233 
SER N   H    sing N N 234 
SER N   H2   sing N N 235 
SER CA  C    sing N N 236 
SER CA  CB   sing N N 237 
SER CA  HA   sing N N 238 
SER C   O    doub N N 239 
SER C   OXT  sing N N 240 
SER CB  OG   sing N N 241 
SER CB  HB2  sing N N 242 
SER CB  HB3  sing N N 243 
SER OG  HG   sing N N 244 
SER OXT HXT  sing N N 245 
THR N   CA   sing N N 246 
THR N   H    sing N N 247 
THR N   H2   sing N N 248 
THR CA  C    sing N N 249 
THR CA  CB   sing N N 250 
THR CA  HA   sing N N 251 
THR C   O    doub N N 252 
THR C   OXT  sing N N 253 
THR CB  OG1  sing N N 254 
THR CB  CG2  sing N N 255 
THR CB  HB   sing N N 256 
THR OG1 HG1  sing N N 257 
THR CG2 HG21 sing N N 258 
THR CG2 HG22 sing N N 259 
THR CG2 HG23 sing N N 260 
THR OXT HXT  sing N N 261 
TRP N   CA   sing N N 262 
TRP N   H    sing N N 263 
TRP N   H2   sing N N 264 
TRP CA  C    sing N N 265 
TRP CA  CB   sing N N 266 
TRP CA  HA   sing N N 267 
TRP C   O    doub N N 268 
TRP C   OXT  sing N N 269 
TRP CB  CG   sing N N 270 
TRP CB  HB2  sing N N 271 
TRP CB  HB3  sing N N 272 
TRP CG  CD1  doub Y N 273 
TRP CG  CD2  sing Y N 274 
TRP CD1 NE1  sing Y N 275 
TRP CD1 HD1  sing N N 276 
TRP CD2 CE2  doub Y N 277 
TRP CD2 CE3  sing Y N 278 
TRP NE1 CE2  sing Y N 279 
TRP NE1 HE1  sing N N 280 
TRP CE2 CZ2  sing Y N 281 
TRP CE3 CZ3  doub Y N 282 
TRP CE3 HE3  sing N N 283 
TRP CZ2 CH2  doub Y N 284 
TRP CZ2 HZ2  sing N N 285 
TRP CZ3 CH2  sing Y N 286 
TRP CZ3 HZ3  sing N N 287 
TRP CH2 HH2  sing N N 288 
TRP OXT HXT  sing N N 289 
TYR N   CA   sing N N 290 
TYR N   H    sing N N 291 
TYR N   H2   sing N N 292 
TYR CA  C    sing N N 293 
TYR CA  CB   sing N N 294 
TYR CA  HA   sing N N 295 
TYR C   O    doub N N 296 
TYR C   OXT  sing N N 297 
TYR CB  CG   sing N N 298 
TYR CB  HB2  sing N N 299 
TYR CB  HB3  sing N N 300 
TYR CG  CD1  doub Y N 301 
TYR CG  CD2  sing Y N 302 
TYR CD1 CE1  sing Y N 303 
TYR CD1 HD1  sing N N 304 
TYR CD2 CE2  doub Y N 305 
TYR CD2 HD2  sing N N 306 
TYR CE1 CZ   doub Y N 307 
TYR CE1 HE1  sing N N 308 
TYR CE2 CZ   sing Y N 309 
TYR CE2 HE2  sing N N 310 
TYR CZ  OH   sing N N 311 
TYR OH  HH   sing N N 312 
TYR OXT HXT  sing N N 313 
VAL N   CA   sing N N 314 
VAL N   H    sing N N 315 
VAL N   H2   sing N N 316 
VAL CA  C    sing N N 317 
VAL CA  CB   sing N N 318 
VAL CA  HA   sing N N 319 
VAL C   O    doub N N 320 
VAL C   OXT  sing N N 321 
VAL CB  CG1  sing N N 322 
VAL CB  CG2  sing N N 323 
VAL CB  HB   sing N N 324 
VAL CG1 HG11 sing N N 325 
VAL CG1 HG12 sing N N 326 
VAL CG1 HG13 sing N N 327 
VAL CG2 HG21 sing N N 328 
VAL CG2 HG22 sing N N 329 
VAL CG2 HG23 sing N N 330 
VAL OXT HXT  sing N N 331 
# 
_pdbx_nmr_spectrometer.field_strength    700.133 
_pdbx_nmr_spectrometer.manufacturer      Bruker 
_pdbx_nmr_spectrometer.model             AVII 
_pdbx_nmr_spectrometer.spectrometer_id   1 
_pdbx_nmr_spectrometer.type              'Bruker AVII' 
# 
_atom_sites.entry_id                    2RNA 
_atom_sites.fract_transf_matrix[1][1]   1.000000 
_atom_sites.fract_transf_matrix[1][2]   0.000000 
_atom_sites.fract_transf_matrix[1][3]   0.000000 
_atom_sites.fract_transf_matrix[2][1]   0.000000 
_atom_sites.fract_transf_matrix[2][2]   1.000000 
_atom_sites.fract_transf_matrix[2][3]   0.000000 
_atom_sites.fract_transf_matrix[3][1]   0.000000 
_atom_sites.fract_transf_matrix[3][2]   0.000000 
_atom_sites.fract_transf_matrix[3][3]   1.000000 
_atom_sites.fract_transf_vector[1]      0.00000 
_atom_sites.fract_transf_vector[2]      0.00000 
_atom_sites.fract_transf_vector[3]      0.00000 
# 
loop_
_atom_type.symbol 
C 
H 
N 
O 
S 
# 
loop_
_atom_site.group_PDB 
_atom_site.id 
_atom_site.type_symbol 
_atom_site.label_atom_id 
_atom_site.label_alt_id 
_atom_site.label_comp_id 
_atom_site.label_asym_id 
_atom_site.label_entity_id 
_atom_site.label_seq_id 
_atom_site.pdbx_PDB_ins_code 
_atom_site.Cartn_x 
_atom_site.Cartn_y 
_atom_site.Cartn_z 
_atom_site.occupancy 
_atom_site.B_iso_or_equiv 
_atom_site.pdbx_formal_charge 
_atom_site.auth_seq_id 
_atom_site.auth_comp_id 
_atom_site.auth_asym_id 
_atom_site.auth_atom_id 
_atom_site.pdbx_PDB_model_num 
ATOM 1    N N    . GLY A 1 1  ? -8.379  2.838   17.776  1.00 4.56 ? 169 GLY A N    1 
ATOM 2    C CA   . GLY A 1 1  ? -7.098  2.990   17.034  1.00 4.09 ? 169 GLY A CA   1 
ATOM 3    C C    . GLY A 1 1  ? -7.245  2.384   15.649  1.00 3.55 ? 169 GLY A C    1 
ATOM 4    O O    . GLY A 1 1  ? -6.848  1.244   15.417  1.00 3.82 ? 169 GLY A O    1 
ATOM 5    H H1   . GLY A 1 1  ? -8.832  1.942   17.505  1.00 4.81 ? 169 GLY A H1   1 
ATOM 6    H H2   . GLY A 1 1  ? -9.011  3.633   17.542  1.00 4.89 ? 169 GLY A H2   1 
ATOM 7    H H3   . GLY A 1 1  ? -8.189  2.834   18.797  1.00 4.75 ? 169 GLY A H3   1 
ATOM 8    H HA2  . GLY A 1 1  ? -6.853  4.038   16.944  1.00 4.23 ? 169 GLY A HA2  1 
ATOM 9    H HA3  . GLY A 1 1  ? -6.310  2.478   17.563  1.00 4.43 ? 169 GLY A HA3  1 
ATOM 10   N N    . SER A 1 2  ? -7.813  3.153   14.733  1.00 3.25 ? 170 SER A N    1 
ATOM 11   C CA   . SER A 1 2  ? -8.003  2.684   13.372  1.00 3.00 ? 170 SER A CA   1 
ATOM 12   C C    . SER A 1 2  ? -8.725  3.739   12.541  1.00 2.53 ? 170 SER A C    1 
ATOM 13   O O    . SER A 1 2  ? -9.794  3.486   11.985  1.00 2.58 ? 170 SER A O    1 
ATOM 14   C CB   . SER A 1 2  ? -8.795  1.367   13.370  1.00 3.59 ? 170 SER A CB   1 
ATOM 15   O OG   . SER A 1 2  ? -7.894  0.284   13.551  1.00 4.08 ? 170 SER A OG   1 
ATOM 16   H H    . SER A 1 2  ? -8.108  4.057   14.976  1.00 3.54 ? 170 SER A H    1 
ATOM 17   H HA   . SER A 1 2  ? -7.034  2.500   12.933  1.00 3.09 ? 170 SER A HA   1 
ATOM 18   H HB2  . SER A 1 2  ? -9.510  1.373   14.176  1.00 3.91 ? 170 SER A HB2  1 
ATOM 19   H HB3  . SER A 1 2  ? -9.319  1.252   12.428  1.00 3.85 ? 170 SER A HB3  1 
ATOM 20   H HG   . SER A 1 2  ? -8.092  -0.128  14.396  1.00 4.44 ? 170 SER A HG   1 
ATOM 21   N N    . PRO A 1 3  ? -8.154  4.908   12.427  1.00 2.23 ? 171 PRO A N    1 
ATOM 22   C CA   . PRO A 1 3  ? -8.753  6.003   11.624  1.00 1.97 ? 171 PRO A CA   1 
ATOM 23   C C    . PRO A 1 3  ? -8.565  5.699   10.147  1.00 1.62 ? 171 PRO A C    1 
ATOM 24   O O    . PRO A 1 3  ? -7.435  5.677   9.686   1.00 2.11 ? 171 PRO A O    1 
ATOM 25   C CB   . PRO A 1 3  ? -7.948  7.239   12.050  1.00 2.08 ? 171 PRO A CB   1 
ATOM 26   C CG   . PRO A 1 3  ? -6.611  6.696   12.439  1.00 2.14 ? 171 PRO A CG   1 
ATOM 27   C CD   . PRO A 1 3  ? -6.878  5.313   13.043  1.00 2.37 ? 171 PRO A CD   1 
ATOM 28   H HA   . PRO A 1 3  ? -9.796  6.133   11.863  1.00 2.22 ? 171 PRO A HA   1 
ATOM 29   H HB2  . PRO A 1 3  ? -7.855  7.938   11.226  1.00 1.94 ? 171 PRO A HB2  1 
ATOM 30   H HB3  . PRO A 1 3  ? -8.415  7.718   12.898  1.00 2.48 ? 171 PRO A HB3  1 
ATOM 31   H HG2  . PRO A 1 3  ? -5.978  6.609   11.563  1.00 1.81 ? 171 PRO A HG2  1 
ATOM 32   H HG3  . PRO A 1 3  ? -6.143  7.334   13.175  1.00 2.53 ? 171 PRO A HG3  1 
ATOM 33   H HD2  . PRO A 1 3  ? -6.087  4.625   12.776  1.00 2.34 ? 171 PRO A HD2  1 
ATOM 34   H HD3  . PRO A 1 3  ? -6.985  5.377   14.114  1.00 2.82 ? 171 PRO A HD3  1 
ATOM 35   N N    . GLU A 1 4  ? -9.682  5.436   9.455   1.00 1.44 ? 172 GLU A N    1 
ATOM 36   C CA   . GLU A 1 4  ? -9.706  5.094   8.016   1.00 1.33 ? 172 GLU A CA   1 
ATOM 37   C C    . GLU A 1 4  ? -8.319  4.769   7.447   1.00 1.14 ? 172 GLU A C    1 
ATOM 38   O O    . GLU A 1 4  ? -8.091  3.673   6.933   1.00 1.85 ? 172 GLU A O    1 
ATOM 39   C CB   . GLU A 1 4  ? -10.335 6.244   7.233   1.00 1.52 ? 172 GLU A CB   1 
ATOM 40   C CG   . GLU A 1 4  ? -11.631 6.662   7.931   1.00 1.84 ? 172 GLU A CG   1 
ATOM 41   C CD   . GLU A 1 4  ? -12.390 7.675   7.083   1.00 2.33 ? 172 GLU A CD   1 
ATOM 42   O OE1  . GLU A 1 4  ? -12.024 7.848   5.932   1.00 2.78 ? 172 GLU A OE1  1 
ATOM 43   O OE2  . GLU A 1 4  ? -13.326 8.265   7.597   1.00 2.91 ? 172 GLU A OE2  1 
ATOM 44   H H    . GLU A 1 4  ? -10.536 5.461   9.934   1.00 1.88 ? 172 GLU A H    1 
ATOM 45   H HA   . GLU A 1 4  ? -10.332 4.223   7.890   1.00 1.54 ? 172 GLU A HA   1 
ATOM 46   H HB2  . GLU A 1 4  ? -9.650  7.080   7.203   1.00 1.45 ? 172 GLU A HB2  1 
ATOM 47   H HB3  . GLU A 1 4  ? -10.558 5.919   6.228   1.00 1.70 ? 172 GLU A HB3  1 
ATOM 48   H HG2  . GLU A 1 4  ? -12.251 5.792   8.090   1.00 1.96 ? 172 GLU A HG2  1 
ATOM 49   H HG3  . GLU A 1 4  ? -11.392 7.107   8.886   1.00 2.19 ? 172 GLU A HG3  1 
ATOM 50   N N    . GLU A 1 5  ? -7.403  5.718   7.552   1.00 0.75 ? 173 GLU A N    1 
ATOM 51   C CA   . GLU A 1 5  ? -6.043  5.530   7.070   1.00 0.53 ? 173 GLU A CA   1 
ATOM 52   C C    . GLU A 1 5  ? -5.340  4.463   7.912   1.00 0.63 ? 173 GLU A C    1 
ATOM 53   O O    . GLU A 1 5  ? -5.605  4.331   9.107   1.00 1.36 ? 173 GLU A O    1 
ATOM 54   C CB   . GLU A 1 5  ? -5.267  6.846   7.192   1.00 0.74 ? 173 GLU A CB   1 
ATOM 55   C CG   . GLU A 1 5  ? -6.113  8.016   6.679   1.00 0.87 ? 173 GLU A CG   1 
ATOM 56   C CD   . GLU A 1 5  ? -5.383  9.327   6.941   1.00 1.19 ? 173 GLU A CD   1 
ATOM 57   O OE1  . GLU A 1 5  ? -4.269  9.271   7.437   1.00 1.78 ? 173 GLU A OE1  1 
ATOM 58   O OE2  . GLU A 1 5  ? -5.950  10.367  6.649   1.00 1.63 ? 173 GLU A OE2  1 
ATOM 59   H H    . GLU A 1 5  ? -7.643  6.563   7.983   1.00 1.22 ? 173 GLU A H    1 
ATOM 60   H HA   . GLU A 1 5  ? -6.064  5.219   6.036   1.00 0.54 ? 173 GLU A HA   1 
ATOM 61   H HB2  . GLU A 1 5  ? -5.010  7.018   8.228   1.00 1.02 ? 173 GLU A HB2  1 
ATOM 62   H HB3  . GLU A 1 5  ? -4.360  6.781   6.606   1.00 0.81 ? 173 GLU A HB3  1 
ATOM 63   H HG2  . GLU A 1 5  ? -6.282  7.902   5.619   1.00 0.80 ? 173 GLU A HG2  1 
ATOM 64   H HG3  . GLU A 1 5  ? -7.061  8.033   7.194   1.00 1.00 ? 173 GLU A HG3  1 
ATOM 65   N N    . THR A 1 6  ? -4.442  3.711   7.293   1.00 0.45 ? 174 THR A N    1 
ATOM 66   C CA   . THR A 1 6  ? -3.708  2.672   8.013   1.00 0.40 ? 174 THR A CA   1 
ATOM 67   C C    . THR A 1 6  ? -2.465  2.258   7.229   1.00 0.33 ? 174 THR A C    1 
ATOM 68   O O    . THR A 1 6  ? -2.102  2.898   6.242   1.00 0.35 ? 174 THR A O    1 
ATOM 69   C CB   . THR A 1 6  ? -4.616  1.453   8.272   1.00 0.40 ? 174 THR A CB   1 
ATOM 70   O OG1  . THR A 1 6  ? -4.074  0.686   9.335   1.00 0.60 ? 174 THR A OG1  1 
ATOM 71   C CG2  . THR A 1 6  ? -4.724  0.570   7.019   1.00 0.29 ? 174 THR A CG2  1 
ATOM 72   H H    . THR A 1 6  ? -4.255  3.856   6.341   1.00 0.98 ? 174 THR A H    1 
ATOM 73   H HA   . THR A 1 6  ? -3.393  3.072   8.966   1.00 0.55 ? 174 THR A HA   1 
ATOM 74   H HB   . THR A 1 6  ? -5.601  1.800   8.548   1.00 0.46 ? 174 THR A HB   1 
ATOM 75   H HG1  . THR A 1 6  ? -3.667  -0.097  8.959   1.00 1.01 ? 174 THR A HG1  1 
ATOM 76   H HG21 . THR A 1 6  ? -4.613  1.174   6.141   1.00 0.99 ? 174 THR A HG21 1 
ATOM 77   H HG22 . THR A 1 6  ? -5.688  0.083   6.996   1.00 1.08 ? 174 THR A HG22 1 
ATOM 78   H HG23 . THR A 1 6  ? -3.946  -0.179  7.039   1.00 1.08 ? 174 THR A HG23 1 
ATOM 79   N N    . LEU A 1 7  ? -1.809  1.191   7.682   1.00 0.27 ? 175 LEU A N    1 
ATOM 80   C CA   . LEU A 1 7  ? -0.595  0.697   7.026   1.00 0.22 ? 175 LEU A CA   1 
ATOM 81   C C    . LEU A 1 7  ? -0.810  -0.701  6.468   1.00 0.17 ? 175 LEU A C    1 
ATOM 82   O O    . LEU A 1 7  ? -1.634  -1.465  6.969   1.00 0.20 ? 175 LEU A O    1 
ATOM 83   C CB   . LEU A 1 7  ? 0.564   0.654   8.031   1.00 0.22 ? 175 LEU A CB   1 
ATOM 84   C CG   . LEU A 1 7  ? 0.872   2.080   8.574   1.00 0.38 ? 175 LEU A CG   1 
ATOM 85   C CD1  . LEU A 1 7  ? 0.823   2.085   10.105  1.00 0.84 ? 175 LEU A CD1  1 
ATOM 86   C CD2  . LEU A 1 7  ? 2.271   2.521   8.127   1.00 0.87 ? 175 LEU A CD2  1 
ATOM 87   H H    . LEU A 1 7  ? -2.137  0.731   8.482   1.00 0.28 ? 175 LEU A H    1 
ATOM 88   H HA   . LEU A 1 7  ? -0.322  1.359   6.217   1.00 0.24 ? 175 LEU A HA   1 
ATOM 89   H HB2  . LEU A 1 7  ? 0.291   0.003   8.847   1.00 0.25 ? 175 LEU A HB2  1 
ATOM 90   H HB3  . LEU A 1 7  ? 1.438   0.250   7.539   1.00 0.22 ? 175 LEU A HB3  1 
ATOM 91   H HG   . LEU A 1 7  ? 0.141   2.786   8.199   1.00 1.04 ? 175 LEU A HG   1 
ATOM 92   H HD11 . LEU A 1 7  ? -0.134  1.706   10.434  1.00 1.32 ? 175 LEU A HD11 1 
ATOM 93   H HD12 . LEU A 1 7  ? 0.955   3.093   10.467  1.00 1.45 ? 175 LEU A HD12 1 
ATOM 94   H HD13 . LEU A 1 7  ? 1.611   1.456   10.493  1.00 1.47 ? 175 LEU A HD13 1 
ATOM 95   H HD21 . LEU A 1 7  ? 3.012   1.871   8.567   1.00 1.54 ? 175 LEU A HD21 1 
ATOM 96   H HD22 . LEU A 1 7  ? 2.447   3.531   8.451   1.00 1.41 ? 175 LEU A HD22 1 
ATOM 97   H HD23 . LEU A 1 7  ? 2.341   2.470   7.050   1.00 1.44 ? 175 LEU A HD23 1 
ATOM 98   N N    . VAL A 1 8  ? -0.050  -1.028  5.430   1.00 0.15 ? 176 VAL A N    1 
ATOM 99   C CA   . VAL A 1 8  ? -0.135  -2.342  4.791   1.00 0.15 ? 176 VAL A CA   1 
ATOM 100  C C    . VAL A 1 8  ? 1.256   -2.917  4.623   1.00 0.15 ? 176 VAL A C    1 
ATOM 101  O O    . VAL A 1 8  ? 2.233   -2.179  4.618   1.00 0.18 ? 176 VAL A O    1 
ATOM 102  C CB   . VAL A 1 8  ? -0.787  -2.233  3.409   1.00 0.16 ? 176 VAL A CB   1 
ATOM 103  C CG1  . VAL A 1 8  ? -2.274  -1.915  3.567   1.00 0.23 ? 176 VAL A CG1  1 
ATOM 104  C CG2  . VAL A 1 8  ? -0.103  -1.125  2.581   1.00 0.21 ? 176 VAL A CG2  1 
ATOM 105  H H    . VAL A 1 8  ? 0.588   -0.375  5.073   1.00 0.18 ? 176 VAL A H    1 
ATOM 106  H HA   . VAL A 1 8  ? -0.722  -3.012  5.404   1.00 0.18 ? 176 VAL A HA   1 
ATOM 107  H HB   . VAL A 1 8  ? -0.676  -3.179  2.898   1.00 0.21 ? 176 VAL A HB   1 
ATOM 108  H HG11 . VAL A 1 8  ? -2.764  -2.731  4.077   1.00 1.07 ? 176 VAL A HG11 1 
ATOM 109  H HG12 . VAL A 1 8  ? -2.719  -1.780  2.592   1.00 0.94 ? 176 VAL A HG12 1 
ATOM 110  H HG13 . VAL A 1 8  ? -2.388  -1.008  4.143   1.00 0.97 ? 176 VAL A HG13 1 
ATOM 111  H HG21 . VAL A 1 8  ? 0.949   -1.080  2.822   1.00 1.04 ? 176 VAL A HG21 1 
ATOM 112  H HG22 . VAL A 1 8  ? -0.559  -0.169  2.799   1.00 0.97 ? 176 VAL A HG22 1 
ATOM 113  H HG23 . VAL A 1 8  ? -0.218  -1.343  1.528   1.00 1.05 ? 176 VAL A HG23 1 
ATOM 114  N N    . ILE A 1 9  ? 1.339   -4.235  4.468   1.00 0.15 ? 177 ILE A N    1 
ATOM 115  C CA   . ILE A 1 9  ? 2.625   -4.905  4.277   1.00 0.16 ? 177 ILE A CA   1 
ATOM 116  C C    . ILE A 1 9  ? 2.577   -5.709  2.983   1.00 0.15 ? 177 ILE A C    1 
ATOM 117  O O    . ILE A 1 9  ? 1.661   -6.504  2.771   1.00 0.15 ? 177 ILE A O    1 
ATOM 118  C CB   . ILE A 1 9  ? 2.914   -5.840  5.460   1.00 0.20 ? 177 ILE A CB   1 
ATOM 119  C CG1  . ILE A 1 9  ? 2.873   -5.033  6.765   1.00 0.29 ? 177 ILE A CG1  1 
ATOM 120  C CG2  . ILE A 1 9  ? 4.312   -6.465  5.308   1.00 0.29 ? 177 ILE A CG2  1 
ATOM 121  C CD1  . ILE A 1 9  ? 2.905   -5.979  7.972   1.00 0.31 ? 177 ILE A CD1  1 
ATOM 122  H H    . ILE A 1 9  ? 0.518   -4.769  4.468   1.00 0.15 ? 177 ILE A H    1 
ATOM 123  H HA   . ILE A 1 9  ? 3.419   -4.171  4.205   1.00 0.18 ? 177 ILE A HA   1 
ATOM 124  H HB   . ILE A 1 9  ? 2.170   -6.623  5.492   1.00 0.23 ? 177 ILE A HB   1 
ATOM 125  H HG12 . ILE A 1 9  ? 3.726   -4.374  6.804   1.00 0.44 ? 177 ILE A HG12 1 
ATOM 126  H HG13 . ILE A 1 9  ? 1.966   -4.447  6.795   1.00 0.38 ? 177 ILE A HG13 1 
ATOM 127  H HG21 . ILE A 1 9  ? 4.471   -6.775  4.288   1.00 0.97 ? 177 ILE A HG21 1 
ATOM 128  H HG22 . ILE A 1 9  ? 4.392   -7.323  5.958   1.00 1.10 ? 177 ILE A HG22 1 
ATOM 129  H HG23 . ILE A 1 9  ? 5.065   -5.739  5.583   1.00 1.09 ? 177 ILE A HG23 1 
ATOM 130  H HD11 . ILE A 1 9  ? 1.907   -6.337  8.175   1.00 0.99 ? 177 ILE A HD11 1 
ATOM 131  H HD12 . ILE A 1 9  ? 3.278   -5.445  8.835   1.00 0.97 ? 177 ILE A HD12 1 
ATOM 132  H HD13 . ILE A 1 9  ? 3.554   -6.819  7.765   1.00 1.09 ? 177 ILE A HD13 1 
ATOM 133  N N    . ALA A 1 10 ? 3.563   -5.500  2.122   1.00 0.15 ? 178 ALA A N    1 
ATOM 134  C CA   . ALA A 1 10 ? 3.617   -6.218  0.854   1.00 0.14 ? 178 ALA A CA   1 
ATOM 135  C C    . ALA A 1 10 ? 4.183   -7.618  1.066   1.00 0.16 ? 178 ALA A C    1 
ATOM 136  O O    . ALA A 1 10 ? 5.343   -7.781  1.446   1.00 0.19 ? 178 ALA A O    1 
ATOM 137  C CB   . ALA A 1 10 ? 4.484   -5.448  -0.141  1.00 0.15 ? 178 ALA A CB   1 
ATOM 138  H H    . ALA A 1 10 ? 4.268   -4.856  2.341   1.00 0.17 ? 178 ALA A H    1 
ATOM 139  H HA   . ALA A 1 10 ? 2.617   -6.301  0.453   1.00 0.14 ? 178 ALA A HA   1 
ATOM 140  H HB1  . ALA A 1 10 ? 4.481   -5.958  -1.093  1.00 1.02 ? 178 ALA A HB1  1 
ATOM 141  H HB2  . ALA A 1 10 ? 5.493   -5.388  0.233   1.00 1.00 ? 178 ALA A HB2  1 
ATOM 142  H HB3  . ALA A 1 10 ? 4.086   -4.451  -0.266  1.00 1.02 ? 178 ALA A HB3  1 
ATOM 143  N N    . LEU A 1 11 ? 3.349   -8.623  0.833   1.00 0.17 ? 179 LEU A N    1 
ATOM 144  C CA   . LEU A 1 11 ? 3.760   -10.010 1.015   1.00 0.19 ? 179 LEU A CA   1 
ATOM 145  C C    . LEU A 1 11 ? 4.882   -10.387 0.053   1.00 0.21 ? 179 LEU A C    1 
ATOM 146  O O    . LEU A 1 11 ? 5.827   -11.076 0.434   1.00 0.23 ? 179 LEU A O    1 
ATOM 147  C CB   . LEU A 1 11 ? 2.563   -10.936 0.780   1.00 0.23 ? 179 LEU A CB   1 
ATOM 148  C CG   . LEU A 1 11 ? 1.523   -10.749 1.895   1.00 0.25 ? 179 LEU A CG   1 
ATOM 149  C CD1  . LEU A 1 11 ? 0.232   -11.476 1.502   1.00 0.31 ? 179 LEU A CD1  1 
ATOM 150  C CD2  . LEU A 1 11 ? 2.048   -11.313 3.232   1.00 0.26 ? 179 LEU A CD2  1 
ATOM 151  H H    . LEU A 1 11 ? 2.433   -8.429  0.542   1.00 0.18 ? 179 LEU A H    1 
ATOM 152  H HA   . LEU A 1 11 ? 4.111   -10.142 2.024   1.00 0.20 ? 179 LEU A HA   1 
ATOM 153  H HB2  . LEU A 1 11 ? 2.112   -10.697 -0.173  1.00 0.25 ? 179 LEU A HB2  1 
ATOM 154  H HB3  . LEU A 1 11 ? 2.898   -11.962 0.768   1.00 0.25 ? 179 LEU A HB3  1 
ATOM 155  H HG   . LEU A 1 11 ? 1.313   -9.694  2.009   1.00 0.24 ? 179 LEU A HG   1 
ATOM 156  H HD11 . LEU A 1 11 ? -0.277  -10.914 0.732   1.00 1.01 ? 179 LEU A HD11 1 
ATOM 157  H HD12 . LEU A 1 11 ? -0.408  -11.565 2.367   1.00 1.06 ? 179 LEU A HD12 1 
ATOM 158  H HD13 . LEU A 1 11 ? 0.473   -12.461 1.129   1.00 1.08 ? 179 LEU A HD13 1 
ATOM 159  H HD21 . LEU A 1 11 ? 1.216   -11.591 3.863   1.00 1.05 ? 179 LEU A HD21 1 
ATOM 160  H HD22 . LEU A 1 11 ? 2.634   -10.559 3.736   1.00 1.05 ? 179 LEU A HD22 1 
ATOM 161  H HD23 . LEU A 1 11 ? 2.664   -12.183 3.050   1.00 1.04 ? 179 LEU A HD23 1 
ATOM 162  N N    . TYR A 1 12 ? 4.763   -9.949  -1.203  1.00 0.24 ? 180 TYR A N    1 
ATOM 163  C CA   . TYR A 1 12 ? 5.768   -10.267 -2.226  1.00 0.29 ? 180 TYR A CA   1 
ATOM 164  C C    . TYR A 1 12 ? 6.385   -9.007  -2.821  1.00 0.24 ? 180 TYR A C    1 
ATOM 165  O O    . TYR A 1 12 ? 5.775   -7.937  -2.826  1.00 0.20 ? 180 TYR A O    1 
ATOM 166  C CB   . TYR A 1 12 ? 5.120   -11.083 -3.345  1.00 0.36 ? 180 TYR A CB   1 
ATOM 167  C CG   . TYR A 1 12 ? 4.619   -12.392 -2.785  1.00 0.40 ? 180 TYR A CG   1 
ATOM 168  C CD1  . TYR A 1 12 ? 5.514   -13.445 -2.565  1.00 1.34 ? 180 TYR A CD1  1 
ATOM 169  C CD2  . TYR A 1 12 ? 3.261   -12.550 -2.482  1.00 1.22 ? 180 TYR A CD2  1 
ATOM 170  C CE1  . TYR A 1 12 ? 5.051   -14.659 -2.041  1.00 1.36 ? 180 TYR A CE1  1 
ATOM 171  C CE2  . TYR A 1 12 ? 2.799   -13.763 -1.958  1.00 1.24 ? 180 TYR A CE2  1 
ATOM 172  C CZ   . TYR A 1 12 ? 3.693   -14.818 -1.737  1.00 0.52 ? 180 TYR A CZ   1 
ATOM 173  O OH   . TYR A 1 12 ? 3.236   -16.011 -1.220  1.00 0.59 ? 180 TYR A OH   1 
ATOM 174  H H    . TYR A 1 12 ? 3.979   -9.416  -1.452  1.00 0.23 ? 180 TYR A H    1 
ATOM 175  H HA   . TYR A 1 12 ? 6.557   -10.861 -1.786  1.00 0.35 ? 180 TYR A HA   1 
ATOM 176  H HB2  . TYR A 1 12 ? 4.292   -10.527 -3.763  1.00 0.36 ? 180 TYR A HB2  1 
ATOM 177  H HB3  . TYR A 1 12 ? 5.848   -11.278 -4.117  1.00 0.43 ? 180 TYR A HB3  1 
ATOM 178  H HD1  . TYR A 1 12 ? 6.561   -13.323 -2.799  1.00 2.23 ? 180 TYR A HD1  1 
ATOM 179  H HD2  . TYR A 1 12 ? 2.571   -11.738 -2.652  1.00 2.12 ? 180 TYR A HD2  1 
ATOM 180  H HE1  . TYR A 1 12 ? 5.741   -15.473 -1.871  1.00 2.27 ? 180 TYR A HE1  1 
ATOM 181  H HE2  . TYR A 1 12 ? 1.752   -13.885 -1.723  1.00 2.13 ? 180 TYR A HE2  1 
ATOM 182  H HH   . TYR A 1 12 ? 2.380   -15.852 -0.817  1.00 0.88 ? 180 TYR A HH   1 
ATOM 183  N N    . ASP A 1 13 ? 7.602   -9.155  -3.334  1.00 0.26 ? 181 ASP A N    1 
ATOM 184  C CA   . ASP A 1 13 ? 8.315   -8.044  -3.952  1.00 0.24 ? 181 ASP A CA   1 
ATOM 185  C C    . ASP A 1 13 ? 7.709   -7.723  -5.312  1.00 0.21 ? 181 ASP A C    1 
ATOM 186  O O    . ASP A 1 13 ? 8.029   -8.379  -6.303  1.00 0.23 ? 181 ASP A O    1 
ATOM 187  C CB   . ASP A 1 13 ? 9.781   -8.428  -4.144  1.00 0.30 ? 181 ASP A CB   1 
ATOM 188  C CG   . ASP A 1 13 ? 10.594  -7.208  -4.561  1.00 1.46 ? 181 ASP A CG   1 
ATOM 189  O OD1  . ASP A 1 13 ? 10.287  -6.127  -4.090  1.00 2.19 ? 181 ASP A OD1  1 
ATOM 190  O OD2  . ASP A 1 13 ? 11.513  -7.374  -5.346  1.00 2.30 ? 181 ASP A OD2  1 
ATOM 191  H H    . ASP A 1 13 ? 8.027   -10.038 -3.306  1.00 0.30 ? 181 ASP A H    1 
ATOM 192  H HA   . ASP A 1 13 ? 8.255   -7.176  -3.314  1.00 0.25 ? 181 ASP A HA   1 
ATOM 193  H HB2  . ASP A 1 13 ? 10.172  -8.823  -3.217  1.00 1.06 ? 181 ASP A HB2  1 
ATOM 194  H HB3  . ASP A 1 13 ? 9.851   -9.184  -4.913  1.00 1.03 ? 181 ASP A HB3  1 
ATOM 195  N N    . TYR A 1 14 ? 6.825   -6.723  -5.362  1.00 0.21 ? 182 TYR A N    1 
ATOM 196  C CA   . TYR A 1 14 ? 6.178   -6.347  -6.626  1.00 0.24 ? 182 TYR A CA   1 
ATOM 197  C C    . TYR A 1 14 ? 6.775   -5.056  -7.192  1.00 0.24 ? 182 TYR A C    1 
ATOM 198  O O    . TYR A 1 14 ? 6.596   -3.973  -6.635  1.00 0.46 ? 182 TYR A O    1 
ATOM 199  C CB   . TYR A 1 14 ? 4.667   -6.175  -6.401  1.00 0.33 ? 182 TYR A CB   1 
ATOM 200  C CG   . TYR A 1 14 ? 3.921   -5.757  -7.672  1.00 0.36 ? 182 TYR A CG   1 
ATOM 201  C CD1  . TYR A 1 14 ? 4.490   -5.867  -8.965  1.00 1.41 ? 182 TYR A CD1  1 
ATOM 202  C CD2  . TYR A 1 14 ? 2.614   -5.264  -7.545  1.00 1.12 ? 182 TYR A CD2  1 
ATOM 203  C CE1  . TYR A 1 14 ? 3.752   -5.487  -10.092 1.00 1.46 ? 182 TYR A CE1  1 
ATOM 204  C CE2  . TYR A 1 14 ? 1.885   -4.884  -8.677  1.00 1.13 ? 182 TYR A CE2  1 
ATOM 205  C CZ   . TYR A 1 14 ? 2.452   -4.997  -9.948  1.00 0.54 ? 182 TYR A CZ   1 
ATOM 206  O OH   . TYR A 1 14 ? 1.726   -4.627  -11.064 1.00 0.65 ? 182 TYR A OH   1 
ATOM 207  H H    . TYR A 1 14 ? 6.600   -6.236  -4.541  1.00 0.22 ? 182 TYR A H    1 
ATOM 208  H HA   . TYR A 1 14 ? 6.329   -7.146  -7.336  1.00 0.27 ? 182 TYR A HA   1 
ATOM 209  H HB2  . TYR A 1 14 ? 4.258   -7.111  -6.051  1.00 0.43 ? 182 TYR A HB2  1 
ATOM 210  H HB3  . TYR A 1 14 ? 4.511   -5.425  -5.641  1.00 0.36 ? 182 TYR A HB3  1 
ATOM 211  H HD1  . TYR A 1 14 ? 5.485   -6.239  -9.103  1.00 2.31 ? 182 TYR A HD1  1 
ATOM 212  H HD2  . TYR A 1 14 ? 2.169   -5.174  -6.566  1.00 2.03 ? 182 TYR A HD2  1 
ATOM 213  H HE1  . TYR A 1 14 ? 4.190   -5.570  -11.075 1.00 2.38 ? 182 TYR A HE1  1 
ATOM 214  H HE2  . TYR A 1 14 ? 0.881   -4.506  -8.571  1.00 2.02 ? 182 TYR A HE2  1 
ATOM 215  H HH   . TYR A 1 14 ? 0.800   -4.584  -10.814 1.00 1.02 ? 182 TYR A HH   1 
ATOM 216  N N    . GLN A 1 15 ? 7.475   -5.196  -8.317  1.00 0.37 ? 183 GLN A N    1 
ATOM 217  C CA   . GLN A 1 15 ? 8.104   -4.066  -9.007  1.00 0.40 ? 183 GLN A CA   1 
ATOM 218  C C    . GLN A 1 15 ? 7.197   -3.603  -10.155 1.00 0.73 ? 183 GLN A C    1 
ATOM 219  O O    . GLN A 1 15 ? 6.579   -4.427  -10.827 1.00 1.28 ? 183 GLN A O    1 
ATOM 220  C CB   . GLN A 1 15 ? 9.483   -4.526  -9.522  1.00 0.85 ? 183 GLN A CB   1 
ATOM 221  C CG   . GLN A 1 15 ? 10.058  -3.551  -10.559 1.00 1.87 ? 183 GLN A CG   1 
ATOM 222  C CD   . GLN A 1 15 ? 10.256  -2.172  -9.944  1.00 2.37 ? 183 GLN A CD   1 
ATOM 223  O OE1  . GLN A 1 15 ? 11.127  -1.986  -9.095  1.00 2.87 ? 183 GLN A OE1  1 
ATOM 224  N NE2  . GLN A 1 15 ? 9.481   -1.195  -10.317 1.00 2.65 ? 183 GLN A NE2  1 
ATOM 225  H H    . GLN A 1 15 ? 7.564   -6.092  -8.706  1.00 0.59 ? 183 GLN A H    1 
ATOM 226  H HA   . GLN A 1 15 ? 8.240   -3.250  -8.310  1.00 0.41 ? 183 GLN A HA   1 
ATOM 227  H HB2  . GLN A 1 15 ? 10.164  -4.588  -8.686  1.00 1.44 ? 183 GLN A HB2  1 
ATOM 228  H HB3  . GLN A 1 15 ? 9.384   -5.503  -9.968  1.00 0.80 ? 183 GLN A HB3  1 
ATOM 229  H HG2  . GLN A 1 15 ? 11.014  -3.926  -10.896 1.00 2.36 ? 183 GLN A HG2  1 
ATOM 230  H HG3  . GLN A 1 15 ? 9.394   -3.477  -11.405 1.00 2.27 ? 183 GLN A HG3  1 
ATOM 231  H HE21 . GLN A 1 15 ? 8.784   -1.355  -10.982 1.00 2.72 ? 183 GLN A HE21 1 
ATOM 232  H HE22 . GLN A 1 15 ? 9.597   -0.300  -9.935  1.00 3.01 ? 183 GLN A HE22 1 
ATOM 233  N N    . THR A 1 16 ? 7.091   -2.279  -10.358 1.00 0.70 ? 184 THR A N    1 
ATOM 234  C CA   . THR A 1 16 ? 6.216   -1.723  -11.410 1.00 1.11 ? 184 THR A CA   1 
ATOM 235  C C    . THR A 1 16 ? 7.021   -0.938  -12.462 1.00 0.87 ? 184 THR A C    1 
ATOM 236  O O    . THR A 1 16 ? 8.215   -0.705  -12.300 1.00 1.07 ? 184 THR A O    1 
ATOM 237  C CB   . THR A 1 16 ? 5.123   -0.856  -10.720 1.00 1.71 ? 184 THR A CB   1 
ATOM 238  O OG1  . THR A 1 16 ? 3.864   -1.466  -10.962 1.00 2.52 ? 184 THR A OG1  1 
ATOM 239  C CG2  . THR A 1 16 ? 5.066   0.597   -11.239 1.00 2.24 ? 184 THR A CG2  1 
ATOM 240  H H    . THR A 1 16 ? 7.587   -1.665  -9.776  1.00 0.73 ? 184 THR A H    1 
ATOM 241  H HA   . THR A 1 16 ? 5.719   -2.540  -11.919 1.00 1.78 ? 184 THR A HA   1 
ATOM 242  H HB   . THR A 1 16 ? 5.304   -0.842  -9.655  1.00 1.84 ? 184 THR A HB   1 
ATOM 243  H HG1  . THR A 1 16 ? 3.925   -1.954  -11.787 1.00 2.98 ? 184 THR A HG1  1 
ATOM 244  H HG21 . THR A 1 16 ? 4.521   0.611   -12.166 1.00 2.44 ? 184 THR A HG21 1 
ATOM 245  H HG22 . THR A 1 16 ? 6.057   0.993   -11.385 1.00 2.71 ? 184 THR A HG22 1 
ATOM 246  H HG23 . THR A 1 16 ? 4.557   1.219   -10.524 1.00 2.75 ? 184 THR A HG23 1 
ATOM 247  N N    . ASN A 1 17 ? 6.348   -0.531  -13.547 1.00 1.38 ? 185 ASN A N    1 
ATOM 248  C CA   . ASN A 1 17 ? 7.009   0.228   -14.620 1.00 1.77 ? 185 ASN A CA   1 
ATOM 249  C C    . ASN A 1 17 ? 6.214   1.490   -14.988 1.00 1.41 ? 185 ASN A C    1 
ATOM 250  O O    . ASN A 1 17 ? 6.384   2.038   -16.077 1.00 1.81 ? 185 ASN A O    1 
ATOM 251  C CB   . ASN A 1 17 ? 7.144   -0.647  -15.868 1.00 2.76 ? 185 ASN A CB   1 
ATOM 252  C CG   . ASN A 1 17 ? 8.006   -1.874  -15.570 1.00 3.11 ? 185 ASN A CG   1 
ATOM 253  O OD1  . ASN A 1 17 ? 8.612   -1.966  -14.505 1.00 3.23 ? 185 ASN A OD1  1 
ATOM 254  N ND2  . ASN A 1 17 ? 8.102   -2.824  -16.463 1.00 3.85 ? 185 ASN A ND2  1 
ATOM 255  H H    . ASN A 1 17 ? 5.394   -0.742  -13.627 1.00 1.79 ? 185 ASN A H    1 
ATOM 256  H HA   . ASN A 1 17 ? 7.998   0.526   -14.298 1.00 1.96 ? 185 ASN A HA   1 
ATOM 257  H HB2  . ASN A 1 17 ? 6.163   -0.966  -16.188 1.00 3.33 ? 185 ASN A HB2  1 
ATOM 258  H HB3  . ASN A 1 17 ? 7.606   -0.071  -16.656 1.00 3.13 ? 185 ASN A HB3  1 
ATOM 259  H HD21 . ASN A 1 17 ? 7.625   -2.747  -17.316 1.00 4.19 ? 185 ASN A HD21 1 
ATOM 260  H HD22 . ASN A 1 17 ? 8.650   -3.617  -16.278 1.00 4.31 ? 185 ASN A HD22 1 
ATOM 261  N N    . ASP A 1 18 ? 5.336   1.939   -14.088 1.00 0.90 ? 186 ASP A N    1 
ATOM 262  C CA   . ASP A 1 18 ? 4.504   3.127   -14.337 1.00 0.89 ? 186 ASP A CA   1 
ATOM 263  C C    . ASP A 1 18 ? 4.447   4.025   -13.091 1.00 0.79 ? 186 ASP A C    1 
ATOM 264  O O    . ASP A 1 18 ? 4.521   3.529   -11.966 1.00 0.80 ? 186 ASP A O    1 
ATOM 265  C CB   . ASP A 1 18 ? 3.072   2.690   -14.686 1.00 1.25 ? 186 ASP A CB   1 
ATOM 266  C CG   . ASP A 1 18 ? 3.037   1.944   -16.020 1.00 1.86 ? 186 ASP A CG   1 
ATOM 267  O OD1  . ASP A 1 18 ? 4.072   1.455   -16.435 1.00 2.47 ? 186 ASP A OD1  1 
ATOM 268  O OD2  . ASP A 1 18 ? 1.968   1.871   -16.603 1.00 2.41 ? 186 ASP A OD2  1 
ATOM 269  H H    . ASP A 1 18 ? 5.239   1.463   -13.249 1.00 0.92 ? 186 ASP A H    1 
ATOM 270  H HA   . ASP A 1 18 ? 4.913   3.682   -15.167 1.00 1.17 ? 186 ASP A HA   1 
ATOM 271  H HB2  . ASP A 1 18 ? 2.700   2.042   -13.908 1.00 1.76 ? 186 ASP A HB2  1 
ATOM 272  H HB3  . ASP A 1 18 ? 2.438   3.561   -14.752 1.00 1.48 ? 186 ASP A HB3  1 
ATOM 273  N N    . PRO A 1 19 ? 4.292   5.325   -13.258 1.00 1.09 ? 187 PRO A N    1 
ATOM 274  C CA   . PRO A 1 19 ? 4.197   6.281   -12.111 1.00 1.24 ? 187 PRO A CA   1 
ATOM 275  C C    . PRO A 1 19 ? 2.858   6.157   -11.386 1.00 0.95 ? 187 PRO A C    1 
ATOM 276  O O    . PRO A 1 19 ? 2.642   6.788   -10.352 1.00 1.04 ? 187 PRO A O    1 
ATOM 277  C CB   . PRO A 1 19 ? 4.347   7.658   -12.770 1.00 1.70 ? 187 PRO A CB   1 
ATOM 278  C CG   . PRO A 1 19 ? 3.828   7.468   -14.155 1.00 1.93 ? 187 PRO A CG   1 
ATOM 279  C CD   . PRO A 1 19 ? 4.198   6.036   -14.551 1.00 1.57 ? 187 PRO A CD   1 
ATOM 280  H HA   . PRO A 1 19 ? 5.009   6.118   -11.420 1.00 1.42 ? 187 PRO A HA   1 
ATOM 281  H HB2  . PRO A 1 19 ? 3.763   8.402   -12.239 1.00 1.75 ? 187 PRO A HB2  1 
ATOM 282  H HB3  . PRO A 1 19 ? 5.386   7.950   -12.799 1.00 2.05 ? 187 PRO A HB3  1 
ATOM 283  H HG2  . PRO A 1 19 ? 2.753   7.597   -14.168 1.00 2.16 ? 187 PRO A HG2  1 
ATOM 284  H HG3  . PRO A 1 19 ? 4.295   8.168   -14.832 1.00 2.35 ? 187 PRO A HG3  1 
ATOM 285  H HD2  . PRO A 1 19 ? 3.428   5.605   -15.174 1.00 1.65 ? 187 PRO A HD2  1 
ATOM 286  H HD3  . PRO A 1 19 ? 5.151   6.014   -15.055 1.00 1.74 ? 187 PRO A HD3  1 
ATOM 287  N N    . GLN A 1 20 ? 1.960   5.344   -11.942 1.00 0.86 ? 188 GLN A N    1 
ATOM 288  C CA   . GLN A 1 20 ? 0.647   5.147   -11.335 1.00 0.78 ? 188 GLN A CA   1 
ATOM 289  C C    . GLN A 1 20 ? 0.728   4.084   -10.245 1.00 0.57 ? 188 GLN A C    1 
ATOM 290  O O    . GLN A 1 20 ? 0.069   4.197   -9.216  1.00 0.64 ? 188 GLN A O    1 
ATOM 291  C CB   . GLN A 1 20 ? -0.386  4.742   -12.394 1.00 1.06 ? 188 GLN A CB   1 
ATOM 292  C CG   . GLN A 1 20 ? -0.689  5.942   -13.299 1.00 1.29 ? 188 GLN A CG   1 
ATOM 293  C CD   . GLN A 1 20 ? -1.771  5.577   -14.313 1.00 1.99 ? 188 GLN A CD   1 
ATOM 294  O OE1  . GLN A 1 20 ? -2.334  4.484   -14.254 1.00 2.61 ? 188 GLN A OE1  1 
ATOM 295  N NE2  . GLN A 1 20 ? -2.099  6.433   -15.243 1.00 2.47 ? 188 GLN A NE2  1 
ATOM 296  H H    . GLN A 1 20 ? 2.188   4.868   -12.766 1.00 1.04 ? 188 GLN A H    1 
ATOM 297  H HA   . GLN A 1 20 ? 0.328   6.076   -10.883 1.00 0.88 ? 188 GLN A HA   1 
ATOM 298  H HB2  . GLN A 1 20 ? 0.008   3.931   -12.990 1.00 1.13 ? 188 GLN A HB2  1 
ATOM 299  H HB3  . GLN A 1 20 ? -1.295  4.423   -11.906 1.00 1.16 ? 188 GLN A HB3  1 
ATOM 300  H HG2  . GLN A 1 20 ? -1.029  6.769   -12.694 1.00 1.35 ? 188 GLN A HG2  1 
ATOM 301  H HG3  . GLN A 1 20 ? 0.209   6.229   -13.824 1.00 1.69 ? 188 GLN A HG3  1 
ATOM 302  H HE21 . GLN A 1 20 ? -1.652  7.304   -15.289 1.00 2.45 ? 188 GLN A HE21 1 
ATOM 303  H HE22 . GLN A 1 20 ? -2.795  6.205   -15.895 1.00 3.13 ? 188 GLN A HE22 1 
ATOM 304  N N    . GLU A 1 21 ? 1.565   3.066   -10.460 1.00 0.62 ? 189 GLU A N    1 
ATOM 305  C CA   . GLU A 1 21 ? 1.751   2.004   -9.463  1.00 0.59 ? 189 GLU A CA   1 
ATOM 306  C C    . GLU A 1 21 ? 2.945   2.370   -8.577  1.00 0.68 ? 189 GLU A C    1 
ATOM 307  O O    . GLU A 1 21 ? 3.863   3.063   -9.015  1.00 1.47 ? 189 GLU A O    1 
ATOM 308  C CB   . GLU A 1 21 ? 2.010   0.644   -10.162 1.00 0.76 ? 189 GLU A CB   1 
ATOM 309  C CG   . GLU A 1 21 ? 0.786   -0.272  -10.080 1.00 1.58 ? 189 GLU A CG   1 
ATOM 310  C CD   . GLU A 1 21 ? -0.394  0.346   -10.816 1.00 2.38 ? 189 GLU A CD   1 
ATOM 311  O OE1  . GLU A 1 21 ? -0.242  1.445   -11.321 1.00 3.13 ? 189 GLU A OE1  1 
ATOM 312  O OE2  . GLU A 1 21 ? -1.436  -0.286  -10.856 1.00 2.80 ? 189 GLU A OE2  1 
ATOM 313  H H    . GLU A 1 21 ? 2.086   3.040   -11.290 1.00 0.84 ? 189 GLU A H    1 
ATOM 314  H HA   . GLU A 1 21 ? 0.866   1.934   -8.844  1.00 0.54 ? 189 GLU A HA   1 
ATOM 315  H HB2  . GLU A 1 21 ? 2.254   0.815   -11.198 1.00 1.20 ? 189 GLU A HB2  1 
ATOM 316  H HB3  . GLU A 1 21 ? 2.835   0.141   -9.681  1.00 1.40 ? 189 GLU A HB3  1 
ATOM 317  H HG2  . GLU A 1 21 ? 1.030   -1.222  -10.535 1.00 1.87 ? 189 GLU A HG2  1 
ATOM 318  H HG3  . GLU A 1 21 ? 0.525   -0.429  -9.045  1.00 2.27 ? 189 GLU A HG3  1 
ATOM 319  N N    . LEU A 1 22 ? 2.928   1.898   -7.334  1.00 0.43 ? 190 LEU A N    1 
ATOM 320  C CA   . LEU A 1 22 ? 4.016   2.179   -6.393  1.00 0.40 ? 190 LEU A CA   1 
ATOM 321  C C    . LEU A 1 22 ? 4.867   0.929   -6.190  1.00 0.46 ? 190 LEU A C    1 
ATOM 322  O O    . LEU A 1 22 ? 4.339   -0.147  -5.910  1.00 0.99 ? 190 LEU A O    1 
ATOM 323  C CB   . LEU A 1 22 ? 3.428   2.611   -5.046  1.00 0.34 ? 190 LEU A CB   1 
ATOM 324  C CG   . LEU A 1 22 ? 4.544   3.100   -4.105  1.00 0.37 ? 190 LEU A CG   1 
ATOM 325  C CD1  . LEU A 1 22 ? 5.109   4.449   -4.586  1.00 0.40 ? 190 LEU A CD1  1 
ATOM 326  C CD2  . LEU A 1 22 ? 3.975   3.254   -2.689  1.00 0.41 ? 190 LEU A CD2  1 
ATOM 327  H H    . LEU A 1 22 ? 2.171   1.350   -7.041  1.00 0.96 ? 190 LEU A H    1 
ATOM 328  H HA   . LEU A 1 22 ? 4.637   2.972   -6.780  1.00 0.47 ? 190 LEU A HA   1 
ATOM 329  H HB2  . LEU A 1 22 ? 2.712   3.403   -5.204  1.00 0.35 ? 190 LEU A HB2  1 
ATOM 330  H HB3  . LEU A 1 22 ? 2.929   1.767   -4.591  1.00 0.37 ? 190 LEU A HB3  1 
ATOM 331  H HG   . LEU A 1 22 ? 5.342   2.371   -4.089  1.00 0.46 ? 190 LEU A HG   1 
ATOM 332  H HD11 . LEU A 1 22 ? 4.315   5.054   -5.001  1.00 1.11 ? 190 LEU A HD11 1 
ATOM 333  H HD12 . LEU A 1 22 ? 5.862   4.278   -5.341  1.00 1.00 ? 190 LEU A HD12 1 
ATOM 334  H HD13 . LEU A 1 22 ? 5.557   4.971   -3.752  1.00 1.12 ? 190 LEU A HD13 1 
ATOM 335  H HD21 . LEU A 1 22 ? 3.528   2.323   -2.379  1.00 1.13 ? 190 LEU A HD21 1 
ATOM 336  H HD22 . LEU A 1 22 ? 3.229   4.033   -2.683  1.00 1.07 ? 190 LEU A HD22 1 
ATOM 337  H HD23 . LEU A 1 22 ? 4.772   3.514   -2.008  1.00 1.02 ? 190 LEU A HD23 1 
ATOM 338  N N    . ALA A 1 23 ? 6.184   1.070   -6.319  1.00 0.40 ? 191 ALA A N    1 
ATOM 339  C CA   . ALA A 1 23 ? 7.066   -0.075  -6.129  1.00 0.37 ? 191 ALA A CA   1 
ATOM 340  C C    . ALA A 1 23 ? 6.916   -0.598  -4.705  1.00 0.32 ? 191 ALA A C    1 
ATOM 341  O O    . ALA A 1 23 ? 6.932   0.174   -3.747  1.00 0.42 ? 191 ALA A O    1 
ATOM 342  C CB   . ALA A 1 23 ? 8.524   0.324   -6.389  1.00 0.49 ? 191 ALA A CB   1 
ATOM 343  H H    . ALA A 1 23 ? 6.562   1.947   -6.536  1.00 0.78 ? 191 ALA A H    1 
ATOM 344  H HA   . ALA A 1 23 ? 6.786   -0.855  -6.822  1.00 0.33 ? 191 ALA A HA   1 
ATOM 345  H HB1  . ALA A 1 23 ? 8.711   1.304   -5.976  1.00 1.19 ? 191 ALA A HB1  1 
ATOM 346  H HB2  . ALA A 1 23 ? 8.707   0.342   -7.454  1.00 1.00 ? 191 ALA A HB2  1 
ATOM 347  H HB3  . ALA A 1 23 ? 9.187   -0.393  -5.926  1.00 1.20 ? 191 ALA A HB3  1 
ATOM 348  N N    . LEU A 1 24 ? 6.756   -1.913  -4.573  1.00 0.27 ? 192 LEU A N    1 
ATOM 349  C CA   . LEU A 1 24 ? 6.585   -2.538  -3.259  1.00 0.24 ? 192 LEU A CA   1 
ATOM 350  C C    . LEU A 1 24 ? 7.747   -3.479  -2.962  1.00 0.24 ? 192 LEU A C    1 
ATOM 351  O O    . LEU A 1 24 ? 8.305   -4.093  -3.870  1.00 0.38 ? 192 LEU A O    1 
ATOM 352  C CB   . LEU A 1 24 ? 5.286   -3.342  -3.235  1.00 0.25 ? 192 LEU A CB   1 
ATOM 353  C CG   . LEU A 1 24 ? 4.127   -2.486  -3.743  1.00 0.25 ? 192 LEU A CG   1 
ATOM 354  C CD1  . LEU A 1 24 ? 2.842   -3.312  -3.694  1.00 0.29 ? 192 LEU A CD1  1 
ATOM 355  C CD2  . LEU A 1 24 ? 3.970   -1.232  -2.872  1.00 0.29 ? 192 LEU A CD2  1 
ATOM 356  H H    . LEU A 1 24 ? 6.741   -2.476  -5.376  1.00 0.33 ? 192 LEU A H    1 
ATOM 357  H HA   . LEU A 1 24 ? 6.542   -1.779  -2.490  1.00 0.27 ? 192 LEU A HA   1 
ATOM 358  H HB2  . LEU A 1 24 ? 5.393   -4.211  -3.864  1.00 0.27 ? 192 LEU A HB2  1 
ATOM 359  H HB3  . LEU A 1 24 ? 5.080   -3.657  -2.223  1.00 0.27 ? 192 LEU A HB3  1 
ATOM 360  H HG   . LEU A 1 24 ? 4.322   -2.195  -4.765  1.00 0.28 ? 192 LEU A HG   1 
ATOM 361  H HD11 . LEU A 1 24 ? 2.739   -3.761  -2.716  1.00 1.05 ? 192 LEU A HD11 1 
ATOM 362  H HD12 . LEU A 1 24 ? 2.882   -4.087  -4.444  1.00 1.06 ? 192 LEU A HD12 1 
ATOM 363  H HD13 . LEU A 1 24 ? 1.999   -2.670  -3.886  1.00 1.04 ? 192 LEU A HD13 1 
ATOM 364  H HD21 . LEU A 1 24 ? 2.984   -0.812  -3.016  1.00 1.06 ? 192 LEU A HD21 1 
ATOM 365  H HD22 . LEU A 1 24 ? 4.712   -0.501  -3.157  1.00 1.04 ? 192 LEU A HD22 1 
ATOM 366  H HD23 . LEU A 1 24 ? 4.102   -1.493  -1.832  1.00 1.04 ? 192 LEU A HD23 1 
ATOM 367  N N    . ARG A 1 25 ? 8.094   -3.602  -1.679  1.00 0.28 ? 193 ARG A N    1 
ATOM 368  C CA   . ARG A 1 25 ? 9.182   -4.492  -1.255  1.00 0.28 ? 193 ARG A CA   1 
ATOM 369  C C    . ARG A 1 25 ? 8.660   -5.494  -0.228  1.00 0.26 ? 193 ARG A C    1 
ATOM 370  O O    . ARG A 1 25 ? 7.792   -5.175  0.582   1.00 0.40 ? 193 ARG A O    1 
ATOM 371  C CB   . ARG A 1 25 ? 10.365  -3.695  -0.648  1.00 0.34 ? 193 ARG A CB   1 
ATOM 372  C CG   . ARG A 1 25 ? 10.245  -2.206  -0.965  1.00 0.39 ? 193 ARG A CG   1 
ATOM 373  C CD   . ARG A 1 25 ? 11.405  -1.476  -0.285  1.00 0.56 ? 193 ARG A CD   1 
ATOM 374  N NE   . ARG A 1 25 ? 11.357  -0.044  -0.569  1.00 1.41 ? 193 ARG A NE   1 
ATOM 375  C CZ   . ARG A 1 25 ? 12.465  0.690   -0.609  1.00 1.88 ? 193 ARG A CZ   1 
ATOM 376  N NH1  . ARG A 1 25 ? 13.619  0.140   -0.361  1.00 1.90 ? 193 ARG A NH1  1 
ATOM 377  N NH2  . ARG A 1 25 ? 12.401  1.961   -0.881  1.00 2.93 ? 193 ARG A NH2  1 
ATOM 378  H H    . ARG A 1 25 ? 7.600   -3.095  -1.001  1.00 0.39 ? 193 ARG A H    1 
ATOM 379  H HA   . ARG A 1 25 ? 9.540   -5.048  -2.115  1.00 0.30 ? 193 ARG A HA   1 
ATOM 380  H HB2  . ARG A 1 25 ? 10.384  -3.819  0.427   1.00 0.47 ? 193 ARG A HB2  1 
ATOM 381  H HB3  . ARG A 1 25 ? 11.295  -4.065  -1.056  1.00 0.41 ? 193 ARG A HB3  1 
ATOM 382  H HG2  . ARG A 1 25 ? 10.292  -2.055  -2.034  1.00 0.41 ? 193 ARG A HG2  1 
ATOM 383  H HG3  . ARG A 1 25 ? 9.310   -1.827  -0.584  1.00 0.46 ? 193 ARG A HG3  1 
ATOM 384  H HD2  . ARG A 1 25 ? 11.340  -1.627  0.782   1.00 1.22 ? 193 ARG A HD2  1 
ATOM 385  H HD3  . ARG A 1 25 ? 12.337  -1.888  -0.645  1.00 1.12 ? 193 ARG A HD3  1 
ATOM 386  H HE   . ARG A 1 25 ? 10.492  0.384   -0.738  1.00 2.11 ? 193 ARG A HE   1 
ATOM 387  H HH11 . ARG A 1 25 ? 13.673  -0.833  -0.139  1.00 1.81 ? 193 ARG A HH11 1 
ATOM 388  H HH12 . ARG A 1 25 ? 14.451  0.692   -0.394  1.00 2.51 ? 193 ARG A HH12 1 
ATOM 389  H HH21 . ARG A 1 25 ? 11.518  2.392   -1.061  1.00 3.48 ? 193 ARG A HH21 1 
ATOM 390  H HH22 . ARG A 1 25 ? 13.239  2.507   -0.911  1.00 3.34 ? 193 ARG A HH22 1 
ATOM 391  N N    . CYS A 1 26 ? 9.202   -6.700  -0.265  1.00 0.29 ? 194 CYS A N    1 
ATOM 392  C CA   . CYS A 1 26 ? 8.790   -7.734  0.669   1.00 0.30 ? 194 CYS A CA   1 
ATOM 393  C C    . CYS A 1 26 ? 9.175   -7.339  2.093   1.00 0.27 ? 194 CYS A C    1 
ATOM 394  O O    . CYS A 1 26 ? 10.302  -6.915  2.349   1.00 0.31 ? 194 CYS A O    1 
ATOM 395  C CB   . CYS A 1 26 ? 9.463   -9.058  0.291   1.00 0.37 ? 194 CYS A CB   1 
ATOM 396  S SG   . CYS A 1 26 ? 9.363   -10.228 1.673   1.00 1.30 ? 194 CYS A SG   1 
ATOM 397  H H    . CYS A 1 26 ? 9.893   -6.897  -0.929  1.00 0.41 ? 194 CYS A H    1 
ATOM 398  H HA   . CYS A 1 26 ? 7.719   -7.857  0.614   1.00 0.32 ? 194 CYS A HA   1 
ATOM 399  H HB2  . CYS A 1 26 ? 8.964   -9.479  -0.569  1.00 0.76 ? 194 CYS A HB2  1 
ATOM 400  H HB3  . CYS A 1 26 ? 10.499  -8.875  0.049   1.00 0.95 ? 194 CYS A HB3  1 
ATOM 401  H HG   . CYS A 1 26 ? 8.447   -10.496 1.768   1.00 1.88 ? 194 CYS A HG   1 
ATOM 402  N N    . ASP A 1 27 ? 8.227   -7.489  3.015   1.00 0.25 ? 195 ASP A N    1 
ATOM 403  C CA   . ASP A 1 27 ? 8.456   -7.154  4.420   1.00 0.28 ? 195 ASP A CA   1 
ATOM 404  C C    . ASP A 1 27 ? 8.319   -5.644  4.656   1.00 0.27 ? 195 ASP A C    1 
ATOM 405  O O    . ASP A 1 27 ? 8.187   -5.199  5.797   1.00 0.30 ? 195 ASP A O    1 
ATOM 406  C CB   . ASP A 1 27 ? 9.854   -7.649  4.864   1.00 0.33 ? 195 ASP A CB   1 
ATOM 407  C CG   . ASP A 1 27 ? 9.813   -8.194  6.294   1.00 1.17 ? 195 ASP A CG   1 
ATOM 408  O OD1  . ASP A 1 27 ? 9.418   -7.455  7.180   1.00 1.86 ? 195 ASP A OD1  1 
ATOM 409  O OD2  . ASP A 1 27 ? 10.175  -9.345  6.476   1.00 1.95 ? 195 ASP A OD2  1 
ATOM 410  H H    . ASP A 1 27 ? 7.351   -7.832  2.742   1.00 0.26 ? 195 ASP A H    1 
ATOM 411  H HA   . ASP A 1 27 ? 7.701   -7.657  5.009   1.00 0.30 ? 195 ASP A HA   1 
ATOM 412  H HB2  . ASP A 1 27 ? 10.177  -8.438  4.201   1.00 0.92 ? 195 ASP A HB2  1 
ATOM 413  H HB3  . ASP A 1 27 ? 10.565  -6.836  4.815   1.00 0.75 ? 195 ASP A HB3  1 
ATOM 414  N N    . GLU A 1 28 ? 8.344   -4.862  3.580   1.00 0.25 ? 196 GLU A N    1 
ATOM 415  C CA   . GLU A 1 28 ? 8.212   -3.404  3.695   1.00 0.25 ? 196 GLU A CA   1 
ATOM 416  C C    . GLU A 1 28 ? 6.741   -3.024  3.832   1.00 0.26 ? 196 GLU A C    1 
ATOM 417  O O    . GLU A 1 28 ? 5.855   -3.775  3.422   1.00 0.26 ? 196 GLU A O    1 
ATOM 418  C CB   . GLU A 1 28 ? 8.846   -2.720  2.467   1.00 0.26 ? 196 GLU A CB   1 
ATOM 419  C CG   . GLU A 1 28 ? 8.546   -1.209  2.442   1.00 0.38 ? 196 GLU A CG   1 
ATOM 420  C CD   . GLU A 1 28 ? 9.156   -0.514  3.657   1.00 1.25 ? 196 GLU A CD   1 
ATOM 421  O OE1  . GLU A 1 28 ? 9.965   -1.131  4.330   1.00 1.84 ? 196 GLU A OE1  1 
ATOM 422  O OE2  . GLU A 1 28 ? 8.818   0.637   3.885   1.00 2.01 ? 196 GLU A OE2  1 
ATOM 423  H H    . GLU A 1 28 ? 8.448   -5.259  2.689   1.00 0.24 ? 196 GLU A H    1 
ATOM 424  H HA   . GLU A 1 28 ? 8.734   -3.082  4.582   1.00 0.28 ? 196 GLU A HA   1 
ATOM 425  H HB2  . GLU A 1 28 ? 9.915   -2.862  2.500   1.00 0.45 ? 196 GLU A HB2  1 
ATOM 426  H HB3  . GLU A 1 28 ? 8.455   -3.170  1.570   1.00 0.42 ? 196 GLU A HB3  1 
ATOM 427  H HG2  . GLU A 1 28 ? 8.978   -0.785  1.547   1.00 0.75 ? 196 GLU A HG2  1 
ATOM 428  H HG3  . GLU A 1 28 ? 7.481   -1.042  2.425   1.00 0.75 ? 196 GLU A HG3  1 
ATOM 429  N N    . GLU A 1 29 ? 6.490   -1.852  4.419   1.00 0.28 ? 197 GLU A N    1 
ATOM 430  C CA   . GLU A 1 29 ? 5.124   -1.366  4.619   1.00 0.32 ? 197 GLU A CA   1 
ATOM 431  C C    . GLU A 1 29 ? 4.929   0.007   3.981   1.00 0.24 ? 197 GLU A C    1 
ATOM 432  O O    . GLU A 1 29 ? 5.896   0.664   3.594   1.00 0.25 ? 197 GLU A O    1 
ATOM 433  C CB   . GLU A 1 29 ? 4.823   -1.279  6.116   1.00 0.40 ? 197 GLU A CB   1 
ATOM 434  C CG   . GLU A 1 29 ? 5.985   -0.583  6.826   1.00 0.40 ? 197 GLU A CG   1 
ATOM 435  C CD   . GLU A 1 29 ? 5.610   -0.287  8.274   1.00 0.51 ? 197 GLU A CD   1 
ATOM 436  O OE1  . GLU A 1 29 ? 4.456   -0.482  8.618   1.00 1.27 ? 197 GLU A OE1  1 
ATOM 437  O OE2  . GLU A 1 29 ? 6.485   0.123   9.019   1.00 1.11 ? 197 GLU A OE2  1 
ATOM 438  H H    . GLU A 1 29 ? 7.241   -1.301  4.723   1.00 0.28 ? 197 GLU A H    1 
ATOM 439  H HA   . GLU A 1 29 ? 4.434   -2.056  4.167   1.00 0.38 ? 197 GLU A HA   1 
ATOM 440  H HB2  . GLU A 1 29 ? 3.914   -0.718  6.272   1.00 0.43 ? 197 GLU A HB2  1 
ATOM 441  H HB3  . GLU A 1 29 ? 4.706   -2.274  6.517   1.00 0.48 ? 197 GLU A HB3  1 
ATOM 442  H HG2  . GLU A 1 29 ? 6.853   -1.225  6.805   1.00 0.41 ? 197 GLU A HG2  1 
ATOM 443  H HG3  . GLU A 1 29 ? 6.212   0.343   6.318   1.00 0.34 ? 197 GLU A HG3  1 
ATOM 444  N N    . TYR A 1 30 ? 3.667   0.430   3.861   1.00 0.19 ? 198 TYR A N    1 
ATOM 445  C CA   . TYR A 1 30 ? 3.348   1.724   3.249   1.00 0.18 ? 198 TYR A CA   1 
ATOM 446  C C    . TYR A 1 30 ? 2.149   2.393   3.927   1.00 0.17 ? 198 TYR A C    1 
ATOM 447  O O    . TYR A 1 30 ? 1.412   1.765   4.686   1.00 0.17 ? 198 TYR A O    1 
ATOM 448  C CB   . TYR A 1 30 ? 3.026   1.531   1.769   1.00 0.27 ? 198 TYR A CB   1 
ATOM 449  C CG   . TYR A 1 30 ? 4.254   1.054   1.029   1.00 0.23 ? 198 TYR A CG   1 
ATOM 450  C CD1  . TYR A 1 30 ? 4.605   -0.302  1.050   1.00 1.24 ? 198 TYR A CD1  1 
ATOM 451  C CD2  . TYR A 1 30 ? 5.034   1.968   0.312   1.00 1.21 ? 198 TYR A CD2  1 
ATOM 452  C CE1  . TYR A 1 30 ? 5.738   -0.740  0.355   1.00 1.24 ? 198 TYR A CE1  1 
ATOM 453  C CE2  . TYR A 1 30 ? 6.168   1.529   -0.381  1.00 1.20 ? 198 TYR A CE2  1 
ATOM 454  C CZ   . TYR A 1 30 ? 6.519   0.176   -0.360  1.00 0.22 ? 198 TYR A CZ   1 
ATOM 455  O OH   . TYR A 1 30 ? 7.635   -0.255  -1.046  1.00 0.26 ? 198 TYR A OH   1 
ATOM 456  H H    . TYR A 1 30 ? 2.938   -0.144  4.175   1.00 0.21 ? 198 TYR A H    1 
ATOM 457  H HA   . TYR A 1 30 ? 4.203   2.380   3.333   1.00 0.18 ? 198 TYR A HA   1 
ATOM 458  H HB2  . TYR A 1 30 ? 2.238   0.800   1.665   1.00 0.35 ? 198 TYR A HB2  1 
ATOM 459  H HB3  . TYR A 1 30 ? 2.703   2.472   1.355   1.00 0.34 ? 198 TYR A HB3  1 
ATOM 460  H HD1  . TYR A 1 30 ? 4.003   -1.007  1.603   1.00 2.16 ? 198 TYR A HD1  1 
ATOM 461  H HD2  . TYR A 1 30 ? 4.762   3.013   0.295   1.00 2.14 ? 198 TYR A HD2  1 
ATOM 462  H HE1  . TYR A 1 30 ? 6.010   -1.785  0.369   1.00 2.17 ? 198 TYR A HE1  1 
ATOM 463  H HE2  . TYR A 1 30 ? 6.771   2.234   -0.932  1.00 2.12 ? 198 TYR A HE2  1 
ATOM 464  H HH   . TYR A 1 30 ? 7.626   0.153   -1.915  1.00 0.91 ? 198 TYR A HH   1 
ATOM 465  N N    . TYR A 1 31 ? 1.962   3.677   3.617   1.00 0.18 ? 199 TYR A N    1 
ATOM 466  C CA   . TYR A 1 31 ? 0.850   4.470   4.152   1.00 0.19 ? 199 TYR A CA   1 
ATOM 467  C C    . TYR A 1 31 ? -0.391  4.262   3.268   1.00 0.18 ? 199 TYR A C    1 
ATOM 468  O O    . TYR A 1 31 ? -0.357  4.528   2.069   1.00 0.20 ? 199 TYR A O    1 
ATOM 469  C CB   . TYR A 1 31 ? 1.273   5.971   4.152   1.00 0.23 ? 199 TYR A CB   1 
ATOM 470  C CG   . TYR A 1 31 ? 1.431   6.564   5.554   1.00 0.23 ? 199 TYR A CG   1 
ATOM 471  C CD1  . TYR A 1 31 ? 1.912   5.804   6.638   1.00 1.25 ? 199 TYR A CD1  1 
ATOM 472  C CD2  . TYR A 1 31 ? 1.098   7.914   5.755   1.00 1.23 ? 199 TYR A CD2  1 
ATOM 473  C CE1  . TYR A 1 31 ? 2.050   6.397   7.902   1.00 1.30 ? 199 TYR A CE1  1 
ATOM 474  C CE2  . TYR A 1 31 ? 1.239   8.498   7.019   1.00 1.24 ? 199 TYR A CE2  1 
ATOM 475  C CZ   . TYR A 1 31 ? 1.715   7.739   8.091   1.00 0.43 ? 199 TYR A CZ   1 
ATOM 476  O OH   . TYR A 1 31 ? 1.853   8.316   9.339   1.00 0.55 ? 199 TYR A OH   1 
ATOM 477  H H    . TYR A 1 31 ? 2.577   4.099   2.982   1.00 0.20 ? 199 TYR A H    1 
ATOM 478  H HA   . TYR A 1 31 ? 0.613   4.145   5.146   1.00 0.19 ? 199 TYR A HA   1 
ATOM 479  H HB2  . TYR A 1 31 ? 2.219   6.060   3.641   1.00 0.25 ? 199 TYR A HB2  1 
ATOM 480  H HB3  . TYR A 1 31 ? 0.539   6.556   3.610   1.00 0.31 ? 199 TYR A HB3  1 
ATOM 481  H HD1  . TYR A 1 31 ? 2.185   4.772   6.504   1.00 2.16 ? 199 TYR A HD1  1 
ATOM 482  H HD2  . TYR A 1 31 ? 0.733   8.506   4.930   1.00 2.16 ? 199 TYR A HD2  1 
ATOM 483  H HE1  . TYR A 1 31 ? 2.417   5.817   8.734   1.00 2.23 ? 199 TYR A HE1  1 
ATOM 484  H HE2  . TYR A 1 31 ? 0.984   9.537   7.164   1.00 2.16 ? 199 TYR A HE2  1 
ATOM 485  H HH   . TYR A 1 31 ? 1.977   7.611   9.979   1.00 1.03 ? 199 TYR A HH   1 
ATOM 486  N N    . LEU A 1 32 ? -1.481  3.784   3.872   1.00 0.20 ? 200 LEU A N    1 
ATOM 487  C CA   . LEU A 1 32 ? -2.720  3.539   3.128   1.00 0.23 ? 200 LEU A CA   1 
ATOM 488  C C    . LEU A 1 32 ? -3.570  4.803   3.084   1.00 0.23 ? 200 LEU A C    1 
ATOM 489  O O    . LEU A 1 32 ? -3.839  5.415   4.117   1.00 0.26 ? 200 LEU A O    1 
ATOM 490  C CB   . LEU A 1 32 ? -3.527  2.432   3.804   1.00 0.29 ? 200 LEU A CB   1 
ATOM 491  C CG   . LEU A 1 32 ? -4.670  1.981   2.874   1.00 0.43 ? 200 LEU A CG   1 
ATOM 492  C CD1  . LEU A 1 32 ? -4.113  1.209   1.650   1.00 1.13 ? 200 LEU A CD1  1 
ATOM 493  C CD2  . LEU A 1 32 ? -5.643  1.092   3.660   1.00 1.08 ? 200 LEU A CD2  1 
ATOM 494  H H    . LEU A 1 32 ? -1.451  3.585   4.831   1.00 0.22 ? 200 LEU A H    1 
ATOM 495  H HA   . LEU A 1 32 ? -2.480  3.234   2.120   1.00 0.24 ? 200 LEU A HA   1 
ATOM 496  H HB2  . LEU A 1 32 ? -2.882  1.594   4.025   1.00 0.33 ? 200 LEU A HB2  1 
ATOM 497  H HB3  . LEU A 1 32 ? -3.945  2.815   4.720   1.00 0.33 ? 200 LEU A HB3  1 
ATOM 498  H HG   . LEU A 1 32 ? -5.200  2.854   2.522   1.00 0.36 ? 200 LEU A HG   1 
ATOM 499  H HD11 . LEU A 1 32 ? -4.655  0.282   1.514   1.00 1.46 ? 200 LEU A HD11 1 
ATOM 500  H HD12 . LEU A 1 32 ? -3.064  0.986   1.789   1.00 1.73 ? 200 LEU A HD12 1 
ATOM 501  H HD13 . LEU A 1 32 ? -4.231  1.818   0.766   1.00 1.63 ? 200 LEU A HD13 1 
ATOM 502  H HD21 . LEU A 1 32 ? -6.434  0.762   3.006   1.00 1.58 ? 200 LEU A HD21 1 
ATOM 503  H HD22 . LEU A 1 32 ? -6.068  1.657   4.476   1.00 1.45 ? 200 LEU A HD22 1 
ATOM 504  H HD23 . LEU A 1 32 ? -5.113  0.234   4.049   1.00 1.72 ? 200 LEU A HD23 1 
ATOM 505  N N    . LEU A 1 33 ? -3.988  5.193   1.880   1.00 0.25 ? 201 LEU A N    1 
ATOM 506  C CA   . LEU A 1 33 ? -4.806  6.395   1.706   1.00 0.31 ? 201 LEU A CA   1 
ATOM 507  C C    . LEU A 1 33 ? -6.273  6.047   1.432   1.00 0.36 ? 201 LEU A C    1 
ATOM 508  O O    . LEU A 1 33 ? -7.156  6.416   2.205   1.00 0.44 ? 201 LEU A O    1 
ATOM 509  C CB   . LEU A 1 33 ? -4.246  7.237   0.550   1.00 0.33 ? 201 LEU A CB   1 
ATOM 510  C CG   . LEU A 1 33 ? -2.787  7.666   0.862   1.00 0.29 ? 201 LEU A CG   1 
ATOM 511  C CD1  . LEU A 1 33 ? -1.790  6.632   0.302   1.00 0.59 ? 201 LEU A CD1  1 
ATOM 512  C CD2  . LEU A 1 33 ? -2.499  9.039   0.233   1.00 0.47 ? 201 LEU A CD2  1 
ATOM 513  H H    . LEU A 1 33 ? -3.738  4.665   1.094   1.00 0.25 ? 201 LEU A H    1 
ATOM 514  H HA   . LEU A 1 33 ? -4.762  6.990   2.609   1.00 0.34 ? 201 LEU A HA   1 
ATOM 515  H HB2  . LEU A 1 33 ? -4.270  6.653   -0.361  1.00 0.40 ? 201 LEU A HB2  1 
ATOM 516  H HB3  . LEU A 1 33 ? -4.863  8.115   0.425   1.00 0.46 ? 201 LEU A HB3  1 
ATOM 517  H HG   . LEU A 1 33 ? -2.651  7.735   1.935   1.00 0.54 ? 201 LEU A HG   1 
ATOM 518  H HD11 . LEU A 1 33 ? -0.881  6.660   0.884   1.00 1.05 ? 201 LEU A HD11 1 
ATOM 519  H HD12 . LEU A 1 33 ? -1.563  6.861   -0.730  1.00 1.17 ? 201 LEU A HD12 1 
ATOM 520  H HD13 . LEU A 1 33 ? -2.218  5.642   0.358   1.00 1.35 ? 201 LEU A HD13 1 
ATOM 521  H HD21 . LEU A 1 33 ? -3.199  9.766   0.620   1.00 1.14 ? 201 LEU A HD21 1 
ATOM 522  H HD22 . LEU A 1 33 ? -2.604  8.973   -0.840  1.00 1.16 ? 201 LEU A HD22 1 
ATOM 523  H HD23 . LEU A 1 33 ? -1.492  9.343   0.478   1.00 1.19 ? 201 LEU A HD23 1 
ATOM 524  N N    . ASP A 1 34 ? -6.534  5.352   0.321   1.00 0.40 ? 202 ASP A N    1 
ATOM 525  C CA   . ASP A 1 34 ? -7.909  4.981   -0.047  1.00 0.48 ? 202 ASP A CA   1 
ATOM 526  C C    . ASP A 1 34 ? -8.190  3.510   0.273   1.00 0.38 ? 202 ASP A C    1 
ATOM 527  O O    . ASP A 1 34 ? -7.734  2.616   -0.441  1.00 0.39 ? 202 ASP A O    1 
ATOM 528  C CB   . ASP A 1 34 ? -8.110  5.234   -1.544  1.00 0.63 ? 202 ASP A CB   1 
ATOM 529  C CG   . ASP A 1 34 ? -9.597  5.274   -1.880  1.00 1.22 ? 202 ASP A CG   1 
ATOM 530  O OD1  . ASP A 1 34 ? -10.347 5.829   -1.094  1.00 1.83 ? 202 ASP A OD1  1 
ATOM 531  O OD2  . ASP A 1 34 ? -9.963  4.753   -2.920  1.00 1.88 ? 202 ASP A OD2  1 
ATOM 532  H H    . ASP A 1 34 ? -5.791  5.093   -0.266  1.00 0.44 ? 202 ASP A H    1 
ATOM 533  H HA   . ASP A 1 34 ? -8.607  5.597   0.504   1.00 0.60 ? 202 ASP A HA   1 
ATOM 534  H HB2  . ASP A 1 34 ? -7.658  6.180   -1.808  1.00 0.78 ? 202 ASP A HB2  1 
ATOM 535  H HB3  . ASP A 1 34 ? -7.637  4.443   -2.107  1.00 0.95 ? 202 ASP A HB3  1 
ATOM 536  N N    . SER A 1 35 ? -8.934  3.262   1.363   1.00 0.41 ? 203 SER A N    1 
ATOM 537  C CA   . SER A 1 35 ? -9.259  1.887   1.781   1.00 0.44 ? 203 SER A CA   1 
ATOM 538  C C    . SER A 1 35 ? -10.730 1.506   1.504   1.00 0.53 ? 203 SER A C    1 
ATOM 539  O O    . SER A 1 35 ? -11.064 0.322   1.473   1.00 1.28 ? 203 SER A O    1 
ATOM 540  C CB   . SER A 1 35 ? -8.962  1.729   3.276   1.00 0.54 ? 203 SER A CB   1 
ATOM 541  O OG   . SER A 1 35 ? -10.092 2.142   4.029   1.00 0.89 ? 203 SER A OG   1 
ATOM 542  H H    . SER A 1 35 ? -9.259  4.015   1.898   1.00 0.50 ? 203 SER A H    1 
ATOM 543  H HA   . SER A 1 35 ? -8.624  1.198   1.237   1.00 0.44 ? 203 SER A HA   1 
ATOM 544  H HB2  . SER A 1 35 ? -8.743  0.697   3.500   1.00 0.54 ? 203 SER A HB2  1 
ATOM 545  H HB3  . SER A 1 35 ? -8.105  2.338   3.534   1.00 0.58 ? 203 SER A HB3  1 
ATOM 546  H HG   . SER A 1 35 ? -10.099 3.100   4.052   1.00 1.19 ? 203 SER A HG   1 
ATOM 547  N N    . SER A 1 36 ? -11.607 2.497   1.313   1.00 1.06 ? 204 SER A N    1 
ATOM 548  C CA   . SER A 1 36 ? -13.035 2.215   1.051   1.00 1.22 ? 204 SER A CA   1 
ATOM 549  C C    . SER A 1 36 ? -13.208 1.467   -0.268  1.00 1.19 ? 204 SER A C    1 
ATOM 550  O O    . SER A 1 36 ? -14.190 0.764   -0.492  1.00 1.37 ? 204 SER A O    1 
ATOM 551  C CB   . SER A 1 36 ? -13.817 3.527   0.991   1.00 1.74 ? 204 SER A CB   1 
ATOM 552  O OG   . SER A 1 36 ? -15.207 3.247   1.037   1.00 2.40 ? 204 SER A OG   1 
ATOM 553  H H    . SER A 1 36 ? -11.299 3.427   1.351   1.00 1.73 ? 204 SER A H    1 
ATOM 554  H HA   . SER A 1 36 ? -13.427 1.611   1.853   1.00 1.50 ? 204 SER A HA   1 
ATOM 555  H HB2  . SER A 1 36 ? -13.555 4.141   1.834   1.00 2.17 ? 204 SER A HB2  1 
ATOM 556  H HB3  . SER A 1 36 ? -13.573 4.052   0.076   1.00 2.06 ? 204 SER A HB3  1 
ATOM 557  H HG   . SER A 1 36 ? -15.595 3.543   0.211   1.00 2.75 ? 204 SER A HG   1 
ATOM 558  N N    . GLU A 1 37 ? -12.222 1.672   -1.105  1.00 1.55 ? 205 GLU A N    1 
ATOM 559  C CA   . GLU A 1 37 ? -12.092 1.110   -2.448  1.00 2.12 ? 205 GLU A CA   1 
ATOM 560  C C    . GLU A 1 37 ? -12.922 -0.134  -2.820  1.00 1.71 ? 205 GLU A C    1 
ATOM 561  O O    . GLU A 1 37 ? -13.527 -0.827  -2.005  1.00 2.36 ? 205 GLU A O    1 
ATOM 562  C CB   . GLU A 1 37 ? -10.631 0.748   -2.593  1.00 3.27 ? 205 GLU A CB   1 
ATOM 563  C CG   . GLU A 1 37 ? -10.357 0.151   -3.971  1.00 4.24 ? 205 GLU A CG   1 
ATOM 564  C CD   . GLU A 1 37 ? -8.914  0.164   -4.212  1.00 5.32 ? 205 GLU A CD   1 
ATOM 565  O OE1  . GLU A 1 37 ? -8.353  1.214   -3.985  1.00 5.85 ? 205 GLU A OE1  1 
ATOM 566  O OE2  . GLU A 1 37 ? -8.378  -0.872  -4.572  1.00 5.90 ? 205 GLU A OE2  1 
ATOM 567  H H    . GLU A 1 37 ? -11.502 2.265   -0.803  1.00 1.68 ? 205 GLU A H    1 
ATOM 568  H HA   . GLU A 1 37 ? -12.298 1.884   -3.166  1.00 2.58 ? 205 GLU A HA   1 
ATOM 569  H HB2  . GLU A 1 37 ? -10.037 1.639   -2.449  1.00 3.52 ? 205 GLU A HB2  1 
ATOM 570  H HB3  . GLU A 1 37 ? -10.376 0.024   -1.833  1.00 3.56 ? 205 GLU A HB3  1 
ATOM 571  H HG2  . GLU A 1 37 ? -10.695 -0.873  -4.008  1.00 4.45 ? 205 GLU A HG2  1 
ATOM 572  H HG3  . GLU A 1 37 ? -10.839 0.742   -4.729  1.00 4.36 ? 205 GLU A HG3  1 
ATOM 573  N N    . ILE A 1 38 ? -12.820 -0.390  -4.130  1.00 1.42 ? 206 ILE A N    1 
ATOM 574  C CA   . ILE A 1 38 ? -13.400 -1.499  -4.848  1.00 1.83 ? 206 ILE A CA   1 
ATOM 575  C C    . ILE A 1 38 ? -12.422 -1.837  -5.993  1.00 1.56 ? 206 ILE A C    1 
ATOM 576  O O    . ILE A 1 38 ? -12.399 -2.959  -6.495  1.00 2.15 ? 206 ILE A O    1 
ATOM 577  C CB   . ILE A 1 38 ? -14.751 -1.101  -5.473  1.00 2.47 ? 206 ILE A CB   1 
ATOM 578  C CG1  . ILE A 1 38 ? -15.678 -0.436  -4.443  1.00 2.86 ? 206 ILE A CG1  1 
ATOM 579  C CG2  . ILE A 1 38 ? -15.441 -2.341  -6.045  1.00 3.30 ? 206 ILE A CG2  1 
ATOM 580  C CD1  . ILE A 1 38 ? -16.215 -1.469  -3.440  1.00 3.20 ? 206 ILE A CD1  1 
ATOM 581  H H    . ILE A 1 38 ? -12.276 0.219   -4.652  1.00 1.63 ? 206 ILE A H    1 
ATOM 582  H HA   . ILE A 1 38 ? -13.505 -2.352  -4.203  1.00 2.37 ? 206 ILE A HA   1 
ATOM 583  H HB   . ILE A 1 38 ? -14.566 -0.403  -6.281  1.00 2.43 ? 206 ILE A HB   1 
ATOM 584  H HG12 . ILE A 1 38 ? -15.144 0.336   -3.919  1.00 3.18 ? 206 ILE A HG12 1 
ATOM 585  H HG13 . ILE A 1 38 ? -16.510 0.011   -4.964  1.00 3.02 ? 206 ILE A HG13 1 
ATOM 586  H HG21 . ILE A 1 38 ? -16.479 -2.116  -6.246  1.00 3.68 ? 206 ILE A HG21 1 
ATOM 587  H HG22 . ILE A 1 38 ? -15.380 -3.149  -5.333  1.00 3.65 ? 206 ILE A HG22 1 
ATOM 588  H HG23 . ILE A 1 38 ? -14.954 -2.633  -6.963  1.00 3.63 ? 206 ILE A HG23 1 
ATOM 589  H HD11 . ILE A 1 38 ? -16.511 -0.967  -2.533  1.00 3.57 ? 206 ILE A HD11 1 
ATOM 590  H HD12 . ILE A 1 38 ? -15.457 -2.195  -3.212  1.00 3.55 ? 206 ILE A HD12 1 
ATOM 591  H HD13 . ILE A 1 38 ? -17.070 -1.969  -3.868  1.00 3.36 ? 206 ILE A HD13 1 
ATOM 592  N N    . HIS A 1 39 ? -11.644 -0.823  -6.428  1.00 0.97 ? 207 HIS A N    1 
ATOM 593  C CA   . HIS A 1 39 ? -10.701 -0.981  -7.553  1.00 0.78 ? 207 HIS A CA   1 
ATOM 594  C C    . HIS A 1 39 ? -9.210  -1.194  -7.146  1.00 0.58 ? 207 HIS A C    1 
ATOM 595  O O    . HIS A 1 39 ? -8.751  -2.333  -7.077  1.00 0.76 ? 207 HIS A O    1 
ATOM 596  C CB   . HIS A 1 39 ? -10.818 0.251   -8.477  1.00 0.92 ? 207 HIS A CB   1 
ATOM 597  C CG   . HIS A 1 39 ? -12.213 0.811   -8.400  1.00 1.36 ? 207 HIS A CG   1 
ATOM 598  N ND1  . HIS A 1 39 ? -13.314 0.134   -8.899  1.00 1.83 ? 207 HIS A ND1  1 
ATOM 599  C CD2  . HIS A 1 39 ? -12.696 1.986   -7.883  1.00 1.69 ? 207 HIS A CD2  1 
ATOM 600  C CE1  . HIS A 1 39 ? -14.395 0.906   -8.679  1.00 2.19 ? 207 HIS A CE1  1 
ATOM 601  N NE2  . HIS A 1 39 ? -14.074 2.046   -8.061  1.00 2.12 ? 207 HIS A NE2  1 
ATOM 602  H H    . HIS A 1 39 ? -11.739 0.057   -6.014  1.00 1.09 ? 207 HIS A H    1 
ATOM 603  H HA   . HIS A 1 39 ? -11.005 -1.846  -8.126  1.00 0.95 ? 207 HIS A HA   1 
ATOM 604  H HB2  . HIS A 1 39 ? -10.123 1.013   -8.171  1.00 0.85 ? 207 HIS A HB2  1 
ATOM 605  H HB3  . HIS A 1 39 ? -10.606 -0.036  -9.497  1.00 1.05 ? 207 HIS A HB3  1 
ATOM 606  H HD1  . HIS A 1 39 ? -13.310 -0.750  -9.320  1.00 2.02 ? 207 HIS A HD1  1 
ATOM 607  H HD2  . HIS A 1 39 ? -12.098 2.745   -7.399  1.00 1.83 ? 207 HIS A HD2  1 
ATOM 608  H HE1  . HIS A 1 39 ? -15.399 0.640   -8.975  1.00 2.63 ? 207 HIS A HE1  1 
ATOM 609  N N    . TRP A 1 40 ? -8.438  -0.096  -6.968  1.00 0.50 ? 208 TRP A N    1 
ATOM 610  C CA   . TRP A 1 40 ? -6.984  -0.192  -6.680  1.00 0.38 ? 208 TRP A CA   1 
ATOM 611  C C    . TRP A 1 40 ? -6.553  0.618   -5.451  1.00 0.35 ? 208 TRP A C    1 
ATOM 612  O O    . TRP A 1 40 ? -6.753  1.834   -5.400  1.00 0.40 ? 208 TRP A O    1 
ATOM 613  C CB   . TRP A 1 40 ? -6.256  0.348   -7.898  1.00 0.49 ? 208 TRP A CB   1 
ATOM 614  C CG   . TRP A 1 40 ? -6.347  -0.632  -9.011  1.00 0.56 ? 208 TRP A CG   1 
ATOM 615  C CD1  . TRP A 1 40 ? -7.297  -0.644  -9.971  1.00 0.74 ? 208 TRP A CD1  1 
ATOM 616  C CD2  . TRP A 1 40 ? -5.462  -1.739  -9.292  1.00 0.50 ? 208 TRP A CD2  1 
ATOM 617  N NE1  . TRP A 1 40 ? -7.042  -1.695  -10.832 1.00 0.78 ? 208 TRP A NE1  1 
ATOM 618  C CE2  . TRP A 1 40 ? -5.918  -2.400  -10.453 1.00 0.62 ? 208 TRP A CE2  1 
ATOM 619  C CE3  . TRP A 1 40 ? -4.315  -2.226  -8.653  1.00 0.47 ? 208 TRP A CE3  1 
ATOM 620  C CZ2  . TRP A 1 40 ? -5.250  -3.511  -10.967 1.00 0.62 ? 208 TRP A CZ2  1 
ATOM 621  C CZ3  . TRP A 1 40 ? -3.642  -3.340  -9.163  1.00 0.53 ? 208 TRP A CZ3  1 
ATOM 622  C CH2  . TRP A 1 40 ? -4.106  -3.983  -10.319 1.00 0.56 ? 208 TRP A CH2  1 
ATOM 623  H H    . TRP A 1 40 ? -8.832  0.787   -7.093  1.00 0.71 ? 208 TRP A H    1 
ATOM 624  H HA   . TRP A 1 40 ? -6.706  -1.227  -6.533  1.00 0.44 ? 208 TRP A HA   1 
ATOM 625  H HB2  . TRP A 1 40 ? -6.716  1.276   -8.202  1.00 0.59 ? 208 TRP A HB2  1 
ATOM 626  H HB3  . TRP A 1 40 ? -5.229  0.522   -7.654  1.00 0.55 ? 208 TRP A HB3  1 
ATOM 627  H HD1  . TRP A 1 40 ? -8.118  0.053   -10.052 1.00 0.87 ? 208 TRP A HD1  1 
ATOM 628  H HE1  . TRP A 1 40 ? -7.580  -1.925  -11.618 1.00 0.92 ? 208 TRP A HE1  1 
ATOM 629  H HE3  . TRP A 1 40 ? -3.951  -1.739  -7.759  1.00 0.48 ? 208 TRP A HE3  1 
ATOM 630  H HZ2  . TRP A 1 40 ? -5.613  -4.000  -11.858 1.00 0.73 ? 208 TRP A HZ2  1 
ATOM 631  H HZ3  . TRP A 1 40 ? -2.761  -3.700  -8.664  1.00 0.62 ? 208 TRP A HZ3  1 
ATOM 632  H HH2  . TRP A 1 40 ? -3.580  -4.842  -10.706 1.00 0.61 ? 208 TRP A HH2  1 
ATOM 633  N N    . TRP A 1 41 ? -5.992  -0.083  -4.450  1.00 0.32 ? 209 TRP A N    1 
ATOM 634  C CA   . TRP A 1 41 ? -5.585  0.547   -3.178  1.00 0.30 ? 209 TRP A CA   1 
ATOM 635  C C    . TRP A 1 41 ? -4.374  1.445   -3.376  1.00 0.29 ? 209 TRP A C    1 
ATOM 636  O O    . TRP A 1 41 ? -3.320  1.016   -3.843  1.00 0.29 ? 209 TRP A O    1 
ATOM 637  C CB   . TRP A 1 41 ? -5.223  -0.561  -2.132  1.00 0.28 ? 209 TRP A CB   1 
ATOM 638  C CG   . TRP A 1 41 ? -6.333  -0.872  -1.139  1.00 0.28 ? 209 TRP A CG   1 
ATOM 639  C CD1  . TRP A 1 41 ? -7.638  -0.510  -1.219  1.00 0.34 ? 209 TRP A CD1  1 
ATOM 640  C CD2  . TRP A 1 41 ? -6.219  -1.624  0.113   1.00 0.25 ? 209 TRP A CD2  1 
ATOM 641  N NE1  . TRP A 1 41 ? -8.322  -1.009  -0.130  1.00 0.34 ? 209 TRP A NE1  1 
ATOM 642  C CE2  . TRP A 1 41 ? -7.495  -1.696  0.720   1.00 0.29 ? 209 TRP A CE2  1 
ATOM 643  C CE3  . TRP A 1 41 ? -5.144  -2.251  0.772   1.00 0.22 ? 209 TRP A CE3  1 
ATOM 644  C CZ2  . TRP A 1 41 ? -7.700  -2.359  1.926   1.00 0.28 ? 209 TRP A CZ2  1 
ATOM 645  C CZ3  . TRP A 1 41 ? -5.354  -2.917  1.994   1.00 0.23 ? 209 TRP A CZ3  1 
ATOM 646  C CH2  . TRP A 1 41 ? -6.628  -2.969  2.563   1.00 0.25 ? 209 TRP A CH2  1 
ATOM 647  H H    . TRP A 1 41 ? -5.879  -1.051  -4.548  1.00 0.34 ? 209 TRP A H    1 
ATOM 648  H HA   . TRP A 1 41 ? -6.385  1.147   -2.797  1.00 0.32 ? 209 TRP A HA   1 
ATOM 649  H HB2  . TRP A 1 41 ? -4.991  -1.468  -2.667  1.00 0.29 ? 209 TRP A HB2  1 
ATOM 650  H HB3  . TRP A 1 41 ? -4.342  -0.263  -1.576  1.00 0.27 ? 209 TRP A HB3  1 
ATOM 651  H HD1  . TRP A 1 41 ? -8.079  0.056   -1.991  1.00 0.38 ? 209 TRP A HD1  1 
ATOM 652  H HE1  . TRP A 1 41 ? -9.281  -0.894  0.037   1.00 0.39 ? 209 TRP A HE1  1 
ATOM 653  H HE3  . TRP A 1 41 ? -4.154  -2.217  0.338   1.00 0.21 ? 209 TRP A HE3  1 
ATOM 654  H HZ2  . TRP A 1 41 ? -8.686  -2.401  2.365   1.00 0.32 ? 209 TRP A HZ2  1 
ATOM 655  H HZ3  . TRP A 1 41 ? -4.533  -3.384  2.505   1.00 0.24 ? 209 TRP A HZ3  1 
ATOM 656  H HH2  . TRP A 1 41 ? -6.780  -3.483  3.493   1.00 0.27 ? 209 TRP A HH2  1 
ATOM 657  N N    . ARG A 1 42 ? -4.550  2.699   -2.974  1.00 0.30 ? 210 ARG A N    1 
ATOM 658  C CA   . ARG A 1 42 ? -3.487  3.681   -3.056  1.00 0.30 ? 210 ARG A CA   1 
ATOM 659  C C    . ARG A 1 42 ? -2.581  3.549   -1.848  1.00 0.28 ? 210 ARG A C    1 
ATOM 660  O O    . ARG A 1 42 ? -3.045  3.367   -0.722  1.00 0.32 ? 210 ARG A O    1 
ATOM 661  C CB   . ARG A 1 42 ? -4.063  5.105   -3.101  1.00 0.35 ? 210 ARG A CB   1 
ATOM 662  C CG   . ARG A 1 42 ? -4.567  5.433   -4.510  1.00 1.03 ? 210 ARG A CG   1 
ATOM 663  C CD   . ARG A 1 42 ? -5.179  6.838   -4.518  1.00 1.05 ? 210 ARG A CD   1 
ATOM 664  N NE   . ARG A 1 42 ? -5.228  7.361   -5.878  1.00 1.84 ? 210 ARG A NE   1 
ATOM 665  C CZ   . ARG A 1 42 ? -5.631  8.604   -6.117  1.00 2.11 ? 210 ARG A CZ   1 
ATOM 666  N NH1  . ARG A 1 42 ? -6.081  9.343   -5.140  1.00 2.12 ? 210 ARG A NH1  1 
ATOM 667  N NH2  . ARG A 1 42 ? -5.587  9.085   -7.329  1.00 2.84 ? 210 ARG A NH2  1 
ATOM 668  H H    . ARG A 1 42 ? -5.413  2.961   -2.589  1.00 0.33 ? 210 ARG A H    1 
ATOM 669  H HA   . ARG A 1 42 ? -2.909  3.506   -3.952  1.00 0.29 ? 210 ARG A HA   1 
ATOM 670  H HB2  . ARG A 1 42 ? -4.882  5.181   -2.402  1.00 0.66 ? 210 ARG A HB2  1 
ATOM 671  H HB3  . ARG A 1 42 ? -3.294  5.815   -2.827  1.00 0.88 ? 210 ARG A HB3  1 
ATOM 672  H HG2  . ARG A 1 42 ? -3.741  5.396   -5.205  1.00 1.54 ? 210 ARG A HG2  1 
ATOM 673  H HG3  . ARG A 1 42 ? -5.317  4.713   -4.802  1.00 1.43 ? 210 ARG A HG3  1 
ATOM 674  H HD2  . ARG A 1 42 ? -6.181  6.793   -4.121  1.00 0.90 ? 210 ARG A HD2  1 
ATOM 675  H HD3  . ARG A 1 42 ? -4.582  7.498   -3.903  1.00 1.12 ? 210 ARG A HD3  1 
ATOM 676  H HE   . ARG A 1 42 ? -4.926  6.798   -6.622  1.00 2.44 ? 210 ARG A HE   1 
ATOM 677  H HH11 . ARG A 1 42 ? -6.123  8.973   -4.211  1.00 1.88 ? 210 ARG A HH11 1 
ATOM 678  H HH12 . ARG A 1 42 ? -6.384  10.279  -5.319  1.00 2.70 ? 210 ARG A HH12 1 
ATOM 679  H HH21 . ARG A 1 42 ? -5.249  8.518   -8.080  1.00 3.25 ? 210 ARG A HH21 1 
ATOM 680  H HH22 . ARG A 1 42 ? -5.887  10.023  -7.505  1.00 3.15 ? 210 ARG A HH22 1 
ATOM 681  N N    . VAL A 1 43 ? -1.287  3.656   -2.086  1.00 0.24 ? 211 VAL A N    1 
ATOM 682  C CA   . VAL A 1 43 ? -0.305  3.567   -1.017  1.00 0.24 ? 211 VAL A CA   1 
ATOM 683  C C    . VAL A 1 43 ? 0.723   4.673   -1.183  1.00 0.22 ? 211 VAL A C    1 
ATOM 684  O O    . VAL A 1 43 ? 0.929   5.173   -2.288  1.00 0.26 ? 211 VAL A O    1 
ATOM 685  C CB   . VAL A 1 43 ? 0.374   2.198   -1.050  1.00 0.29 ? 211 VAL A CB   1 
ATOM 686  C CG1  . VAL A 1 43 ? -0.621  1.129   -0.587  1.00 0.37 ? 211 VAL A CG1  1 
ATOM 687  C CG2  . VAL A 1 43 ? 0.825   1.887   -2.481  1.00 0.34 ? 211 VAL A CG2  1 
ATOM 688  H H    . VAL A 1 43 ? -0.979  3.810   -3.005  1.00 0.24 ? 211 VAL A H    1 
ATOM 689  H HA   . VAL A 1 43 ? -0.797  3.690   -0.061  1.00 0.28 ? 211 VAL A HA   1 
ATOM 690  H HB   . VAL A 1 43 ? 1.228   2.203   -0.394  1.00 0.42 ? 211 VAL A HB   1 
ATOM 691  H HG11 . VAL A 1 43 ? -0.217  0.148   -0.789  1.00 1.11 ? 211 VAL A HG11 1 
ATOM 692  H HG12 . VAL A 1 43 ? -1.554  1.251   -1.119  1.00 1.06 ? 211 VAL A HG12 1 
ATOM 693  H HG13 . VAL A 1 43 ? -0.796  1.234   0.474   1.00 1.01 ? 211 VAL A HG13 1 
ATOM 694  H HG21 . VAL A 1 43 ? 1.267   2.769   -2.922  1.00 0.98 ? 211 VAL A HG21 1 
ATOM 695  H HG22 . VAL A 1 43 ? -0.026  1.582   -3.070  1.00 1.04 ? 211 VAL A HG22 1 
ATOM 696  H HG23 . VAL A 1 43 ? 1.553   1.090   -2.462  1.00 1.06 ? 211 VAL A HG23 1 
ATOM 697  N N    . GLN A 1 44 ? 1.359   5.062   -0.086  1.00 0.22 ? 212 GLN A N    1 
ATOM 698  C CA   . GLN A 1 44 ? 2.363   6.127   -0.127  1.00 0.27 ? 212 GLN A CA   1 
ATOM 699  C C    . GLN A 1 44 ? 3.593   5.738   0.677   1.00 0.24 ? 212 GLN A C    1 
ATOM 700  O O    . GLN A 1 44 ? 3.488   5.263   1.808   1.00 0.24 ? 212 GLN A O    1 
ATOM 701  C CB   . GLN A 1 44 ? 1.772   7.426   0.424   1.00 0.36 ? 212 GLN A CB   1 
ATOM 702  C CG   . GLN A 1 44 ? 2.825   8.534   0.364   1.00 0.48 ? 212 GLN A CG   1 
ATOM 703  C CD   . GLN A 1 44 ? 2.188   9.872   0.720   1.00 0.60 ? 212 GLN A CD   1 
ATOM 704  O OE1  . GLN A 1 44 ? 0.992   9.935   1.002   1.00 0.98 ? 212 GLN A OE1  1 
ATOM 705  N NE2  . GLN A 1 44 ? 2.919   10.952  0.724   1.00 0.89 ? 212 GLN A NE2  1 
ATOM 706  H H    . GLN A 1 44 ? 1.154   4.636   0.772   1.00 0.23 ? 212 GLN A H    1 
ATOM 707  H HA   . GLN A 1 44 ? 2.663   6.294   -1.149  1.00 0.33 ? 212 GLN A HA   1 
ATOM 708  H HB2  . GLN A 1 44 ? 0.917   7.712   -0.171  1.00 0.71 ? 212 GLN A HB2  1 
ATOM 709  H HB3  . GLN A 1 44 ? 1.467   7.278   1.448   1.00 0.69 ? 212 GLN A HB3  1 
ATOM 710  H HG2  . GLN A 1 44 ? 3.616   8.317   1.065   1.00 0.74 ? 212 GLN A HG2  1 
ATOM 711  H HG3  . GLN A 1 44 ? 3.234   8.588   -0.634  1.00 0.77 ? 212 GLN A HG3  1 
ATOM 712  H HE21 . GLN A 1 44 ? 3.871   10.900  0.499   1.00 1.29 ? 212 GLN A HE21 1 
ATOM 713  H HE22 . GLN A 1 44 ? 2.515   11.816  0.951   1.00 0.96 ? 212 GLN A HE22 1 
ATOM 714  N N    . ASP A 1 45 ? 4.762   5.941   0.077   1.00 0.26 ? 213 ASP A N    1 
ATOM 715  C CA   . ASP A 1 45 ? 6.022   5.609   0.731   1.00 0.28 ? 213 ASP A CA   1 
ATOM 716  C C    . ASP A 1 45 ? 6.512   6.781   1.569   1.00 0.28 ? 213 ASP A C    1 
ATOM 717  O O    . ASP A 1 45 ? 6.194   7.937   1.291   1.00 0.29 ? 213 ASP A O    1 
ATOM 718  C CB   . ASP A 1 45 ? 7.077   5.256   -0.319  1.00 0.35 ? 213 ASP A CB   1 
ATOM 719  C CG   . ASP A 1 45 ? 8.286   4.615   0.351   1.00 0.44 ? 213 ASP A CG   1 
ATOM 720  O OD1  . ASP A 1 45 ? 8.128   4.092   1.442   1.00 1.21 ? 213 ASP A OD1  1 
ATOM 721  O OD2  . ASP A 1 45 ? 9.356   4.657   -0.235  1.00 1.15 ? 213 ASP A OD2  1 
ATOM 722  H H    . ASP A 1 45 ? 4.777   6.320   -0.827  1.00 0.29 ? 213 ASP A H    1 
ATOM 723  H HA   . ASP A 1 45 ? 5.874   4.756   1.376   1.00 0.29 ? 213 ASP A HA   1 
ATOM 724  H HB2  . ASP A 1 45 ? 6.653   4.565   -1.033  1.00 0.40 ? 213 ASP A HB2  1 
ATOM 725  H HB3  . ASP A 1 45 ? 7.387   6.154   -0.832  1.00 0.37 ? 213 ASP A HB3  1 
ATOM 726  N N    . LYS A 1 46 ? 7.290   6.470   2.595   1.00 0.31 ? 214 LYS A N    1 
ATOM 727  C CA   . LYS A 1 46 ? 7.828   7.496   3.477   1.00 0.34 ? 214 LYS A CA   1 
ATOM 728  C C    . LYS A 1 46 ? 8.709   8.459   2.686   1.00 0.35 ? 214 LYS A C    1 
ATOM 729  O O    . LYS A 1 46 ? 9.153   9.481   3.209   1.00 0.40 ? 214 LYS A O    1 
ATOM 730  C CB   . LYS A 1 46 ? 8.657   6.842   4.586   1.00 0.40 ? 214 LYS A CB   1 
ATOM 731  C CG   . LYS A 1 46 ? 7.736   6.116   5.579   1.00 0.61 ? 214 LYS A CG   1 
ATOM 732  C CD   . LYS A 1 46 ? 7.035   4.936   4.884   1.00 0.87 ? 214 LYS A CD   1 
ATOM 733  C CE   . LYS A 1 46 ? 6.562   3.919   5.927   1.00 0.67 ? 214 LYS A CE   1 
ATOM 734  N NZ   . LYS A 1 46 ? 5.743   4.608   6.963   1.00 1.69 ? 214 LYS A NZ   1 
ATOM 735  H H    . LYS A 1 46 ? 7.508   5.530   2.763   1.00 0.34 ? 214 LYS A H    1 
ATOM 736  H HA   . LYS A 1 46 ? 7.012   8.044   3.923   1.00 0.34 ? 214 LYS A HA   1 
ATOM 737  H HB2  . LYS A 1 46 ? 9.344   6.133   4.149   1.00 0.49 ? 214 LYS A HB2  1 
ATOM 738  H HB3  . LYS A 1 46 ? 9.215   7.604   5.111   1.00 0.49 ? 214 LYS A HB3  1 
ATOM 739  H HG2  . LYS A 1 46 ? 8.327   5.750   6.407   1.00 1.33 ? 214 LYS A HG2  1 
ATOM 740  H HG3  . LYS A 1 46 ? 6.992   6.807   5.947   1.00 1.42 ? 214 LYS A HG3  1 
ATOM 741  H HD2  . LYS A 1 46 ? 6.180   5.301   4.336   1.00 1.64 ? 214 LYS A HD2  1 
ATOM 742  H HD3  . LYS A 1 46 ? 7.721   4.454   4.203   1.00 1.56 ? 214 LYS A HD3  1 
ATOM 743  H HE2  . LYS A 1 46 ? 5.966   3.160   5.444   1.00 0.92 ? 214 LYS A HE2  1 
ATOM 744  H HE3  . LYS A 1 46 ? 7.421   3.458   6.394   1.00 1.05 ? 214 LYS A HE3  1 
ATOM 745  H HZ1  . LYS A 1 46 ? 4.805   4.831   6.573   1.00 2.24 ? 214 LYS A HZ1  1 
ATOM 746  H HZ2  . LYS A 1 46 ? 6.218   5.488   7.251   1.00 2.30 ? 214 LYS A HZ2  1 
ATOM 747  H HZ3  . LYS A 1 46 ? 5.633   3.986   7.789   1.00 1.96 ? 214 LYS A HZ3  1 
ATOM 748  N N    . ASN A 1 47 ? 8.969   8.113   1.425   1.00 0.38 ? 215 ASN A N    1 
ATOM 749  C CA   . ASN A 1 47 ? 9.811   8.941   0.560   1.00 0.42 ? 215 ASN A CA   1 
ATOM 750  C C    . ASN A 1 47 ? 8.971   9.928   -0.247  1.00 0.43 ? 215 ASN A C    1 
ATOM 751  O O    . ASN A 1 47 ? 9.508   10.728  -1.012  1.00 0.50 ? 215 ASN A O    1 
ATOM 752  C CB   . ASN A 1 47 ? 10.601  8.046   -0.397  1.00 0.46 ? 215 ASN A CB   1 
ATOM 753  C CG   . ASN A 1 47 ? 11.649  7.253   0.375   1.00 0.49 ? 215 ASN A CG   1 
ATOM 754  O OD1  . ASN A 1 47 ? 12.039  7.643   1.474   1.00 1.01 ? 215 ASN A OD1  1 
ATOM 755  N ND2  . ASN A 1 47 ? 12.127  6.152   -0.137  1.00 1.14 ? 215 ASN A ND2  1 
ATOM 756  H H    . ASN A 1 47 ? 8.593   7.280   1.071   1.00 0.41 ? 215 ASN A H    1 
ATOM 757  H HA   . ASN A 1 47 ? 10.511  9.496   1.170   1.00 0.45 ? 215 ASN A HA   1 
ATOM 758  H HB2  . ASN A 1 47 ? 9.925   7.362   -0.888  1.00 0.44 ? 215 ASN A HB2  1 
ATOM 759  H HB3  . ASN A 1 47 ? 11.092  8.660   -1.138  1.00 0.50 ? 215 ASN A HB3  1 
ATOM 760  H HD21 . ASN A 1 47 ? 11.811  5.841   -1.012  1.00 1.83 ? 215 ASN A HD21 1 
ATOM 761  H HD22 . ASN A 1 47 ? 12.800  5.636   0.352   1.00 1.16 ? 215 ASN A HD22 1 
ATOM 762  N N    . GLY A 1 48 ? 7.653   9.874   -0.072  1.00 0.38 ? 216 GLY A N    1 
ATOM 763  C CA   . GLY A 1 48 ? 6.754   10.778  -0.794  1.00 0.41 ? 216 GLY A CA   1 
ATOM 764  C C    . GLY A 1 48 ? 6.308   10.195  -2.136  1.00 0.40 ? 216 GLY A C    1 
ATOM 765  O O    . GLY A 1 48 ? 5.758   10.909  -2.973  1.00 0.45 ? 216 GLY A O    1 
ATOM 766  H H    . GLY A 1 48 ? 7.274   9.217   0.548   1.00 0.34 ? 216 GLY A H    1 
ATOM 767  H HA2  . GLY A 1 48 ? 5.882   10.962  -0.186  1.00 0.41 ? 216 GLY A HA2  1 
ATOM 768  H HA3  . GLY A 1 48 ? 7.260   11.717  -0.973  1.00 0.47 ? 216 GLY A HA3  1 
ATOM 769  N N    . HIS A 1 49 ? 6.528   8.895   -2.333  1.00 0.36 ? 217 HIS A N    1 
ATOM 770  C CA   . HIS A 1 49 ? 6.118   8.238   -3.579  1.00 0.36 ? 217 HIS A CA   1 
ATOM 771  C C    . HIS A 1 49 ? 4.757   7.585   -3.387  1.00 0.31 ? 217 HIS A C    1 
ATOM 772  O O    . HIS A 1 49 ? 4.525   6.914   -2.383  1.00 0.30 ? 217 HIS A O    1 
ATOM 773  C CB   . HIS A 1 49 ? 7.138   7.175   -3.989  1.00 0.39 ? 217 HIS A CB   1 
ATOM 774  C CG   . HIS A 1 49 ? 8.433   7.839   -4.357  1.00 0.50 ? 217 HIS A CG   1 
ATOM 775  N ND1  . HIS A 1 49 ? 8.950   7.788   -5.641  1.00 1.43 ? 217 HIS A ND1  1 
ATOM 776  C CD2  . HIS A 1 49 ? 9.323   8.582   -3.624  1.00 0.91 ? 217 HIS A CD2  1 
ATOM 777  C CE1  . HIS A 1 49 ? 10.101  8.483   -5.642  1.00 1.24 ? 217 HIS A CE1  1 
ATOM 778  N NE2  . HIS A 1 49 ? 10.376  8.989   -4.437  1.00 0.67 ? 217 HIS A NE2  1 
ATOM 779  H H    . HIS A 1 49 ? 6.957   8.366   -1.629  1.00 0.34 ? 217 HIS A H    1 
ATOM 780  H HA   . HIS A 1 49 ? 6.044   8.975   -4.369  1.00 0.43 ? 217 HIS A HA   1 
ATOM 781  H HB2  . HIS A 1 49 ? 7.301   6.493   -3.166  1.00 0.35 ? 217 HIS A HB2  1 
ATOM 782  H HB3  . HIS A 1 49 ? 6.764   6.629   -4.842  1.00 0.43 ? 217 HIS A HB3  1 
ATOM 783  H HD1  . HIS A 1 49 ? 8.551   7.326   -6.407  1.00 2.24 ? 217 HIS A HD1  1 
ATOM 784  H HD2  . HIS A 1 49 ? 9.221   8.815   -2.577  1.00 1.83 ? 217 HIS A HD2  1 
ATOM 785  H HE1  . HIS A 1 49 ? 10.727  8.617   -6.513  1.00 1.91 ? 217 HIS A HE1  1 
ATOM 786  N N    . GLU A 1 50 ? 3.856   7.795   -4.345  1.00 0.35 ? 218 GLU A N    1 
ATOM 787  C CA   . GLU A 1 50 ? 2.505   7.235   -4.263  1.00 0.33 ? 218 GLU A CA   1 
ATOM 788  C C    . GLU A 1 50 ? 2.117   6.538   -5.558  1.00 0.32 ? 218 GLU A C    1 
ATOM 789  O O    . GLU A 1 50 ? 2.574   6.906   -6.639  1.00 0.36 ? 218 GLU A O    1 
ATOM 790  C CB   . GLU A 1 50 ? 1.503   8.355   -3.982  1.00 0.44 ? 218 GLU A CB   1 
ATOM 791  C CG   . GLU A 1 50 ? 1.696   9.472   -5.012  1.00 0.63 ? 218 GLU A CG   1 
ATOM 792  C CD   . GLU A 1 50 ? 0.612   10.531  -4.848  1.00 1.09 ? 218 GLU A CD   1 
ATOM 793  O OE1  . GLU A 1 50 ? -0.313  10.292  -4.088  1.00 1.59 ? 218 GLU A OE1  1 
ATOM 794  O OE2  . GLU A 1 50 ? 0.712   11.559  -5.498  1.00 1.81 ? 218 GLU A OE2  1 
ATOM 795  H H    . GLU A 1 50 ? 4.100   8.350   -5.115  1.00 0.43 ? 218 GLU A H    1 
ATOM 796  H HA   . GLU A 1 50 ? 2.456   6.519   -3.456  1.00 0.30 ? 218 GLU A HA   1 
ATOM 797  H HB2  . GLU A 1 50 ? 0.496   7.965   -4.061  1.00 0.64 ? 218 GLU A HB2  1 
ATOM 798  H HB3  . GLU A 1 50 ? 1.662   8.746   -2.991  1.00 0.61 ? 218 GLU A HB3  1 
ATOM 799  H HG2  . GLU A 1 50 ? 2.665   9.930   -4.857  1.00 0.90 ? 218 GLU A HG2  1 
ATOM 800  H HG3  . GLU A 1 50 ? 1.651   9.061   -6.005  1.00 1.03 ? 218 GLU A HG3  1 
ATOM 801  N N    . GLY A 1 51 ? 1.259   5.535   -5.434  1.00 0.28 ? 219 GLY A N    1 
ATOM 802  C CA   . GLY A 1 51 ? 0.793   4.790   -6.594  1.00 0.29 ? 219 GLY A CA   1 
ATOM 803  C C    . GLY A 1 51 ? -0.157  3.678   -6.171  1.00 0.26 ? 219 GLY A C    1 
ATOM 804  O O    . GLY A 1 51 ? -0.363  3.445   -4.980  1.00 0.26 ? 219 GLY A O    1 
ATOM 805  H H    . GLY A 1 51 ? 0.923   5.295   -4.545  1.00 0.27 ? 219 GLY A H    1 
ATOM 806  H HA2  . GLY A 1 51 ? 0.279   5.465   -7.261  1.00 0.32 ? 219 GLY A HA2  1 
ATOM 807  H HA3  . GLY A 1 51 ? 1.639   4.357   -7.105  1.00 0.30 ? 219 GLY A HA3  1 
ATOM 808  N N    . TYR A 1 52 ? -0.733  2.994   -7.151  1.00 0.27 ? 220 TYR A N    1 
ATOM 809  C CA   . TYR A 1 52 ? -1.659  1.908   -6.864  1.00 0.27 ? 220 TYR A CA   1 
ATOM 810  C C    . TYR A 1 52 ? -0.898  0.664   -6.426  1.00 0.24 ? 220 TYR A C    1 
ATOM 811  O O    . TYR A 1 52 ? 0.258   0.468   -6.800  1.00 0.26 ? 220 TYR A O    1 
ATOM 812  C CB   . TYR A 1 52 ? -2.494  1.570   -8.102  1.00 0.32 ? 220 TYR A CB   1 
ATOM 813  C CG   . TYR A 1 52 ? -3.451  2.705   -8.454  1.00 0.38 ? 220 TYR A CG   1 
ATOM 814  C CD1  . TYR A 1 52 ? -4.374  3.195   -7.508  1.00 1.28 ? 220 TYR A CD1  1 
ATOM 815  C CD2  . TYR A 1 52 ? -3.419  3.265   -9.742  1.00 1.26 ? 220 TYR A CD2  1 
ATOM 816  C CE1  . TYR A 1 52 ? -5.246  4.236   -7.854  1.00 1.30 ? 220 TYR A CE1  1 
ATOM 817  C CE2  . TYR A 1 52 ? -4.293  4.304   -10.081 1.00 1.32 ? 220 TYR A CE2  1 
ATOM 818  C CZ   . TYR A 1 52 ? -5.205  4.790   -9.139  1.00 0.60 ? 220 TYR A CZ   1 
ATOM 819  O OH   . TYR A 1 52 ? -6.065  5.815   -9.477  1.00 0.73 ? 220 TYR A OH   1 
ATOM 820  H H    . TYR A 1 52 ? -0.538  3.221   -8.082  1.00 0.30 ? 220 TYR A H    1 
ATOM 821  H HA   . TYR A 1 52 ? -2.311  2.209   -6.065  1.00 0.29 ? 220 TYR A HA   1 
ATOM 822  H HB2  . TYR A 1 52 ? -1.828  1.395   -8.931  1.00 0.34 ? 220 TYR A HB2  1 
ATOM 823  H HB3  . TYR A 1 52 ? -3.050  0.672   -7.911  1.00 0.35 ? 220 TYR A HB3  1 
ATOM 824  H HD1  . TYR A 1 52 ? -4.420  2.772   -6.518  1.00 2.17 ? 220 TYR A HD1  1 
ATOM 825  H HD2  . TYR A 1 52 ? -2.716  2.894   -10.473 1.00 2.13 ? 220 TYR A HD2  1 
ATOM 826  H HE1  . TYR A 1 52 ? -5.949  4.615   -7.127  1.00 2.17 ? 220 TYR A HE1  1 
ATOM 827  H HE2  . TYR A 1 52 ? -4.265  4.731   -11.073 1.00 2.22 ? 220 TYR A HE2  1 
ATOM 828  H HH   . TYR A 1 52 ? -6.581  6.039   -8.699  1.00 1.33 ? 220 TYR A HH   1 
ATOM 829  N N    . ALA A 1 53 ? -1.553  -0.169  -5.616  1.00 0.23 ? 221 ALA A N    1 
ATOM 830  C CA   . ALA A 1 53 ? -0.928  -1.388  -5.108  1.00 0.23 ? 221 ALA A CA   1 
ATOM 831  C C    . ALA A 1 53 ? -1.968  -2.512  -4.954  1.00 0.23 ? 221 ALA A C    1 
ATOM 832  O O    . ALA A 1 53 ? -2.942  -2.341  -4.219  1.00 0.27 ? 221 ALA A O    1 
ATOM 833  C CB   . ALA A 1 53 ? -0.313  -1.095  -3.739  1.00 0.24 ? 221 ALA A CB   1 
ATOM 834  H H    . ALA A 1 53 ? -2.466  0.056   -5.339  1.00 0.23 ? 221 ALA A H    1 
ATOM 835  H HA   . ALA A 1 53 ? -0.142  -1.690  -5.777  1.00 0.25 ? 221 ALA A HA   1 
ATOM 836  H HB1  . ALA A 1 53 ? 0.600   -0.533  -3.868  1.00 1.06 ? 221 ALA A HB1  1 
ATOM 837  H HB2  . ALA A 1 53 ? -0.100  -2.022  -3.229  1.00 1.02 ? 221 ALA A HB2  1 
ATOM 838  H HB3  . ALA A 1 53 ? -1.011  -0.518  -3.153  1.00 1.04 ? 221 ALA A HB3  1 
ATOM 839  N N    . PRO A 1 54 ? -1.797  -3.656  -5.593  1.00 0.21 ? 222 PRO A N    1 
ATOM 840  C CA   . PRO A 1 54 ? -2.773  -4.771  -5.448  1.00 0.22 ? 222 PRO A CA   1 
ATOM 841  C C    . PRO A 1 54 ? -3.042  -5.070  -3.971  1.00 0.21 ? 222 PRO A C    1 
ATOM 842  O O    . PRO A 1 54 ? -2.114  -5.352  -3.211  1.00 0.20 ? 222 PRO A O    1 
ATOM 843  C CB   . PRO A 1 54 ? -2.093  -5.977  -6.131  1.00 0.22 ? 222 PRO A CB   1 
ATOM 844  C CG   . PRO A 1 54 ? -1.011  -5.415  -7.012  1.00 0.33 ? 222 PRO A CG   1 
ATOM 845  C CD   . PRO A 1 54 ? -0.692  -3.998  -6.506  1.00 0.25 ? 222 PRO A CD   1 
ATOM 846  H HA   . PRO A 1 54 ? -3.694  -4.532  -5.954  1.00 0.24 ? 222 PRO A HA   1 
ATOM 847  H HB2  . PRO A 1 54 ? -1.660  -6.635  -5.386  1.00 0.31 ? 222 PRO A HB2  1 
ATOM 848  H HB3  . PRO A 1 54 ? -2.811  -6.523  -6.728  1.00 0.30 ? 222 PRO A HB3  1 
ATOM 849  H HG2  . PRO A 1 54 ? -0.125  -6.039  -6.954  1.00 0.47 ? 222 PRO A HG2  1 
ATOM 850  H HG3  . PRO A 1 54 ? -1.349  -5.370  -8.036  1.00 0.47 ? 222 PRO A HG3  1 
ATOM 851  H HD2  . PRO A 1 54 ? 0.249   -3.988  -5.973  1.00 0.27 ? 222 PRO A HD2  1 
ATOM 852  H HD3  . PRO A 1 54 ? -0.666  -3.299  -7.329  1.00 0.28 ? 222 PRO A HD3  1 
ATOM 853  N N    . SER A 1 55 ? -4.305  -5.004  -3.569  1.00 0.22 ? 223 SER A N    1 
ATOM 854  C CA   . SER A 1 55 ? -4.648  -5.267  -2.185  1.00 0.23 ? 223 SER A CA   1 
ATOM 855  C C    . SER A 1 55 ? -4.486  -6.748  -1.862  1.00 0.24 ? 223 SER A C    1 
ATOM 856  O O    . SER A 1 55 ? -4.380  -7.136  -0.698  1.00 0.26 ? 223 SER A O    1 
ATOM 857  C CB   . SER A 1 55 ? -6.084  -4.833  -1.902  1.00 0.25 ? 223 SER A CB   1 
ATOM 858  O OG   . SER A 1 55 ? -6.964  -5.543  -2.762  1.00 0.99 ? 223 SER A OG   1 
ATOM 859  H H    . SER A 1 55 ? -5.001  -4.766  -4.216  1.00 0.24 ? 223 SER A H    1 
ATOM 860  H HA   . SER A 1 55 ? -3.986  -4.699  -1.561  1.00 0.22 ? 223 SER A HA   1 
ATOM 861  H HB2  . SER A 1 55 ? -6.333  -5.052  -0.878  1.00 0.71 ? 223 SER A HB2  1 
ATOM 862  H HB3  . SER A 1 55 ? -6.177  -3.768  -2.074  1.00 0.77 ? 223 SER A HB3  1 
ATOM 863  H HG   . SER A 1 55 ? -7.313  -4.924  -3.405  1.00 1.46 ? 223 SER A HG   1 
ATOM 864  N N    . SER A 1 56 ? -4.484  -7.570  -2.904  1.00 0.23 ? 224 SER A N    1 
ATOM 865  C CA   . SER A 1 56 ? -4.358  -9.014  -2.740  1.00 0.25 ? 224 SER A CA   1 
ATOM 866  C C    . SER A 1 56 ? -2.940  -9.422  -2.340  1.00 0.24 ? 224 SER A C    1 
ATOM 867  O O    . SER A 1 56 ? -2.750  -10.423 -1.650  1.00 0.26 ? 224 SER A O    1 
ATOM 868  C CB   . SER A 1 56 ? -4.740  -9.715  -4.044  1.00 0.28 ? 224 SER A CB   1 
ATOM 869  O OG   . SER A 1 56 ? -6.141  -9.596  -4.241  1.00 1.36 ? 224 SER A OG   1 
ATOM 870  H H    . SER A 1 56 ? -4.585  -7.199  -3.806  1.00 0.23 ? 224 SER A H    1 
ATOM 871  H HA   . SER A 1 56 ? -5.040  -9.336  -1.968  1.00 0.26 ? 224 SER A HA   1 
ATOM 872  H HB2  . SER A 1 56 ? -4.223  -9.255  -4.869  1.00 0.99 ? 224 SER A HB2  1 
ATOM 873  H HB3  . SER A 1 56 ? -4.461  -10.760 -3.985  1.00 1.11 ? 224 SER A HB3  1 
ATOM 874  H HG   . SER A 1 56 ? -6.429  -8.780  -3.824  1.00 1.95 ? 224 SER A HG   1 
ATOM 875  N N    . TYR A 1 57 ? -1.944  -8.668  -2.805  1.00 0.22 ? 225 TYR A N    1 
ATOM 876  C CA   . TYR A 1 57 ? -0.543  -8.999  -2.519  1.00 0.21 ? 225 TYR A CA   1 
ATOM 877  C C    . TYR A 1 57 ? -0.056  -8.356  -1.219  1.00 0.20 ? 225 TYR A C    1 
ATOM 878  O O    . TYR A 1 57 ? 1.148   -8.287  -0.969  1.00 0.21 ? 225 TYR A O    1 
ATOM 879  C CB   . TYR A 1 57 ? 0.343   -8.557  -3.692  1.00 0.21 ? 225 TYR A CB   1 
ATOM 880  C CG   . TYR A 1 57 ? 0.150   -9.507  -4.859  1.00 0.23 ? 225 TYR A CG   1 
ATOM 881  C CD1  . TYR A 1 57 ? -1.088  -9.566  -5.516  1.00 1.25 ? 225 TYR A CD1  1 
ATOM 882  C CD2  . TYR A 1 57 ? 1.202   -10.334 -5.280  1.00 1.21 ? 225 TYR A CD2  1 
ATOM 883  C CE1  . TYR A 1 57 ? -1.272  -10.446 -6.588  1.00 1.27 ? 225 TYR A CE1  1 
ATOM 884  C CE2  . TYR A 1 57 ? 1.015   -11.216 -6.353  1.00 1.21 ? 225 TYR A CE2  1 
ATOM 885  C CZ   . TYR A 1 57 ? -0.222  -11.270 -7.007  1.00 0.30 ? 225 TYR A CZ   1 
ATOM 886  O OH   . TYR A 1 57 ? -0.406  -12.139 -8.064  1.00 0.33 ? 225 TYR A OH   1 
ATOM 887  H H    . TYR A 1 57 ? -2.151  -7.901  -3.379  1.00 0.22 ? 225 TYR A H    1 
ATOM 888  H HA   . TYR A 1 57 ? -0.455  -10.072 -2.414  1.00 0.23 ? 225 TYR A HA   1 
ATOM 889  H HB2  . TYR A 1 57 ? 0.072   -7.555  -3.991  1.00 0.21 ? 225 TYR A HB2  1 
ATOM 890  H HB3  . TYR A 1 57 ? 1.379   -8.571  -3.383  1.00 0.21 ? 225 TYR A HB3  1 
ATOM 891  H HD1  . TYR A 1 57 ? -1.901  -8.934  -5.195  1.00 2.17 ? 225 TYR A HD1  1 
ATOM 892  H HD2  . TYR A 1 57 ? 2.157   -10.291 -4.777  1.00 2.13 ? 225 TYR A HD2  1 
ATOM 893  H HE1  . TYR A 1 57 ? -2.226  -10.490 -7.094  1.00 2.19 ? 225 TYR A HE1  1 
ATOM 894  H HE2  . TYR A 1 57 ? 1.825   -11.853 -6.677  1.00 2.12 ? 225 TYR A HE2  1 
ATOM 895  H HH   . TYR A 1 57 ? -0.434  -11.623 -8.871  1.00 1.01 ? 225 TYR A HH   1 
ATOM 896  N N    . LEU A 1 58 ? -0.991  -7.909  -0.382  1.00 0.18 ? 226 LEU A N    1 
ATOM 897  C CA   . LEU A 1 58 ? -0.637  -7.302  0.905   1.00 0.17 ? 226 LEU A CA   1 
ATOM 898  C C    . LEU A 1 58 ? -1.680  -7.659  1.956   1.00 0.18 ? 226 LEU A C    1 
ATOM 899  O O    . LEU A 1 58 ? -2.630  -8.391  1.679   1.00 0.20 ? 226 LEU A O    1 
ATOM 900  C CB   . LEU A 1 58 ? -0.521  -5.772  0.784   1.00 0.16 ? 226 LEU A CB   1 
ATOM 901  C CG   . LEU A 1 58 ? -1.778  -5.164  0.105   1.00 0.16 ? 226 LEU A CG   1 
ATOM 902  C CD1  . LEU A 1 58 ? -2.830  -4.784  1.156   1.00 0.17 ? 226 LEU A CD1  1 
ATOM 903  C CD2  . LEU A 1 58 ? -1.383  -3.890  -0.657  1.00 0.16 ? 226 LEU A CD2  1 
ATOM 904  H H    . LEU A 1 58 ? -1.935  -8.006  -0.622  1.00 0.19 ? 226 LEU A H    1 
ATOM 905  H HA   . LEU A 1 58 ? 0.319   -7.694  1.228   1.00 0.17 ? 226 LEU A HA   1 
ATOM 906  H HB2  . LEU A 1 58 ? -0.403  -5.348  1.772   1.00 0.16 ? 226 LEU A HB2  1 
ATOM 907  H HB3  . LEU A 1 58 ? 0.356   -5.537  0.195   1.00 0.16 ? 226 LEU A HB3  1 
ATOM 908  H HG   . LEU A 1 58 ? -2.203  -5.876  -0.586  1.00 0.17 ? 226 LEU A HG   1 
ATOM 909  H HD11 . LEU A 1 58 ? -3.025  -5.607  1.813   1.00 1.07 ? 226 LEU A HD11 1 
ATOM 910  H HD12 . LEU A 1 58 ? -3.744  -4.507  0.664   1.00 1.00 ? 226 LEU A HD12 1 
ATOM 911  H HD13 . LEU A 1 58 ? -2.467  -3.949  1.726   1.00 1.01 ? 226 LEU A HD13 1 
ATOM 912  H HD21 . LEU A 1 58 ? -0.890  -4.159  -1.577  1.00 1.03 ? 226 LEU A HD21 1 
ATOM 913  H HD22 . LEU A 1 58 ? -0.712  -3.303  -0.049  1.00 0.96 ? 226 LEU A HD22 1 
ATOM 914  H HD23 . LEU A 1 58 ? -2.265  -3.306  -0.879  1.00 1.03 ? 226 LEU A HD23 1 
ATOM 915  N N    . VAL A 1 59 ? -1.508  -7.117  3.160   1.00 0.17 ? 227 VAL A N    1 
ATOM 916  C CA   . VAL A 1 59 ? -2.452  -7.361  4.254   1.00 0.19 ? 227 VAL A CA   1 
ATOM 917  C C    . VAL A 1 59 ? -2.490  -6.146  5.186   1.00 0.17 ? 227 VAL A C    1 
ATOM 918  O O    . VAL A 1 59 ? -1.498  -5.430  5.329   1.00 0.19 ? 227 VAL A O    1 
ATOM 919  C CB   . VAL A 1 59 ? -2.068  -8.648  5.037   1.00 0.23 ? 227 VAL A CB   1 
ATOM 920  C CG1  . VAL A 1 59 ? -3.089  -9.763  4.775   1.00 1.15 ? 227 VAL A CG1  1 
ATOM 921  C CG2  . VAL A 1 59 ? -0.696  -9.143  4.576   1.00 1.21 ? 227 VAL A CG2  1 
ATOM 922  H H    . VAL A 1 59 ? -0.739  -6.529  3.314   1.00 0.16 ? 227 VAL A H    1 
ATOM 923  H HA   . VAL A 1 59 ? -3.441  -7.481  3.830   1.00 0.22 ? 227 VAL A HA   1 
ATOM 924  H HB   . VAL A 1 59 ? -2.035  -8.444  6.099   1.00 0.81 ? 227 VAL A HB   1 
ATOM 925  H HG11 . VAL A 1 59 ? -4.045  -9.479  5.190   1.00 1.73 ? 227 VAL A HG11 1 
ATOM 926  H HG12 . VAL A 1 59 ? -2.750  -10.676 5.241   1.00 1.69 ? 227 VAL A HG12 1 
ATOM 927  H HG13 . VAL A 1 59 ? -3.189  -9.916  3.711   1.00 1.77 ? 227 VAL A HG13 1 
ATOM 928  H HG21 . VAL A 1 59 ? -0.362  -9.935  5.229   1.00 1.89 ? 227 VAL A HG21 1 
ATOM 929  H HG22 . VAL A 1 59 ? 0.011   -8.328  4.604   1.00 1.75 ? 227 VAL A HG22 1 
ATOM 930  H HG23 . VAL A 1 59 ? -0.772  -9.519  3.565   1.00 1.70 ? 227 VAL A HG23 1 
ATOM 931  N N    . GLU A 1 60 ? -3.643  -5.918  5.809   1.00 0.23 ? 228 GLU A N    1 
ATOM 932  C CA   . GLU A 1 60 ? -3.803  -4.783  6.714   1.00 0.23 ? 228 GLU A CA   1 
ATOM 933  C C    . GLU A 1 60 ? -2.992  -4.961  7.989   1.00 0.26 ? 228 GLU A C    1 
ATOM 934  O O    . GLU A 1 60 ? -3.160  -5.943  8.711   1.00 0.51 ? 228 GLU A O    1 
ATOM 935  C CB   . GLU A 1 60 ? -5.270  -4.616  7.104   1.00 0.44 ? 228 GLU A CB   1 
ATOM 936  C CG   . GLU A 1 60 ? -6.075  -4.183  5.888   1.00 0.38 ? 228 GLU A CG   1 
ATOM 937  C CD   . GLU A 1 60 ? -7.544  -4.038  6.267   1.00 0.63 ? 228 GLU A CD   1 
ATOM 938  O OE1  . GLU A 1 60 ? -7.856  -4.228  7.430   1.00 1.24 ? 228 GLU A OE1  1 
ATOM 939  O OE2  . GLU A 1 60 ? -8.335  -3.734  5.388   1.00 1.42 ? 228 GLU A OE2  1 
ATOM 940  H H    . GLU A 1 60 ? -4.402  -6.517  5.651   1.00 0.31 ? 228 GLU A H    1 
ATOM 941  H HA   . GLU A 1 60 ? -3.474  -3.886  6.213   1.00 0.25 ? 228 GLU A HA   1 
ATOM 942  H HB2  . GLU A 1 60 ? -5.652  -5.555  7.474   1.00 0.80 ? 228 GLU A HB2  1 
ATOM 943  H HB3  . GLU A 1 60 ? -5.355  -3.864  7.874   1.00 0.68 ? 228 GLU A HB3  1 
ATOM 944  H HG2  . GLU A 1 60 ? -5.697  -3.237  5.530   1.00 0.62 ? 228 GLU A HG2  1 
ATOM 945  H HG3  . GLU A 1 60 ? -5.976  -4.929  5.114   1.00 0.57 ? 228 GLU A HG3  1 
ATOM 946  N N    . LYS A 1 61 ? -2.141  -3.987  8.278   1.00 0.28 ? 229 LYS A N    1 
ATOM 947  C CA   . LYS A 1 61 ? -1.340  -4.026  9.492   1.00 0.43 ? 229 LYS A CA   1 
ATOM 948  C C    . LYS A 1 61 ? -2.189  -3.544  10.661  1.00 0.57 ? 229 LYS A C    1 
ATOM 949  O O    . LYS A 1 61 ? -2.116  -4.087  11.762  1.00 0.89 ? 229 LYS A O    1 
ATOM 950  C CB   . LYS A 1 61 ? -0.113  -3.132  9.333   1.00 0.53 ? 229 LYS A CB   1 
ATOM 951  C CG   . LYS A 1 61 ? 0.831   -3.320  10.524  1.00 0.72 ? 229 LYS A CG   1 
ATOM 952  C CD   . LYS A 1 61 ? 2.119   -2.531  10.276  1.00 0.90 ? 229 LYS A CD   1 
ATOM 953  C CE   . LYS A 1 61 ? 3.088   -2.735  11.443  1.00 1.10 ? 229 LYS A CE   1 
ATOM 954  N NZ   . LYS A 1 61 ? 4.375   -2.047  11.138  1.00 1.48 ? 229 LYS A NZ   1 
ATOM 955  H H    . LYS A 1 61 ? -2.070  -3.215  7.678   1.00 0.39 ? 229 LYS A H    1 
ATOM 956  H HA   . LYS A 1 61 ? -1.020  -5.039  9.678   1.00 0.48 ? 229 LYS A HA   1 
ATOM 957  H HB2  . LYS A 1 61 ? 0.404   -3.387  8.420   1.00 0.55 ? 229 LYS A HB2  1 
ATOM 958  H HB3  . LYS A 1 61 ? -0.430  -2.106  9.290   1.00 0.54 ? 229 LYS A HB3  1 
ATOM 959  H HG2  . LYS A 1 61 ? 0.352   -2.957  11.422  1.00 0.78 ? 229 LYS A HG2  1 
ATOM 960  H HG3  . LYS A 1 61 ? 1.066   -4.367  10.637  1.00 0.73 ? 229 LYS A HG3  1 
ATOM 961  H HD2  . LYS A 1 61 ? 2.582   -2.876  9.362   1.00 0.90 ? 229 LYS A HD2  1 
ATOM 962  H HD3  . LYS A 1 61 ? 1.886   -1.481  10.186  1.00 0.91 ? 229 LYS A HD3  1 
ATOM 963  H HE2  . LYS A 1 61 ? 2.662   -2.318  12.344  1.00 1.39 ? 229 LYS A HE2  1 
ATOM 964  H HE3  . LYS A 1 61 ? 3.267   -3.790  11.584  1.00 1.22 ? 229 LYS A HE3  1 
ATOM 965  H HZ1  . LYS A 1 61 ? 4.629   -2.213  10.143  1.00 1.93 ? 229 LYS A HZ1  1 
ATOM 966  H HZ2  . LYS A 1 61 ? 5.125   -2.425  11.754  1.00 1.93 ? 229 LYS A HZ2  1 
ATOM 967  H HZ3  . LYS A 1 61 ? 4.272   -1.026  11.301  1.00 1.74 ? 229 LYS A HZ3  1 
ATOM 968  N N    . SER A 1 62 ? -3.006  -2.523  10.394  1.00 0.48 ? 230 SER A N    1 
ATOM 969  C CA   . SER A 1 62 ? -3.893  -1.955  11.407  1.00 0.61 ? 230 SER A CA   1 
ATOM 970  C C    . SER A 1 62 ? -3.128  -1.678  12.711  1.00 0.92 ? 230 SER A C    1 
ATOM 971  O O    . SER A 1 62 ? -2.799  -2.618  13.433  1.00 1.46 ? 230 SER A O    1 
ATOM 972  C CB   . SER A 1 62 ? -5.039  -2.929  11.689  1.00 0.94 ? 230 SER A CB   1 
ATOM 973  O OG   . SER A 1 62 ? -6.066  -2.253  12.404  1.00 1.46 ? 230 SER A OG   1 
ATOM 974  H H    . SER A 1 62 ? -3.018  -2.147  9.489   1.00 0.49 ? 230 SER A H    1 
ATOM 975  H HA   . SER A 1 62 ? -4.311  -1.045  11.019  1.00 0.63 ? 230 SER A HA   1 
ATOM 976  H HB2  . SER A 1 62 ? -5.439  -3.297  10.760  1.00 1.49 ? 230 SER A HB2  1 
ATOM 977  H HB3  . SER A 1 62 ? -4.667  -3.761  12.273  1.00 1.38 ? 230 SER A HB3  1 
ATOM 978  H HG   . SER A 1 62 ? -6.875  -2.310  11.889  1.00 1.99 ? 230 SER A HG   1 
ATOM 979  N N    . PRO A 1 63 ? -2.826  -0.438  13.053  1.00 1.23 ? 231 PRO A N    1 
ATOM 980  C CA   . PRO A 1 63 ? -2.079  -0.162  14.314  1.00 1.63 ? 231 PRO A CA   1 
ATOM 981  C C    . PRO A 1 63 ? -2.933  -0.510  15.538  1.00 1.82 ? 231 PRO A C    1 
ATOM 982  O O    . PRO A 1 63 ? -4.140  -0.266  15.543  1.00 2.13 ? 231 PRO A O    1 
ATOM 983  C CB   . PRO A 1 63 ? -1.736  1.337   14.227  1.00 2.31 ? 231 PRO A CB   1 
ATOM 984  C CG   . PRO A 1 63 ? -2.741  1.929   13.286  1.00 2.68 ? 231 PRO A CG   1 
ATOM 985  C CD   . PRO A 1 63 ? -3.153  0.810   12.321  1.00 1.82 ? 231 PRO A CD   1 
ATOM 986  H HA   . PRO A 1 63 ? -1.168  -0.742  14.332  1.00 1.87 ? 231 PRO A HA   1 
ATOM 987  H HB2  . PRO A 1 63 ? -1.809  1.799   15.202  1.00 2.54 ? 231 PRO A HB2  1 
ATOM 988  H HB3  . PRO A 1 63 ? -0.739  1.467   13.828  1.00 2.69 ? 231 PRO A HB3  1 
ATOM 989  H HG2  . PRO A 1 63 ? -3.603  2.284   13.839  1.00 3.19 ? 231 PRO A HG2  1 
ATOM 990  H HG3  . PRO A 1 63 ? -2.301  2.745   12.729  1.00 3.31 ? 231 PRO A HG3  1 
ATOM 991  H HD2  . PRO A 1 63 ? -4.215  0.876   12.119  1.00 1.92 ? 231 PRO A HD2  1 
ATOM 992  H HD3  . PRO A 1 63 ? -2.588  0.865   11.402  1.00 1.98 ? 231 PRO A HD3  1 
ATOM 993  N N    . ASN A 1 64 ? -2.319  -1.103  16.564  1.00 2.16 ? 232 ASN A N    1 
ATOM 994  C CA   . ASN A 1 64 ? -3.076  -1.487  17.754  1.00 2.77 ? 232 ASN A CA   1 
ATOM 995  C C    . ASN A 1 64 ? -3.514  -0.258  18.540  1.00 3.23 ? 232 ASN A C    1 
ATOM 996  O O    . ASN A 1 64 ? -4.582  0.253   18.248  1.00 3.65 ? 232 ASN A O    1 
ATOM 997  C CB   . ASN A 1 64 ? -2.259  -2.418  18.662  1.00 3.24 ? 232 ASN A CB   1 
ATOM 998  C CG   . ASN A 1 64 ? -0.960  -1.747  19.095  1.00 3.88 ? 232 ASN A CG   1 
ATOM 999  O OD1  . ASN A 1 64 ? -0.521  -0.785  18.468  1.00 4.31 ? 232 ASN A OD1  1 
ATOM 1000 N ND2  . ASN A 1 64 ? -0.317  -2.197  20.142  1.00 4.41 ? 232 ASN A ND2  1 
ATOM 1001 O OXT  . ASN A 1 64 ? -2.779  0.153   19.421  1.00 3.76 ? 232 ASN A OXT  1 
ATOM 1002 H H    . ASN A 1 64 ? -1.359  -1.295  16.514  1.00 2.25 ? 232 ASN A H    1 
ATOM 1003 H HA   . ASN A 1 64 ? -3.959  -2.019  17.432  1.00 3.26 ? 232 ASN A HA   1 
ATOM 1004 H HB2  . ASN A 1 64 ? -2.844  -2.656  19.539  1.00 3.59 ? 232 ASN A HB2  1 
ATOM 1005 H HB3  . ASN A 1 64 ? -2.031  -3.329  18.127  1.00 3.45 ? 232 ASN A HB3  1 
ATOM 1006 H HD21 . ASN A 1 64 ? -0.670  -2.960  20.646  1.00 4.41 ? 232 ASN A HD21 1 
ATOM 1007 H HD22 . ASN A 1 64 ? 0.523   -1.774  20.420  1.00 5.04 ? 232 ASN A HD22 1 
# 
